data_8HSA
#
_entry.id   8HSA
#
_cell.length_a   67.931
_cell.length_b   108.647
_cell.length_c   130.883
_cell.angle_alpha   90.00
_cell.angle_beta   96.61
_cell.angle_gamma   90.00
#
_symmetry.space_group_name_H-M   'P 1 21 1'
#
loop_
_entity.id
_entity.type
_entity.pdbx_description
1 polymer '7-alpha-hydroxysteroid dehydrogenase'
2 non-polymer NICOTINAMIDE-ADENINE-DINUCLEOTIDE
#
_entity_poly.entity_id   1
_entity_poly.type   'polypeptide(L)'
_entity_poly.pdbx_seq_one_letter_code
;SPFHLNDAVAIVTGAAAGIGRAIAGTFAKAGASVVVTDLKSEGAEAVAAAIRQAGGKAIGLECNVTDEQHREAVIKAALD
QFGKITVLVNNAGGGGPKPFDMPMSDFEWAFKLNLFSLFRLSQLAAPHMQKAGGGAILNISSIAGENTNVRMASYGSSKA
AVNHLTRNIAFDVGPMGIRVNAIAPGAMKTDALATVLTPEIERAMLKHTPLGRLGEAQDIANAALFLCSPAAAWISGQVL
TVSGGGVQ
;
_entity_poly.pdbx_strand_id   G,A,B,C,D,E,F,H
#
loop_
_chem_comp.id
_chem_comp.type
_chem_comp.name
_chem_comp.formula
NAD non-polymer NICOTINAMIDE-ADENINE-DINUCLEOTIDE 'C21 H27 N7 O14 P2'
#
# COMPACT_ATOMS: atom_id res chain seq x y z
N SER A 1 -38.47 4.72 -7.33
CA SER A 1 -37.02 4.53 -7.44
C SER A 1 -36.46 5.19 -8.67
N PRO A 2 -35.50 6.10 -8.46
CA PRO A 2 -35.00 6.97 -9.53
C PRO A 2 -33.81 6.41 -10.31
N PHE A 3 -33.34 5.20 -10.00
CA PHE A 3 -32.17 4.62 -10.66
C PHE A 3 -32.60 3.78 -11.87
N HIS A 4 -33.09 4.48 -12.89
CA HIS A 4 -33.61 3.85 -14.09
C HIS A 4 -33.29 4.76 -15.27
N LEU A 5 -33.57 4.25 -16.45
CA LEU A 5 -33.43 5.03 -17.68
C LEU A 5 -34.60 4.68 -18.60
N ASN A 6 -35.81 4.73 -18.06
CA ASN A 6 -37.00 4.43 -18.86
C ASN A 6 -37.14 5.39 -20.03
N ASP A 7 -37.44 4.83 -21.17
CA ASP A 7 -37.67 5.64 -22.33
C ASP A 7 -36.49 6.52 -22.54
N ALA A 8 -35.35 5.90 -22.62
CA ALA A 8 -34.18 6.66 -22.87
C ALA A 8 -33.41 6.03 -23.98
N VAL A 9 -32.68 6.87 -24.71
CA VAL A 9 -31.80 6.36 -25.75
C VAL A 9 -30.39 6.78 -25.38
N ALA A 10 -29.49 5.80 -25.27
CA ALA A 10 -28.14 6.05 -24.81
C ALA A 10 -27.14 5.58 -25.85
N ILE A 11 -26.34 6.48 -26.34
CA ILE A 11 -25.13 6.06 -27.04
C ILE A 11 -24.07 5.77 -25.99
N VAL A 12 -23.34 4.67 -26.15
CA VAL A 12 -22.16 4.39 -25.35
C VAL A 12 -21.03 4.05 -26.30
N THR A 13 -20.01 4.91 -26.36
CA THR A 13 -18.91 4.66 -27.27
C THR A 13 -17.83 3.82 -26.58
N GLY A 14 -17.33 2.82 -27.30
CA GLY A 14 -16.26 2.00 -26.76
C GLY A 14 -16.72 0.85 -25.91
N ALA A 15 -17.88 0.30 -26.21
CA ALA A 15 -18.58 -0.60 -25.29
C ALA A 15 -18.54 -2.06 -25.70
N ALA A 16 -17.40 -2.57 -26.22
CA ALA A 16 -17.37 -3.97 -26.63
C ALA A 16 -16.93 -4.92 -25.52
N ALA A 17 -15.93 -4.55 -24.72
CA ALA A 17 -15.69 -5.20 -23.43
C ALA A 17 -15.32 -4.12 -22.42
N GLY A 18 -15.09 -4.56 -21.18
CA GLY A 18 -14.74 -3.72 -20.05
C GLY A 18 -15.83 -2.79 -19.55
N ILE A 19 -15.42 -1.55 -19.27
CA ILE A 19 -16.36 -0.56 -18.71
C ILE A 19 -17.47 -0.24 -19.70
N GLY A 20 -17.11 0.09 -20.95
CA GLY A 20 -18.09 0.32 -21.98
C GLY A 20 -19.12 -0.78 -22.05
N ARG A 21 -18.66 -2.02 -22.29
CA ARG A 21 -19.55 -3.19 -22.29
C ARG A 21 -20.41 -3.22 -21.05
N ALA A 22 -19.84 -2.81 -19.91
CA ALA A 22 -20.58 -2.81 -18.65
C ALA A 22 -21.63 -1.70 -18.61
N ILE A 23 -21.23 -0.47 -18.93
CA ILE A 23 -22.20 0.61 -18.93
C ILE A 23 -23.33 0.29 -19.87
N ALA A 24 -23.02 -0.37 -20.99
CA ALA A 24 -24.05 -0.69 -21.97
C ALA A 24 -25.07 -1.66 -21.39
N GLY A 25 -24.60 -2.82 -20.94
CA GLY A 25 -25.49 -3.75 -20.26
C GLY A 25 -26.26 -3.13 -19.13
N THR A 26 -25.61 -2.30 -18.31
CA THR A 26 -26.32 -1.78 -17.15
C THR A 26 -27.39 -0.78 -17.59
N PHE A 27 -27.09 0.04 -18.58
CA PHE A 27 -28.10 1.00 -19.03
C PHE A 27 -29.25 0.28 -19.70
N ALA A 28 -28.94 -0.79 -20.44
CA ALA A 28 -29.96 -1.55 -21.16
C ALA A 28 -30.91 -2.26 -20.20
N LYS A 29 -30.35 -2.79 -19.10
CA LYS A 29 -31.15 -3.33 -18.00
C LYS A 29 -31.91 -2.24 -17.25
N ALA A 30 -31.36 -1.02 -17.21
CA ALA A 30 -32.06 0.11 -16.61
C ALA A 30 -33.27 0.55 -17.42
N GLY A 31 -33.32 0.18 -18.70
CA GLY A 31 -34.49 0.43 -19.51
C GLY A 31 -34.24 1.31 -20.72
N ALA A 32 -32.98 1.48 -21.07
CA ALA A 32 -32.61 2.44 -22.10
C ALA A 32 -32.33 1.71 -23.42
N SER A 33 -32.94 2.19 -24.50
CA SER A 33 -32.59 1.64 -25.81
C SER A 33 -31.17 2.07 -26.15
N VAL A 34 -30.22 1.16 -25.98
CA VAL A 34 -28.79 1.42 -26.10
C VAL A 34 -28.32 1.30 -27.53
N VAL A 35 -27.60 2.31 -28.00
CA VAL A 35 -26.89 2.22 -29.26
C VAL A 35 -25.48 1.80 -28.85
N VAL A 36 -25.25 0.49 -28.85
CA VAL A 36 -23.91 0.01 -28.60
C VAL A 36 -23.03 0.30 -29.81
N THR A 37 -21.74 0.50 -29.55
CA THR A 37 -20.85 1.20 -30.44
C THR A 37 -19.40 1.01 -30.03
N ASP A 38 -18.56 0.60 -30.98
CA ASP A 38 -17.15 0.39 -30.68
C ASP A 38 -16.39 0.52 -31.99
N LEU A 39 -15.06 0.50 -31.90
CA LEU A 39 -14.28 0.44 -33.14
C LEU A 39 -14.33 -0.95 -33.76
N LYS A 40 -14.46 -1.98 -32.92
CA LYS A 40 -14.50 -3.37 -33.38
C LYS A 40 -15.98 -3.79 -33.43
N SER A 41 -16.57 -3.60 -34.61
CA SER A 41 -18.01 -3.64 -34.78
C SER A 41 -18.63 -4.99 -34.46
N GLU A 42 -17.84 -6.05 -34.30
CA GLU A 42 -18.42 -7.38 -34.05
C GLU A 42 -18.70 -7.60 -32.57
N GLY A 43 -17.71 -7.34 -31.70
CA GLY A 43 -17.97 -7.33 -30.27
C GLY A 43 -19.04 -6.31 -29.90
N ALA A 44 -19.02 -5.15 -30.58
CA ALA A 44 -20.09 -4.18 -30.46
C ALA A 44 -21.43 -4.80 -30.85
N GLU A 45 -21.46 -5.59 -31.92
CA GLU A 45 -22.67 -6.32 -32.28
C GLU A 45 -23.03 -7.34 -31.22
N ALA A 46 -22.02 -7.98 -30.60
CA ALA A 46 -22.28 -9.01 -29.59
C ALA A 46 -22.86 -8.41 -28.31
N VAL A 47 -22.26 -7.33 -27.80
CA VAL A 47 -22.81 -6.65 -26.62
C VAL A 47 -24.26 -6.26 -26.85
N ALA A 48 -24.53 -5.62 -28.00
CA ALA A 48 -25.88 -5.31 -28.43
C ALA A 48 -26.70 -6.57 -28.70
N ALA A 49 -26.07 -7.61 -29.25
CA ALA A 49 -26.75 -8.90 -29.36
C ALA A 49 -27.08 -9.43 -27.97
N ALA A 50 -26.11 -9.41 -27.06
CA ALA A 50 -26.34 -9.93 -25.72
C ALA A 50 -27.51 -9.22 -25.05
N ILE A 51 -27.51 -7.89 -25.08
CA ILE A 51 -28.60 -7.12 -24.49
C ILE A 51 -29.94 -7.55 -25.08
N ARG A 52 -29.97 -7.82 -26.38
CA ARG A 52 -31.20 -8.33 -27.00
C ARG A 52 -31.60 -9.68 -26.39
N GLN A 53 -30.67 -10.58 -26.19
CA GLN A 53 -31.01 -11.83 -25.54
C GLN A 53 -31.78 -11.59 -24.25
N ALA A 54 -31.20 -10.83 -23.34
CA ALA A 54 -31.84 -10.54 -22.05
C ALA A 54 -33.11 -9.74 -22.07
N GLY A 55 -33.66 -9.48 -23.24
CA GLY A 55 -34.91 -8.77 -23.33
C GLY A 55 -34.72 -7.30 -23.47
N GLY A 56 -33.49 -6.90 -23.79
CA GLY A 56 -33.20 -5.48 -23.90
C GLY A 56 -33.28 -4.98 -25.32
N LYS A 57 -33.21 -3.66 -25.46
CA LYS A 57 -33.30 -2.96 -26.74
C LYS A 57 -31.95 -2.33 -27.11
N ALA A 58 -31.35 -2.79 -28.21
CA ALA A 58 -30.01 -2.36 -28.58
C ALA A 58 -29.73 -2.69 -30.04
N ILE A 59 -28.94 -1.82 -30.67
CA ILE A 59 -28.29 -2.06 -31.95
C ILE A 59 -26.79 -1.82 -31.79
N GLY A 60 -25.96 -2.65 -32.43
CA GLY A 60 -24.51 -2.57 -32.28
C GLY A 60 -23.86 -2.03 -33.55
N LEU A 61 -23.01 -1.01 -33.39
CA LEU A 61 -22.45 -0.25 -34.49
C LEU A 61 -20.94 -0.10 -34.39
N GLU A 62 -20.34 0.20 -35.54
CA GLU A 62 -18.93 0.53 -35.63
C GLU A 62 -18.77 2.03 -35.47
N CYS A 63 -17.81 2.46 -34.65
CA CYS A 63 -17.51 3.89 -34.53
C CYS A 63 -16.16 4.10 -33.86
N ASN A 64 -15.15 4.39 -34.67
CA ASN A 64 -13.92 4.98 -34.21
C ASN A 64 -14.23 6.43 -33.88
N VAL A 65 -14.45 6.71 -32.59
CA VAL A 65 -14.83 8.06 -32.16
C VAL A 65 -13.92 9.11 -32.79
N THR A 66 -12.68 8.73 -33.08
CA THR A 66 -11.76 9.64 -33.73
C THR A 66 -12.17 9.93 -35.18
N ASP A 67 -13.09 9.15 -35.75
CA ASP A 67 -13.56 9.33 -37.12
C ASP A 67 -14.84 10.18 -37.13
N GLU A 68 -14.68 11.48 -37.40
CA GLU A 68 -15.81 12.38 -37.55
C GLU A 68 -16.97 11.72 -38.30
N GLN A 69 -16.68 11.12 -39.44
CA GLN A 69 -17.72 10.46 -40.23
C GLN A 69 -18.47 9.44 -39.38
N HIS A 70 -17.72 8.65 -38.62
CA HIS A 70 -18.35 7.63 -37.81
C HIS A 70 -19.24 8.25 -36.75
N ARG A 71 -18.79 9.32 -36.14
CA ARG A 71 -19.60 10.01 -35.15
C ARG A 71 -20.95 10.41 -35.75
N GLU A 72 -20.92 11.12 -36.88
CA GLU A 72 -22.17 11.60 -37.47
C GLU A 72 -23.06 10.44 -37.88
N ALA A 73 -22.46 9.30 -38.24
CA ALA A 73 -23.25 8.11 -38.55
C ALA A 73 -23.96 7.59 -37.31
N VAL A 74 -23.20 7.36 -36.24
CA VAL A 74 -23.76 6.85 -34.99
C VAL A 74 -24.91 7.74 -34.53
N ILE A 75 -24.64 9.05 -34.41
CA ILE A 75 -25.69 10.03 -34.12
C ILE A 75 -26.90 9.86 -35.04
N LYS A 76 -26.67 9.77 -36.36
CA LYS A 76 -27.80 9.56 -37.28
C LYS A 76 -28.43 8.19 -37.06
N ALA A 77 -27.61 7.19 -36.74
CA ALA A 77 -28.16 5.84 -36.59
C ALA A 77 -29.09 5.78 -35.39
N ALA A 78 -28.68 6.38 -34.27
CA ALA A 78 -29.50 6.40 -33.06
C ALA A 78 -30.87 6.98 -33.36
N LEU A 79 -30.90 8.16 -33.97
CA LEU A 79 -32.20 8.76 -34.24
C LEU A 79 -33.02 7.87 -35.17
N ASP A 80 -32.39 7.28 -36.18
CA ASP A 80 -33.10 6.44 -37.14
C ASP A 80 -33.58 5.14 -36.53
N GLN A 81 -33.03 4.74 -35.39
CA GLN A 81 -33.38 3.47 -34.80
C GLN A 81 -34.27 3.60 -33.59
N PHE A 82 -34.16 4.71 -32.84
CA PHE A 82 -34.94 4.92 -31.62
C PHE A 82 -35.65 6.26 -31.55
N GLY A 83 -35.36 7.19 -32.44
CA GLY A 83 -36.12 8.40 -32.56
C GLY A 83 -35.55 9.59 -31.83
N LYS A 84 -34.64 9.32 -30.93
CA LYS A 84 -34.07 10.35 -30.13
C LYS A 84 -32.74 10.03 -29.53
N ILE A 85 -32.12 11.03 -28.91
CA ILE A 85 -30.87 10.83 -28.19
C ILE A 85 -31.05 11.58 -26.88
N THR A 86 -30.96 10.87 -25.75
CA THR A 86 -31.07 11.51 -24.46
C THR A 86 -29.87 11.29 -23.57
N VAL A 87 -29.04 10.28 -23.83
CA VAL A 87 -27.88 9.96 -23.00
C VAL A 87 -26.71 9.56 -23.88
N LEU A 88 -25.54 10.08 -23.58
CA LEU A 88 -24.31 9.75 -24.29
C LEU A 88 -23.23 9.45 -23.27
N VAL A 89 -22.68 8.23 -23.29
CA VAL A 89 -21.56 7.88 -22.41
C VAL A 89 -20.28 7.82 -23.24
N ASN A 90 -19.50 8.88 -23.18
CA ASN A 90 -18.21 8.92 -23.86
C ASN A 90 -17.17 8.06 -23.17
N ASN A 91 -17.28 6.73 -23.23
CA ASN A 91 -16.34 5.87 -22.51
C ASN A 91 -15.12 5.49 -23.32
N ALA A 92 -15.23 5.40 -24.64
CA ALA A 92 -14.08 5.15 -25.52
C ALA A 92 -12.94 6.13 -25.26
N GLY A 93 -11.73 5.61 -25.27
CA GLY A 93 -10.56 6.38 -24.91
C GLY A 93 -9.49 5.44 -24.39
N GLY A 94 -8.48 6.01 -23.76
CA GLY A 94 -7.49 5.17 -23.09
C GLY A 94 -6.25 5.97 -22.75
N GLY A 95 -5.17 5.26 -22.54
CA GLY A 95 -3.90 5.89 -22.29
C GLY A 95 -3.04 5.01 -21.42
N GLY A 96 -1.85 5.49 -21.16
CA GLY A 96 -0.87 4.76 -20.39
C GLY A 96 0.39 5.57 -20.19
N PRO A 97 1.39 4.93 -19.58
CA PRO A 97 2.67 5.59 -19.33
C PRO A 97 3.43 5.85 -20.64
N LYS A 98 4.10 7.00 -20.70
CA LYS A 98 4.94 7.35 -21.83
C LYS A 98 6.09 8.16 -21.28
N PRO A 99 7.23 8.19 -21.96
CA PRO A 99 8.34 9.01 -21.47
C PRO A 99 8.14 10.47 -21.82
N PHE A 100 8.93 11.30 -21.14
CA PHE A 100 8.86 12.74 -21.33
C PHE A 100 9.31 13.12 -22.73
N ASP A 101 10.23 12.34 -23.30
CA ASP A 101 10.70 12.45 -24.68
C ASP A 101 9.89 11.59 -25.65
N MET A 102 8.61 11.37 -25.34
CA MET A 102 7.75 10.58 -26.19
C MET A 102 7.59 11.25 -27.54
N PRO A 103 7.22 10.45 -28.53
CA PRO A 103 7.01 11.14 -29.78
C PRO A 103 5.68 11.83 -29.71
N MET A 104 5.59 12.96 -30.37
CA MET A 104 4.35 13.70 -30.31
C MET A 104 3.17 12.98 -30.94
N SER A 105 3.36 12.24 -32.02
CA SER A 105 2.19 11.53 -32.53
C SER A 105 1.47 10.82 -31.40
N ASP A 106 2.23 10.13 -30.54
CA ASP A 106 1.65 9.54 -29.34
C ASP A 106 0.92 10.58 -28.53
N PHE A 107 1.52 11.76 -28.36
CA PHE A 107 0.97 12.84 -27.54
C PHE A 107 -0.32 13.35 -28.16
N GLU A 108 -0.23 14.03 -29.30
CA GLU A 108 -1.42 14.56 -29.96
C GLU A 108 -2.51 13.52 -30.15
N TRP A 109 -2.15 12.24 -30.27
CA TRP A 109 -3.20 11.24 -30.45
C TRP A 109 -4.05 11.12 -29.20
N ALA A 110 -3.43 11.24 -28.02
CA ALA A 110 -4.17 11.08 -26.78
C ALA A 110 -5.28 12.12 -26.67
N PHE A 111 -5.00 13.36 -27.06
CA PHE A 111 -6.01 14.41 -27.02
C PHE A 111 -7.02 14.29 -28.15
N LYS A 112 -6.70 13.49 -29.17
CA LYS A 112 -7.68 13.08 -30.15
C LYS A 112 -8.57 12.00 -29.58
N LEU A 113 -7.96 10.98 -28.98
CA LEU A 113 -8.77 9.87 -28.52
C LEU A 113 -9.55 10.27 -27.28
N ASN A 114 -8.87 10.84 -26.27
CA ASN A 114 -9.42 11.04 -24.93
C ASN A 114 -10.21 12.33 -24.76
N LEU A 115 -9.98 13.34 -25.62
CA LEU A 115 -10.69 14.62 -25.52
C LEU A 115 -11.46 14.97 -26.79
N PHE A 116 -10.77 15.37 -27.88
CA PHE A 116 -11.38 15.78 -29.15
C PHE A 116 -12.61 14.96 -29.46
N SER A 117 -12.48 13.63 -29.33
CA SER A 117 -13.58 12.70 -29.64
C SER A 117 -14.84 13.09 -28.88
N LEU A 118 -14.77 12.98 -27.54
CA LEU A 118 -15.93 13.15 -26.70
C LEU A 118 -16.47 14.58 -26.72
N PHE A 119 -15.63 15.58 -27.00
CA PHE A 119 -16.16 16.93 -27.13
C PHE A 119 -17.01 17.05 -28.38
N ARG A 120 -16.47 16.57 -29.49
CA ARG A 120 -17.21 16.63 -30.75
C ARG A 120 -18.52 15.90 -30.64
N LEU A 121 -18.50 14.68 -30.10
CA LEU A 121 -19.74 13.94 -29.97
C LEU A 121 -20.76 14.70 -29.14
N SER A 122 -20.32 15.23 -27.98
CA SER A 122 -21.18 16.11 -27.18
C SER A 122 -21.79 17.21 -28.03
N GLN A 123 -21.00 17.78 -28.95
CA GLN A 123 -21.52 18.80 -29.85
C GLN A 123 -22.61 18.23 -30.73
N LEU A 124 -22.35 17.06 -31.34
CA LEU A 124 -23.30 16.45 -32.25
C LEU A 124 -24.57 16.03 -31.54
N ALA A 125 -24.46 15.58 -30.27
CA ALA A 125 -25.59 15.02 -29.54
C ALA A 125 -26.46 16.10 -28.91
N ALA A 126 -25.84 17.22 -28.51
CA ALA A 126 -26.47 18.28 -27.74
C ALA A 126 -27.80 18.73 -28.32
N PRO A 127 -27.86 19.18 -29.59
CA PRO A 127 -29.11 19.74 -30.08
C PRO A 127 -30.25 18.73 -30.07
N HIS A 128 -29.94 17.45 -30.30
CA HIS A 128 -30.98 16.43 -30.23
C HIS A 128 -31.47 16.29 -28.79
N MET A 129 -30.55 16.14 -27.84
CA MET A 129 -30.96 16.07 -26.45
C MET A 129 -31.83 17.25 -26.08
N GLN A 130 -31.51 18.42 -26.61
CA GLN A 130 -32.34 19.56 -26.33
C GLN A 130 -33.77 19.32 -26.80
N LYS A 131 -33.95 18.86 -28.04
CA LYS A 131 -35.31 18.65 -28.57
C LYS A 131 -36.11 17.69 -27.70
N ALA A 132 -35.47 16.64 -27.20
CA ALA A 132 -36.13 15.71 -26.30
C ALA A 132 -36.48 16.36 -24.97
N GLY A 133 -36.02 17.58 -24.72
CA GLY A 133 -36.31 18.26 -23.48
C GLY A 133 -35.20 18.16 -22.46
N GLY A 134 -34.18 17.37 -22.73
CA GLY A 134 -32.99 17.31 -21.90
C GLY A 134 -32.28 15.98 -22.08
N GLY A 135 -31.05 15.93 -21.58
CA GLY A 135 -30.31 14.69 -21.62
C GLY A 135 -29.16 14.66 -20.65
N ALA A 136 -28.23 13.73 -20.88
CA ALA A 136 -27.08 13.65 -19.99
C ALA A 136 -25.86 13.08 -20.71
N ILE A 137 -24.72 13.71 -20.47
CA ILE A 137 -23.44 13.35 -21.07
C ILE A 137 -22.52 12.90 -19.95
N LEU A 138 -21.90 11.74 -20.11
CA LEU A 138 -21.01 11.20 -19.11
C LEU A 138 -19.68 10.92 -19.78
N ASN A 139 -18.63 11.58 -19.31
CA ASN A 139 -17.28 11.36 -19.80
C ASN A 139 -16.56 10.46 -18.81
N ILE A 140 -15.91 9.41 -19.31
CA ILE A 140 -15.18 8.48 -18.44
C ILE A 140 -13.74 8.96 -18.37
N SER A 141 -13.40 9.64 -17.28
CA SER A 141 -12.08 10.24 -17.20
C SER A 141 -11.08 9.22 -16.64
N SER A 142 -10.38 9.57 -15.57
CA SER A 142 -9.37 8.70 -14.97
C SER A 142 -8.85 9.32 -13.68
N ILE A 143 -8.23 8.48 -12.84
CA ILE A 143 -7.57 9.03 -11.66
C ILE A 143 -6.31 9.79 -12.06
N ALA A 144 -5.78 9.54 -13.26
CA ALA A 144 -4.65 10.29 -13.77
C ALA A 144 -4.99 11.77 -14.00
N GLY A 145 -6.26 12.10 -14.23
CA GLY A 145 -6.62 13.49 -14.43
C GLY A 145 -6.45 14.34 -13.19
N GLU A 146 -6.47 13.70 -12.03
CA GLU A 146 -6.15 14.29 -10.74
C GLU A 146 -4.68 14.05 -10.33
N ASN A 147 -4.17 12.83 -10.48
CA ASN A 147 -2.94 12.44 -9.79
C ASN A 147 -1.72 13.13 -10.43
N THR A 148 -0.53 12.91 -9.86
CA THR A 148 0.69 13.60 -10.32
C THR A 148 1.86 12.64 -10.26
N ASN A 149 2.42 12.29 -11.41
CA ASN A 149 3.45 11.26 -11.38
C ASN A 149 4.35 11.30 -12.62
N VAL A 150 5.41 10.49 -12.52
CA VAL A 150 6.38 10.37 -13.59
C VAL A 150 5.73 9.69 -14.78
N ARG A 151 6.22 10.03 -15.98
CA ARG A 151 5.78 9.38 -17.21
C ARG A 151 4.28 9.55 -17.44
N MET A 152 3.74 10.65 -16.92
CA MET A 152 2.30 10.87 -16.97
C MET A 152 1.93 12.04 -17.87
N ALA A 153 2.89 12.61 -18.61
CA ALA A 153 2.64 13.72 -19.51
C ALA A 153 1.33 13.55 -20.27
N SER A 154 1.27 12.64 -21.26
CA SER A 154 0.10 12.62 -22.14
C SER A 154 -1.14 12.14 -21.38
N TYR A 155 -1.06 10.99 -20.74
CA TYR A 155 -2.24 10.38 -20.13
C TYR A 155 -2.82 11.25 -19.01
N GLY A 156 -1.97 11.88 -18.22
CA GLY A 156 -2.39 12.86 -17.24
C GLY A 156 -3.00 14.12 -17.82
N SER A 157 -2.25 14.87 -18.65
CA SER A 157 -2.74 16.17 -19.09
C SER A 157 -3.93 16.06 -20.03
N SER A 158 -4.21 14.89 -20.56
CA SER A 158 -5.34 14.74 -21.44
C SER A 158 -6.58 14.57 -20.66
N LYS A 159 -6.54 13.67 -19.70
CA LYS A 159 -7.71 13.36 -18.95
C LYS A 159 -8.08 14.45 -17.97
N ALA A 160 -7.19 15.39 -17.71
CA ALA A 160 -7.46 16.52 -16.84
C ALA A 160 -8.18 17.60 -17.55
N ALA A 161 -8.13 17.55 -18.86
CA ALA A 161 -8.85 18.47 -19.65
C ALA A 161 -10.21 17.91 -19.78
N VAL A 162 -10.35 16.61 -19.66
CA VAL A 162 -11.68 16.08 -19.88
C VAL A 162 -12.56 16.39 -18.67
N ASN A 163 -11.99 16.25 -17.48
CA ASN A 163 -12.56 16.80 -16.28
C ASN A 163 -12.93 18.24 -16.55
N HIS A 164 -11.95 19.10 -16.74
CA HIS A 164 -12.27 20.51 -16.76
C HIS A 164 -13.14 20.88 -17.95
N LEU A 165 -13.14 20.08 -19.04
CA LEU A 165 -14.18 20.25 -20.03
C LEU A 165 -15.56 19.96 -19.42
N THR A 166 -15.67 18.83 -18.72
CA THR A 166 -16.93 18.45 -18.09
C THR A 166 -17.46 19.54 -17.18
N ARG A 167 -16.58 20.13 -16.39
CA ARG A 167 -16.97 21.22 -15.50
C ARG A 167 -17.57 22.37 -16.29
N ASN A 168 -16.94 22.77 -17.39
CA ASN A 168 -17.36 24.00 -18.04
C ASN A 168 -18.55 23.76 -18.95
N ILE A 169 -18.52 22.70 -19.76
CA ILE A 169 -19.56 22.65 -20.79
C ILE A 169 -20.92 22.44 -20.17
N ALA A 170 -20.96 21.96 -18.92
CA ALA A 170 -22.18 22.01 -18.12
C ALA A 170 -22.83 23.39 -18.17
N PHE A 171 -22.03 24.46 -17.98
CA PHE A 171 -22.54 25.82 -18.09
C PHE A 171 -23.10 26.15 -19.47
N ASP A 172 -22.55 25.54 -20.52
CA ASP A 172 -23.06 25.78 -21.85
C ASP A 172 -24.37 25.04 -22.09
N VAL A 173 -24.37 23.72 -21.93
CA VAL A 173 -25.55 22.93 -22.28
C VAL A 173 -26.51 22.74 -21.11
N GLY A 174 -26.13 23.12 -19.88
CA GLY A 174 -27.06 23.17 -18.77
C GLY A 174 -28.39 23.83 -19.13
N PRO A 175 -28.31 25.05 -19.68
CA PRO A 175 -29.54 25.74 -20.13
C PRO A 175 -30.37 24.98 -21.13
N MET A 176 -29.80 24.09 -21.94
CA MET A 176 -30.63 23.29 -22.85
C MET A 176 -31.32 22.11 -22.14
N GLY A 177 -31.07 21.91 -20.85
CA GLY A 177 -31.62 20.79 -20.14
C GLY A 177 -30.68 19.62 -19.98
N ILE A 178 -29.37 19.85 -20.03
CA ILE A 178 -28.43 18.74 -20.09
C ILE A 178 -27.49 18.79 -18.90
N ARG A 179 -27.30 17.65 -18.26
CA ARG A 179 -26.24 17.46 -17.29
C ARG A 179 -24.99 16.91 -17.98
N VAL A 180 -23.82 17.33 -17.48
CA VAL A 180 -22.51 16.83 -17.94
C VAL A 180 -21.73 16.42 -16.70
N ASN A 181 -21.39 15.13 -16.58
CA ASN A 181 -20.56 14.65 -15.47
C ASN A 181 -19.49 13.68 -15.94
N ALA A 182 -18.66 13.28 -15.00
CA ALA A 182 -17.44 12.55 -15.31
C ALA A 182 -17.19 11.53 -14.22
N ILE A 183 -16.74 10.35 -14.62
CA ILE A 183 -16.32 9.32 -13.69
C ILE A 183 -14.84 9.11 -13.94
N ALA A 184 -14.02 9.23 -12.88
CA ALA A 184 -12.59 8.97 -12.96
C ALA A 184 -12.30 7.63 -12.31
N PRO A 185 -12.17 6.54 -13.07
CA PRO A 185 -11.93 5.23 -12.45
C PRO A 185 -10.47 5.05 -12.05
N GLY A 186 -10.28 4.15 -11.09
CA GLY A 186 -8.95 3.66 -10.74
C GLY A 186 -8.54 2.52 -11.66
N ALA A 187 -7.77 1.58 -11.12
CA ALA A 187 -7.43 0.39 -11.88
C ALA A 187 -8.58 -0.63 -11.83
N MET A 188 -8.82 -1.28 -12.98
CA MET A 188 -9.92 -2.24 -13.13
C MET A 188 -9.43 -3.59 -13.64
N LYS A 189 -9.87 -4.66 -12.98
CA LYS A 189 -9.78 -6.01 -13.51
C LYS A 189 -10.54 -6.12 -14.83
N THR A 190 -9.87 -5.77 -15.94
CA THR A 190 -10.46 -5.77 -17.27
C THR A 190 -9.63 -6.53 -18.31
N ALA A 194 -4.24 -6.21 -16.86
CA ALA A 194 -4.44 -7.65 -16.74
C ALA A 194 -3.28 -8.38 -17.39
N THR A 195 -2.87 -7.92 -18.59
CA THR A 195 -1.60 -8.34 -19.17
C THR A 195 -0.40 -7.68 -18.49
N VAL A 196 -0.62 -6.57 -17.79
CA VAL A 196 0.42 -5.87 -17.06
C VAL A 196 0.35 -6.18 -15.56
N LEU A 197 -0.56 -7.07 -15.16
CA LEU A 197 -0.80 -7.40 -13.75
C LEU A 197 -0.16 -8.71 -13.34
N THR A 198 0.37 -8.72 -12.12
CA THR A 198 1.08 -9.82 -11.49
C THR A 198 0.93 -9.65 -9.98
N PRO A 199 0.93 -10.74 -9.20
CA PRO A 199 0.54 -10.60 -7.79
C PRO A 199 1.48 -9.74 -6.97
N GLU A 200 2.71 -9.52 -7.43
CA GLU A 200 3.65 -8.67 -6.71
C GLU A 200 3.48 -7.20 -7.06
N ILE A 201 3.08 -6.88 -8.29
CA ILE A 201 2.63 -5.54 -8.59
C ILE A 201 1.29 -5.26 -7.91
N GLU A 202 0.48 -6.31 -7.70
CA GLU A 202 -0.86 -6.16 -7.12
C GLU A 202 -0.79 -5.63 -5.69
N ARG A 203 0.00 -6.29 -4.84
CA ARG A 203 0.22 -5.82 -3.47
C ARG A 203 0.75 -4.38 -3.45
N ALA A 204 1.57 -4.01 -4.43
CA ALA A 204 1.99 -2.61 -4.57
C ALA A 204 0.79 -1.72 -4.89
N MET A 205 0.11 -2.00 -6.02
CA MET A 205 -1.13 -1.30 -6.38
C MET A 205 -2.11 -1.26 -5.21
N LEU A 206 -2.20 -2.33 -4.44
CA LEU A 206 -3.11 -2.36 -3.31
C LEU A 206 -2.58 -1.55 -2.12
N LYS A 207 -1.29 -1.22 -2.10
CA LYS A 207 -0.81 -0.25 -1.12
C LYS A 207 -1.39 1.09 -1.51
N HIS A 208 -1.78 1.87 -0.52
CA HIS A 208 -2.36 3.18 -0.76
C HIS A 208 -3.71 3.08 -1.45
N THR A 209 -4.46 2.00 -1.18
CA THR A 209 -5.80 1.78 -1.72
C THR A 209 -6.70 1.34 -0.57
N PRO A 210 -7.24 2.29 0.21
CA PRO A 210 -7.82 1.97 1.52
C PRO A 210 -8.82 0.86 1.50
N LEU A 211 -9.61 0.74 0.43
CA LEU A 211 -10.62 -0.32 0.42
C LEU A 211 -10.05 -1.72 0.17
N GLY A 212 -8.80 -1.85 -0.22
CA GLY A 212 -8.12 -3.13 -0.23
C GLY A 212 -8.27 -3.99 -1.46
N ARG A 213 -8.90 -3.50 -2.54
CA ARG A 213 -9.04 -4.29 -3.75
C ARG A 213 -8.87 -3.42 -4.97
N LEU A 214 -8.61 -4.06 -6.12
CA LEU A 214 -8.74 -3.38 -7.39
C LEU A 214 -10.21 -3.33 -7.82
N GLY A 215 -10.44 -2.65 -8.93
CA GLY A 215 -11.80 -2.36 -9.33
C GLY A 215 -12.41 -3.41 -10.20
N GLU A 216 -13.72 -3.38 -10.26
CA GLU A 216 -14.46 -4.26 -11.16
C GLU A 216 -15.43 -3.40 -11.96
N ALA A 217 -15.46 -3.60 -13.29
CA ALA A 217 -16.14 -2.68 -14.21
C ALA A 217 -17.61 -2.41 -13.86
N GLN A 218 -18.28 -3.33 -13.18
CA GLN A 218 -19.57 -2.94 -12.65
C GLN A 218 -19.46 -1.86 -11.59
N ASP A 219 -18.26 -1.57 -11.07
CA ASP A 219 -18.12 -0.44 -10.15
C ASP A 219 -18.35 0.88 -10.87
N ILE A 220 -17.71 1.08 -12.03
CA ILE A 220 -17.96 2.26 -12.82
C ILE A 220 -19.37 2.22 -13.40
N ALA A 221 -19.72 1.10 -14.03
CA ALA A 221 -21.06 0.93 -14.59
C ALA A 221 -22.14 1.31 -13.59
N ASN A 222 -21.99 0.90 -12.32
CA ASN A 222 -22.97 1.27 -11.31
C ASN A 222 -23.02 2.78 -11.11
N ALA A 223 -21.85 3.44 -11.16
CA ALA A 223 -21.77 4.88 -10.96
C ALA A 223 -22.32 5.66 -12.17
N ALA A 224 -22.12 5.13 -13.39
CA ALA A 224 -22.71 5.70 -14.60
C ALA A 224 -24.22 5.69 -14.54
N LEU A 225 -24.82 4.54 -14.21
CA LEU A 225 -26.26 4.49 -14.03
C LEU A 225 -26.72 5.62 -13.13
N PHE A 226 -26.09 5.77 -11.97
CA PHE A 226 -26.52 6.81 -11.05
C PHE A 226 -26.43 8.19 -11.71
N LEU A 227 -25.27 8.52 -12.29
CA LEU A 227 -25.02 9.87 -12.78
C LEU A 227 -25.81 10.23 -14.02
N CYS A 228 -26.48 9.27 -14.65
CA CYS A 228 -27.23 9.54 -15.87
C CYS A 228 -28.72 9.32 -15.69
N SER A 229 -29.13 8.91 -14.52
CA SER A 229 -30.46 8.63 -14.04
C SER A 229 -31.03 9.84 -13.30
N PRO A 230 -32.34 9.87 -13.09
CA PRO A 230 -32.92 10.98 -12.31
C PRO A 230 -32.46 11.03 -10.84
N ALA A 231 -31.78 10.00 -10.34
CA ALA A 231 -31.21 10.13 -9.00
C ALA A 231 -30.07 11.14 -8.96
N ALA A 232 -29.42 11.39 -10.10
CA ALA A 232 -28.42 12.45 -10.21
C ALA A 232 -28.97 13.64 -10.99
N ALA A 233 -30.25 13.93 -10.81
CA ALA A 233 -30.94 14.87 -11.68
C ALA A 233 -30.48 16.31 -11.50
N TRP A 234 -30.11 16.72 -10.29
CA TRP A 234 -29.59 18.08 -10.07
C TRP A 234 -28.08 18.08 -9.97
N ILE A 235 -27.44 17.04 -10.43
CA ILE A 235 -25.99 16.94 -10.37
C ILE A 235 -25.45 17.31 -11.75
N SER A 236 -24.42 18.14 -11.79
CA SER A 236 -23.77 18.43 -13.06
C SER A 236 -22.42 19.05 -12.75
N GLY A 237 -21.56 19.10 -13.76
CA GLY A 237 -20.25 19.70 -13.64
C GLY A 237 -19.29 18.92 -12.77
N GLN A 238 -19.63 17.68 -12.40
CA GLN A 238 -18.89 16.94 -11.38
C GLN A 238 -17.93 15.89 -11.97
N VAL A 239 -17.08 15.35 -11.10
CA VAL A 239 -16.15 14.27 -11.43
C VAL A 239 -16.10 13.32 -10.25
N LEU A 240 -16.87 12.23 -10.32
CA LEU A 240 -16.94 11.25 -9.23
C LEU A 240 -15.84 10.21 -9.40
N THR A 241 -14.90 10.19 -8.47
CA THR A 241 -13.76 9.28 -8.56
C THR A 241 -14.05 7.97 -7.84
N VAL A 242 -14.06 6.89 -8.60
CA VAL A 242 -14.29 5.56 -8.10
C VAL A 242 -12.95 4.84 -8.12
N SER A 243 -12.23 4.89 -7.01
CA SER A 243 -10.91 4.25 -6.96
C SER A 243 -10.57 3.75 -5.56
N GLY A 244 -11.58 3.28 -4.82
CA GLY A 244 -11.36 2.59 -3.56
C GLY A 244 -10.78 3.43 -2.46
N GLY A 245 -10.94 4.75 -2.56
CA GLY A 245 -10.30 5.65 -1.63
C GLY A 245 -8.84 5.88 -1.86
N GLY A 246 -8.31 5.50 -3.03
CA GLY A 246 -6.88 5.62 -3.24
C GLY A 246 -6.39 5.79 -4.67
N VAL A 247 -5.08 5.60 -4.86
CA VAL A 247 -4.46 5.58 -6.18
C VAL A 247 -3.93 4.17 -6.47
N GLN A 248 -3.68 3.91 -7.75
CA GLN A 248 -3.20 2.60 -8.19
C GLN A 248 -2.01 2.75 -9.13
N SER B 1 -27.86 -31.62 44.22
CA SER B 1 -26.47 -31.95 43.85
C SER B 1 -26.09 -31.17 42.61
N PRO B 2 -24.98 -30.47 42.68
CA PRO B 2 -24.55 -29.69 41.52
C PRO B 2 -23.29 -30.25 40.86
N PHE B 3 -22.99 -31.54 41.06
CA PHE B 3 -21.87 -32.21 40.40
C PHE B 3 -22.36 -33.05 39.23
N HIS B 4 -23.01 -32.34 38.33
CA HIS B 4 -23.56 -32.89 37.12
C HIS B 4 -23.13 -31.98 35.97
N LEU B 5 -23.38 -32.45 34.76
CA LEU B 5 -23.19 -31.68 33.55
C LEU B 5 -24.44 -31.78 32.67
N ASN B 6 -25.63 -31.69 33.27
CA ASN B 6 -26.85 -31.92 32.51
C ASN B 6 -26.88 -31.05 31.27
N ASP B 7 -27.26 -31.65 30.15
CA ASP B 7 -27.44 -30.95 28.89
C ASP B 7 -26.13 -30.44 28.31
N ALA B 8 -24.98 -30.70 28.93
CA ALA B 8 -23.72 -30.10 28.46
C ALA B 8 -23.21 -30.81 27.22
N VAL B 9 -22.51 -30.06 26.39
CA VAL B 9 -21.73 -30.66 25.32
C VAL B 9 -20.25 -30.41 25.62
N ALA B 10 -19.48 -31.48 25.77
CA ALA B 10 -18.09 -31.35 26.20
C ALA B 10 -17.14 -31.89 25.14
N ILE B 11 -16.29 -31.01 24.60
CA ILE B 11 -15.09 -31.44 23.85
C ILE B 11 -14.02 -31.87 24.84
N VAL B 12 -13.34 -32.97 24.56
CA VAL B 12 -12.23 -33.41 25.40
C VAL B 12 -11.13 -33.93 24.49
N THR B 13 -9.99 -33.22 24.46
CA THR B 13 -8.83 -33.66 23.68
C THR B 13 -8.03 -34.69 24.45
N GLY B 14 -7.35 -35.55 23.71
CA GLY B 14 -6.57 -36.60 24.32
C GLY B 14 -7.38 -37.49 25.24
N ALA B 15 -8.40 -38.13 24.68
CA ALA B 15 -9.15 -39.16 25.41
C ALA B 15 -8.51 -40.51 25.12
N ALA B 16 -9.26 -41.49 24.62
CA ALA B 16 -8.72 -42.81 24.30
C ALA B 16 -8.16 -43.57 25.50
N ALA B 17 -7.28 -42.94 26.27
CA ALA B 17 -6.58 -43.58 27.37
C ALA B 17 -6.34 -42.60 28.50
N GLY B 18 -5.99 -43.16 29.66
CA GLY B 18 -5.48 -42.42 30.79
C GLY B 18 -6.42 -41.35 31.32
N ILE B 19 -5.82 -40.22 31.68
CA ILE B 19 -6.56 -39.10 32.27
C ILE B 19 -7.77 -38.75 31.41
N GLY B 20 -7.53 -38.44 30.14
CA GLY B 20 -8.59 -37.96 29.26
C GLY B 20 -9.77 -38.91 29.15
N ARG B 21 -9.50 -40.20 28.91
CA ARG B 21 -10.56 -41.20 28.90
C ARG B 21 -11.42 -41.14 30.16
N ALA B 22 -10.79 -41.03 31.33
CA ALA B 22 -11.55 -40.95 32.57
C ALA B 22 -12.41 -39.69 32.60
N ILE B 23 -11.81 -38.53 32.25
CA ILE B 23 -12.58 -37.27 32.18
C ILE B 23 -13.80 -37.44 31.27
N ALA B 24 -13.59 -37.99 30.06
CA ALA B 24 -14.64 -38.09 29.05
C ALA B 24 -15.73 -39.06 29.46
N GLY B 25 -15.34 -40.24 29.95
CA GLY B 25 -16.33 -41.13 30.53
C GLY B 25 -17.06 -40.49 31.68
N THR B 26 -16.32 -39.86 32.60
CA THR B 26 -16.96 -39.26 33.75
C THR B 26 -17.91 -38.16 33.32
N PHE B 27 -17.55 -37.42 32.28
CA PHE B 27 -18.40 -36.33 31.82
C PHE B 27 -19.69 -36.84 31.17
N ALA B 28 -19.63 -38.00 30.52
CA ALA B 28 -20.84 -38.58 29.98
C ALA B 28 -21.77 -38.98 31.12
N LYS B 29 -21.23 -39.72 32.10
CA LYS B 29 -22.03 -40.21 33.20
C LYS B 29 -22.70 -39.09 33.97
N ALA B 30 -22.19 -37.86 33.87
CA ALA B 30 -22.74 -36.74 34.63
C ALA B 30 -23.68 -35.86 33.81
N GLY B 31 -24.06 -36.28 32.59
CA GLY B 31 -25.06 -35.55 31.85
C GLY B 31 -24.59 -34.88 30.57
N ALA B 32 -23.29 -34.90 30.27
CA ALA B 32 -22.77 -34.22 29.08
C ALA B 32 -22.80 -35.13 27.84
N SER B 33 -23.08 -34.51 26.71
CA SER B 33 -22.75 -35.12 25.43
C SER B 33 -21.29 -34.82 25.13
N VAL B 34 -20.54 -35.87 24.80
CA VAL B 34 -19.08 -35.87 24.87
C VAL B 34 -18.51 -36.11 23.47
N VAL B 35 -17.92 -35.06 22.90
CA VAL B 35 -17.06 -35.15 21.72
C VAL B 35 -15.70 -35.65 22.14
N VAL B 36 -15.53 -36.98 22.13
CA VAL B 36 -14.29 -37.67 22.49
C VAL B 36 -13.28 -37.54 21.36
N THR B 37 -12.04 -37.19 21.70
CA THR B 37 -11.02 -36.77 20.74
C THR B 37 -9.61 -37.26 21.07
N ASP B 38 -8.89 -37.69 20.03
CA ASP B 38 -7.53 -38.16 20.17
C ASP B 38 -6.80 -38.15 18.84
N LEU B 39 -5.47 -38.03 18.93
CA LEU B 39 -4.59 -38.25 17.79
C LEU B 39 -4.92 -39.54 17.05
N LYS B 40 -5.29 -40.58 17.81
CA LYS B 40 -5.54 -41.93 17.31
C LYS B 40 -7.04 -42.17 17.28
N SER B 41 -7.62 -42.13 16.07
CA SER B 41 -9.08 -42.20 15.93
C SER B 41 -9.62 -43.53 16.45
N GLU B 42 -8.99 -44.64 16.08
CA GLU B 42 -9.43 -45.95 16.55
C GLU B 42 -9.68 -45.95 18.06
N GLY B 43 -8.73 -45.39 18.82
CA GLY B 43 -8.89 -45.32 20.26
C GLY B 43 -9.90 -44.27 20.70
N ALA B 44 -10.08 -43.21 19.91
CA ALA B 44 -11.09 -42.22 20.25
C ALA B 44 -12.50 -42.78 20.08
N GLU B 45 -12.70 -43.60 19.05
CA GLU B 45 -13.96 -44.28 18.83
C GLU B 45 -14.24 -45.30 19.93
N ALA B 46 -13.25 -46.12 20.28
CA ALA B 46 -13.39 -47.13 21.34
C ALA B 46 -14.13 -46.57 22.55
N VAL B 47 -13.81 -45.33 22.91
CA VAL B 47 -14.32 -44.71 24.14
C VAL B 47 -15.69 -44.09 23.92
N ALA B 48 -15.89 -43.42 22.78
CA ALA B 48 -17.24 -42.96 22.45
C ALA B 48 -18.23 -44.12 22.33
N ALA B 49 -17.76 -45.31 21.98
CA ALA B 49 -18.65 -46.45 21.83
C ALA B 49 -18.91 -47.14 23.16
N ALA B 50 -17.95 -47.10 24.07
CA ALA B 50 -18.24 -47.62 25.40
C ALA B 50 -19.20 -46.69 26.13
N ILE B 51 -19.04 -45.38 25.91
CA ILE B 51 -19.86 -44.40 26.61
C ILE B 51 -21.32 -44.58 26.23
N ARG B 52 -21.58 -44.74 24.93
CA ARG B 52 -22.92 -45.03 24.42
C ARG B 52 -23.43 -46.34 24.99
N GLN B 53 -22.56 -47.35 25.07
CA GLN B 53 -22.98 -48.65 25.57
C GLN B 53 -23.49 -48.54 27.01
N ALA B 54 -22.79 -47.80 27.87
CA ALA B 54 -23.29 -47.54 29.21
C ALA B 54 -24.43 -46.52 29.23
N GLY B 55 -24.93 -46.08 28.08
CA GLY B 55 -26.05 -45.18 28.03
C GLY B 55 -25.74 -43.71 27.96
N GLY B 56 -24.57 -43.32 27.42
CA GLY B 56 -24.19 -41.93 27.32
C GLY B 56 -24.28 -41.43 25.89
N LYS B 57 -24.06 -40.14 25.73
CA LYS B 57 -24.03 -39.53 24.41
C LYS B 57 -22.59 -39.14 24.09
N ALA B 58 -22.05 -39.69 22.99
CA ALA B 58 -20.68 -39.40 22.63
C ALA B 58 -20.39 -39.80 21.19
N ILE B 59 -19.77 -38.90 20.44
CA ILE B 59 -19.16 -39.22 19.15
C ILE B 59 -17.64 -39.19 19.30
N GLY B 60 -16.95 -40.20 18.79
CA GLY B 60 -15.50 -40.26 18.80
C GLY B 60 -14.91 -39.65 17.54
N LEU B 61 -13.90 -38.82 17.72
CA LEU B 61 -13.29 -38.15 16.58
C LEU B 61 -11.78 -38.17 16.73
N GLU B 62 -11.11 -38.14 15.59
CA GLU B 62 -9.67 -37.94 15.54
C GLU B 62 -9.39 -36.44 15.57
N CYS B 63 -8.38 -36.05 16.33
CA CYS B 63 -7.96 -34.65 16.37
C CYS B 63 -6.56 -34.54 16.91
N ASN B 64 -5.65 -34.07 16.08
CA ASN B 64 -4.32 -33.63 16.50
C ASN B 64 -4.45 -32.16 16.86
N VAL B 65 -4.29 -31.87 18.15
CA VAL B 65 -4.54 -30.51 18.65
C VAL B 65 -3.55 -29.52 18.04
N THR B 66 -2.34 -29.98 17.69
CA THR B 66 -1.36 -29.08 17.11
C THR B 66 -1.78 -28.65 15.70
N ASP B 67 -2.62 -29.45 15.07
CA ASP B 67 -3.04 -29.21 13.70
C ASP B 67 -4.24 -28.28 13.69
N GLU B 68 -4.07 -27.10 13.11
CA GLU B 68 -5.17 -26.14 13.01
C GLU B 68 -6.37 -26.71 12.23
N GLN B 69 -6.12 -27.60 11.27
CA GLN B 69 -7.22 -28.24 10.56
C GLN B 69 -8.01 -29.12 11.51
N HIS B 70 -7.32 -29.98 12.25
CA HIS B 70 -8.01 -30.85 13.19
C HIS B 70 -8.82 -30.03 14.18
N ARG B 71 -8.30 -28.86 14.56
CA ARG B 71 -9.00 -28.03 15.53
C ARG B 71 -10.36 -27.64 15.03
N GLU B 72 -10.45 -27.08 13.82
CA GLU B 72 -11.76 -26.68 13.30
C GLU B 72 -12.66 -27.88 13.01
N ALA B 73 -12.11 -29.07 12.84
CA ALA B 73 -12.95 -30.25 12.66
C ALA B 73 -13.72 -30.58 13.92
N VAL B 74 -13.02 -30.54 15.06
CA VAL B 74 -13.69 -30.82 16.33
C VAL B 74 -14.75 -29.76 16.62
N ILE B 75 -14.39 -28.47 16.54
CA ILE B 75 -15.38 -27.42 16.80
C ILE B 75 -16.66 -27.64 15.99
N LYS B 76 -16.53 -27.72 14.65
CA LYS B 76 -17.71 -27.89 13.81
C LYS B 76 -18.40 -29.22 14.10
N ALA B 77 -17.65 -30.33 14.11
CA ALA B 77 -18.31 -31.62 14.31
C ALA B 77 -19.14 -31.61 15.58
N ALA B 78 -18.57 -31.11 16.68
CA ALA B 78 -19.31 -30.94 17.91
C ALA B 78 -20.53 -30.06 17.71
N LEU B 79 -20.34 -28.88 17.08
CA LEU B 79 -21.49 -28.01 16.81
C LEU B 79 -22.51 -28.69 15.90
N ASP B 80 -22.04 -29.36 14.84
CA ASP B 80 -22.92 -30.21 14.05
C ASP B 80 -23.62 -31.22 14.94
N GLN B 81 -22.85 -31.93 15.75
CA GLN B 81 -23.35 -33.16 16.32
C GLN B 81 -24.32 -32.89 17.47
N PHE B 82 -23.93 -32.02 18.40
CA PHE B 82 -24.70 -31.83 19.61
C PHE B 82 -25.23 -30.40 19.76
N GLY B 83 -25.03 -29.54 18.75
CA GLY B 83 -25.69 -28.25 18.75
C GLY B 83 -24.99 -27.15 19.53
N LYS B 84 -24.14 -27.49 20.49
CA LYS B 84 -23.49 -26.45 21.27
C LYS B 84 -22.20 -27.00 21.84
N ILE B 85 -21.43 -26.10 22.43
CA ILE B 85 -20.22 -26.40 23.17
C ILE B 85 -20.31 -25.64 24.48
N THR B 86 -20.55 -26.35 25.59
CA THR B 86 -20.53 -25.69 26.89
C THR B 86 -19.26 -26.00 27.68
N VAL B 87 -18.50 -27.03 27.30
CA VAL B 87 -17.33 -27.44 28.04
C VAL B 87 -16.26 -27.92 27.07
N LEU B 88 -15.03 -27.45 27.32
CA LEU B 88 -13.81 -27.86 26.63
C LEU B 88 -12.80 -28.33 27.67
N VAL B 89 -12.27 -29.54 27.50
CA VAL B 89 -11.19 -30.01 28.34
C VAL B 89 -9.95 -30.13 27.47
N ASN B 90 -8.97 -29.27 27.71
CA ASN B 90 -7.69 -29.30 27.02
C ASN B 90 -6.78 -30.30 27.73
N ASN B 91 -6.98 -31.56 27.40
CA ASN B 91 -6.13 -32.60 28.01
C ASN B 91 -4.86 -32.79 27.19
N ALA B 92 -5.01 -33.20 25.92
CA ALA B 92 -3.88 -33.53 25.06
C ALA B 92 -2.73 -32.57 25.29
N GLY B 93 -1.58 -33.15 25.62
CA GLY B 93 -0.40 -32.41 26.02
C GLY B 93 0.70 -33.42 26.27
N GLY B 94 1.89 -32.92 26.56
CA GLY B 94 2.98 -33.84 26.77
C GLY B 94 4.10 -33.21 27.53
N GLY B 95 5.14 -33.98 27.77
CA GLY B 95 6.41 -33.41 28.18
C GLY B 95 7.10 -34.12 29.32
N GLY B 96 8.43 -34.04 29.32
CA GLY B 96 9.19 -34.79 30.29
C GLY B 96 10.62 -34.34 30.33
N PRO B 97 11.48 -35.12 30.96
CA PRO B 97 12.87 -34.73 31.05
C PRO B 97 13.47 -34.47 29.67
N LYS B 98 14.38 -33.52 29.64
CA LYS B 98 15.11 -33.07 28.47
C LYS B 98 16.38 -32.40 28.98
N PRO B 99 17.54 -32.68 28.38
CA PRO B 99 18.76 -31.99 28.78
C PRO B 99 18.66 -30.49 28.45
N PHE B 100 19.48 -29.70 29.16
CA PHE B 100 19.47 -28.26 28.92
C PHE B 100 19.82 -27.90 27.49
N ASP B 101 20.63 -28.71 26.81
CA ASP B 101 21.06 -28.36 25.46
C ASP B 101 20.20 -29.03 24.39
N MET B 102 18.97 -29.39 24.73
CA MET B 102 18.01 -29.95 23.80
C MET B 102 17.92 -29.11 22.53
N PRO B 103 17.67 -29.76 21.41
CA PRO B 103 17.40 -29.00 20.19
C PRO B 103 16.18 -28.10 20.37
N MET B 104 16.32 -26.88 19.87
CA MET B 104 15.18 -25.96 19.84
C MET B 104 13.94 -26.62 19.27
N SER B 105 14.12 -27.59 18.38
CA SER B 105 12.96 -28.29 17.83
C SER B 105 12.13 -28.89 18.94
N ASP B 106 12.79 -29.54 19.92
CA ASP B 106 12.10 -30.05 21.10
C ASP B 106 11.49 -28.93 21.92
N PHE B 107 12.27 -27.89 22.21
CA PHE B 107 11.82 -26.83 23.09
C PHE B 107 10.56 -26.19 22.53
N GLU B 108 10.54 -25.90 21.23
CA GLU B 108 9.39 -25.24 20.63
C GLU B 108 8.19 -26.18 20.45
N TRP B 109 8.44 -27.49 20.40
CA TRP B 109 7.34 -28.43 20.31
C TRP B 109 6.54 -28.49 21.60
N ALA B 110 7.19 -28.32 22.75
CA ALA B 110 6.48 -28.36 24.02
C ALA B 110 5.42 -27.27 24.07
N PHE B 111 5.74 -26.10 23.57
CA PHE B 111 4.79 -25.00 23.52
C PHE B 111 3.78 -25.19 22.40
N LYS B 112 4.16 -25.81 21.29
CA LYS B 112 3.16 -26.20 20.29
C LYS B 112 2.15 -27.16 20.87
N LEU B 113 2.63 -28.18 21.60
CA LEU B 113 1.70 -29.18 22.10
C LEU B 113 1.01 -28.70 23.37
N ASN B 114 1.77 -28.38 24.42
CA ASN B 114 1.14 -28.04 25.70
C ASN B 114 0.39 -26.69 25.69
N LEU B 115 0.76 -25.74 24.83
CA LEU B 115 0.27 -24.37 24.99
C LEU B 115 -0.48 -23.83 23.78
N PHE B 116 0.15 -23.75 22.61
CA PHE B 116 -0.48 -23.16 21.43
C PHE B 116 -1.81 -23.86 21.11
N SER B 117 -1.85 -25.19 21.27
CA SER B 117 -3.05 -25.98 21.00
C SER B 117 -4.20 -25.55 21.90
N LEU B 118 -4.01 -25.64 23.21
CA LEU B 118 -5.12 -25.38 24.11
C LEU B 118 -5.59 -23.94 24.01
N PHE B 119 -4.67 -23.01 23.76
CA PHE B 119 -5.08 -21.62 23.56
C PHE B 119 -5.85 -21.47 22.26
N ARG B 120 -5.35 -22.11 21.21
CA ARG B 120 -5.97 -21.94 19.91
C ARG B 120 -7.37 -22.54 19.93
N LEU B 121 -7.52 -23.70 20.55
CA LEU B 121 -8.85 -24.24 20.80
C LEU B 121 -9.66 -23.26 21.63
N SER B 122 -9.18 -22.88 22.83
CA SER B 122 -9.92 -21.94 23.67
C SER B 122 -10.45 -20.74 22.88
N GLN B 123 -9.65 -20.18 21.97
CA GLN B 123 -10.13 -19.11 21.10
C GLN B 123 -11.31 -19.57 20.25
N LEU B 124 -11.21 -20.77 19.69
CA LEU B 124 -12.28 -21.27 18.82
C LEU B 124 -13.57 -21.56 19.60
N ALA B 125 -13.47 -22.28 20.74
CA ALA B 125 -14.63 -22.73 21.50
C ALA B 125 -15.37 -21.60 22.18
N ALA B 126 -14.71 -20.47 22.43
CA ALA B 126 -15.25 -19.47 23.33
C ALA B 126 -16.49 -18.75 22.78
N PRO B 127 -16.54 -18.39 21.50
CA PRO B 127 -17.75 -17.70 21.03
C PRO B 127 -18.99 -18.57 21.12
N HIS B 128 -18.87 -19.89 20.94
CA HIS B 128 -20.04 -20.75 21.00
C HIS B 128 -20.47 -21.00 22.44
N MET B 129 -19.53 -21.25 23.34
CA MET B 129 -19.88 -21.28 24.75
C MET B 129 -20.59 -20.00 25.13
N GLN B 130 -20.19 -18.87 24.52
CA GLN B 130 -20.76 -17.59 24.89
C GLN B 130 -22.22 -17.45 24.43
N LYS B 131 -22.54 -17.89 23.20
CA LYS B 131 -23.94 -17.86 22.79
C LYS B 131 -24.82 -18.86 23.53
N ALA B 132 -24.24 -19.77 24.29
CA ALA B 132 -24.98 -20.86 24.92
C ALA B 132 -25.34 -20.56 26.38
N GLY B 133 -24.88 -19.44 26.92
CA GLY B 133 -25.13 -19.08 28.31
C GLY B 133 -23.92 -19.25 29.22
N GLY B 134 -22.92 -19.96 28.76
CA GLY B 134 -21.71 -20.08 29.54
C GLY B 134 -20.91 -21.28 29.11
N GLY B 135 -19.71 -21.36 29.65
CA GLY B 135 -18.98 -22.58 29.46
C GLY B 135 -17.90 -22.66 30.51
N ALA B 136 -17.17 -23.76 30.47
CA ALA B 136 -15.98 -23.82 31.29
C ALA B 136 -14.89 -24.56 30.54
N ILE B 137 -13.68 -24.00 30.61
CA ILE B 137 -12.46 -24.59 30.05
C ILE B 137 -11.64 -25.17 31.20
N LEU B 138 -11.12 -26.37 30.99
CA LEU B 138 -10.23 -27.00 31.95
C LEU B 138 -8.98 -27.39 31.21
N ASN B 139 -7.84 -26.85 31.62
CA ASN B 139 -6.57 -27.19 30.99
C ASN B 139 -5.82 -28.14 31.89
N ILE B 140 -5.17 -29.13 31.31
CA ILE B 140 -4.48 -30.12 32.12
C ILE B 140 -3.01 -29.75 32.17
N SER B 141 -2.60 -29.25 33.33
CA SER B 141 -1.23 -28.81 33.45
C SER B 141 -0.33 -29.95 33.92
N SER B 142 0.38 -29.73 35.02
CA SER B 142 1.37 -30.63 35.56
C SER B 142 1.97 -30.01 36.80
N ILE B 143 2.35 -30.82 37.79
CA ILE B 143 3.18 -30.26 38.85
C ILE B 143 4.53 -29.77 38.34
N ALA B 144 4.85 -29.99 37.06
CA ALA B 144 6.00 -29.30 36.48
C ALA B 144 5.85 -27.78 36.53
N GLY B 145 4.61 -27.28 36.44
CA GLY B 145 4.40 -25.83 36.43
C GLY B 145 4.90 -25.13 37.68
N GLU B 146 4.65 -25.69 38.84
CA GLU B 146 5.08 -25.08 40.09
C GLU B 146 6.44 -25.59 40.54
N ASN B 147 6.74 -26.86 40.27
CA ASN B 147 7.95 -27.43 40.83
C ASN B 147 9.19 -27.00 40.03
N THR B 148 10.36 -27.06 40.67
CA THR B 148 11.65 -26.74 40.05
C THR B 148 12.60 -27.93 40.16
N ASN B 149 13.28 -28.26 39.05
CA ASN B 149 14.21 -29.39 39.04
C ASN B 149 15.04 -29.42 37.76
N VAL B 150 16.19 -30.11 37.84
CA VAL B 150 17.08 -30.26 36.68
C VAL B 150 16.35 -30.98 35.55
N ARG B 151 16.75 -30.68 34.31
CA ARG B 151 16.17 -31.28 33.10
C ARG B 151 14.68 -31.00 32.90
N MET B 152 14.13 -29.94 33.49
CA MET B 152 12.72 -29.67 33.32
C MET B 152 12.43 -28.45 32.43
N ALA B 153 13.47 -27.80 31.89
CA ALA B 153 13.44 -26.63 31.00
C ALA B 153 12.17 -26.45 30.18
N SER B 154 11.96 -27.34 29.22
CA SER B 154 10.85 -27.24 28.28
C SER B 154 9.51 -27.67 28.91
N TYR B 155 9.50 -28.82 29.59
CA TYR B 155 8.27 -29.27 30.23
C TYR B 155 7.90 -28.35 31.39
N GLY B 156 8.90 -27.96 32.19
CA GLY B 156 8.63 -27.03 33.26
C GLY B 156 8.06 -25.72 32.75
N SER B 157 8.78 -25.07 31.82
CA SER B 157 8.39 -23.71 31.46
C SER B 157 7.11 -23.68 30.65
N SER B 158 6.80 -24.78 29.95
CA SER B 158 5.58 -24.85 29.16
C SER B 158 4.35 -25.04 30.04
N LYS B 159 4.47 -25.82 31.10
CA LYS B 159 3.31 -25.99 31.97
C LYS B 159 3.05 -24.72 32.80
N ALA B 160 4.11 -23.99 33.15
CA ALA B 160 3.95 -22.67 33.76
C ALA B 160 3.21 -21.72 32.83
N ALA B 161 3.54 -21.70 31.55
CA ALA B 161 2.80 -20.88 30.60
C ALA B 161 1.32 -21.25 30.58
N VAL B 162 1.02 -22.51 30.86
CA VAL B 162 -0.36 -22.99 30.87
C VAL B 162 -1.06 -22.52 32.13
N ASN B 163 -0.40 -22.71 33.29
CA ASN B 163 -0.94 -22.22 34.55
C ASN B 163 -1.26 -20.74 34.46
N HIS B 164 -0.31 -19.94 33.99
CA HIS B 164 -0.56 -18.51 34.00
C HIS B 164 -1.46 -18.06 32.85
N LEU B 165 -1.42 -18.74 31.70
CA LEU B 165 -2.45 -18.50 30.68
C LEU B 165 -3.83 -18.73 31.26
N THR B 166 -3.96 -19.72 32.16
CA THR B 166 -5.26 -20.04 32.74
C THR B 166 -5.78 -18.87 33.57
N ARG B 167 -4.95 -18.40 34.49
CA ARG B 167 -5.24 -17.25 35.34
C ARG B 167 -5.73 -16.05 34.54
N ASN B 168 -5.09 -15.76 33.41
CA ASN B 168 -5.31 -14.47 32.77
C ASN B 168 -6.47 -14.48 31.77
N ILE B 169 -6.68 -15.58 31.05
CA ILE B 169 -7.81 -15.57 30.12
C ILE B 169 -9.12 -15.70 30.88
N ALA B 170 -9.05 -16.16 32.13
CA ALA B 170 -10.19 -16.09 33.04
C ALA B 170 -10.74 -14.68 33.09
N PHE B 171 -9.86 -13.68 32.99
CA PHE B 171 -10.30 -12.29 32.96
C PHE B 171 -10.94 -11.95 31.63
N ASP B 172 -10.35 -12.45 30.55
CA ASP B 172 -10.90 -12.22 29.22
C ASP B 172 -12.27 -12.88 29.07
N VAL B 173 -12.31 -14.22 29.02
CA VAL B 173 -13.56 -14.91 28.76
C VAL B 173 -14.50 -14.93 29.96
N GLY B 174 -14.06 -14.45 31.12
CA GLY B 174 -14.91 -14.31 32.27
C GLY B 174 -16.26 -13.68 31.97
N PRO B 175 -16.24 -12.42 31.49
CA PRO B 175 -17.50 -11.73 31.16
C PRO B 175 -18.29 -12.31 29.99
N MET B 176 -17.75 -13.24 29.21
CA MET B 176 -18.54 -14.03 28.27
C MET B 176 -19.21 -15.21 28.96
N GLY B 177 -19.33 -15.15 30.29
CA GLY B 177 -19.81 -16.26 31.06
C GLY B 177 -19.03 -17.56 30.91
N ILE B 178 -17.71 -17.49 30.83
CA ILE B 178 -16.90 -18.70 30.74
C ILE B 178 -15.98 -18.75 31.96
N ARG B 179 -15.75 -19.95 32.51
CA ARG B 179 -14.72 -20.14 33.52
C ARG B 179 -13.54 -20.94 32.97
N VAL B 180 -12.36 -20.71 33.54
CA VAL B 180 -11.10 -21.28 33.03
C VAL B 180 -10.30 -21.78 34.23
N ASN B 181 -10.12 -23.09 34.35
CA ASN B 181 -9.29 -23.61 35.43
C ASN B 181 -8.30 -24.64 34.90
N ALA B 182 -7.35 -24.99 35.74
CA ALA B 182 -6.41 -26.04 35.39
C ALA B 182 -6.23 -26.98 36.57
N ILE B 183 -6.03 -28.26 36.26
CA ILE B 183 -5.54 -29.25 37.20
C ILE B 183 -4.07 -29.53 36.87
N ALA B 184 -3.19 -29.36 37.84
CA ALA B 184 -1.81 -29.83 37.76
C ALA B 184 -1.75 -31.23 38.34
N PRO B 185 -1.78 -32.27 37.50
CA PRO B 185 -1.77 -33.62 38.04
C PRO B 185 -0.37 -33.96 38.50
N GLY B 186 -0.28 -35.01 39.30
CA GLY B 186 0.99 -35.52 39.74
C GLY B 186 1.36 -36.74 38.94
N ALA B 187 2.03 -37.68 39.59
CA ALA B 187 2.28 -38.94 38.93
C ALA B 187 0.99 -39.72 38.84
N MET B 188 0.62 -40.20 37.69
CA MET B 188 -0.57 -40.98 37.62
C MET B 188 -0.27 -42.32 37.00
N LYS B 189 -0.80 -43.38 37.58
CA LYS B 189 -0.68 -44.72 37.01
C LYS B 189 -1.48 -44.80 35.73
N THR B 190 -0.85 -44.48 34.63
CA THR B 190 -1.38 -44.86 33.33
C THR B 190 -0.55 -46.02 32.85
N ASP B 191 -0.91 -46.53 31.68
CA ASP B 191 -0.27 -47.75 31.22
C ASP B 191 1.23 -47.54 31.04
N ALA B 192 1.64 -46.35 30.59
CA ALA B 192 3.07 -46.07 30.46
C ALA B 192 3.79 -46.21 31.80
N LEU B 193 3.19 -45.67 32.88
CA LEU B 193 3.78 -45.79 34.22
C LEU B 193 3.79 -47.22 34.72
N ALA B 194 2.75 -47.97 34.39
CA ALA B 194 2.60 -49.33 34.89
C ALA B 194 3.59 -50.30 34.27
N THR B 195 4.30 -49.91 33.21
CA THR B 195 5.28 -50.83 32.65
C THR B 195 6.58 -50.77 33.45
N VAL B 196 7.02 -49.56 33.83
CA VAL B 196 8.33 -49.37 34.43
C VAL B 196 8.31 -49.39 35.95
N LEU B 197 7.13 -49.51 36.55
CA LEU B 197 6.98 -49.53 38.00
C LEU B 197 7.50 -50.83 38.59
N THR B 198 8.31 -50.72 39.64
CA THR B 198 8.77 -51.80 40.50
C THR B 198 8.61 -51.31 41.93
N PRO B 199 8.21 -52.18 42.87
CA PRO B 199 7.98 -51.72 44.25
C PRO B 199 9.06 -50.81 44.81
N GLU B 200 10.32 -51.03 44.43
CA GLU B 200 11.38 -50.12 44.84
C GLU B 200 11.32 -48.82 44.05
N ILE B 201 11.02 -48.88 42.75
CA ILE B 201 10.85 -47.64 41.99
C ILE B 201 9.64 -46.86 42.50
N GLU B 202 8.53 -47.55 42.76
CA GLU B 202 7.37 -46.89 43.36
C GLU B 202 7.69 -46.29 44.72
N ARG B 203 8.20 -47.10 45.64
CA ARG B 203 8.46 -46.63 47.01
C ARG B 203 9.33 -45.40 47.04
N ALA B 204 10.07 -45.13 45.96
CA ALA B 204 11.00 -44.00 45.91
C ALA B 204 10.29 -42.70 45.54
N MET B 205 9.66 -42.65 44.36
CA MET B 205 8.92 -41.46 44.01
C MET B 205 7.65 -41.33 44.84
N LEU B 206 7.31 -42.34 45.64
CA LEU B 206 6.27 -42.14 46.63
C LEU B 206 6.76 -41.50 47.92
N LYS B 207 8.06 -41.41 48.15
CA LYS B 207 8.51 -40.62 49.28
C LYS B 207 8.24 -39.14 49.04
N HIS B 208 8.20 -38.38 50.13
CA HIS B 208 7.80 -36.97 50.07
C HIS B 208 6.46 -36.79 49.38
N THR B 209 5.60 -37.81 49.51
CA THR B 209 4.19 -37.77 49.07
C THR B 209 3.33 -38.06 50.29
N PRO B 210 2.72 -37.05 50.92
CA PRO B 210 2.09 -37.28 52.22
C PRO B 210 0.99 -38.33 52.22
N LEU B 211 0.20 -38.46 51.17
CA LEU B 211 -0.84 -39.49 51.13
C LEU B 211 -0.32 -40.85 50.65
N GLY B 212 0.96 -41.00 50.39
CA GLY B 212 1.56 -42.30 50.16
C GLY B 212 0.95 -43.20 49.08
N ARG B 213 0.40 -42.66 48.01
CA ARG B 213 0.01 -43.48 46.85
C ARG B 213 0.02 -42.59 45.62
N LEU B 214 0.34 -43.18 44.48
CA LEU B 214 0.24 -42.44 43.22
C LEU B 214 -1.22 -42.19 42.88
N GLY B 215 -1.44 -41.25 41.98
CA GLY B 215 -2.78 -40.95 41.56
C GLY B 215 -3.33 -42.00 40.60
N GLU B 216 -4.63 -41.88 40.37
CA GLU B 216 -5.30 -42.64 39.33
C GLU B 216 -6.09 -41.66 38.46
N ALA B 217 -6.21 -41.99 37.18
CA ALA B 217 -6.96 -41.16 36.26
C ALA B 217 -8.24 -40.65 36.88
N GLN B 218 -9.01 -41.52 37.51
CA GLN B 218 -10.31 -41.09 38.02
C GLN B 218 -10.17 -39.94 39.01
N ASP B 219 -9.10 -39.92 39.81
CA ASP B 219 -8.85 -38.77 40.69
C ASP B 219 -8.84 -37.45 39.93
N ILE B 220 -8.21 -37.42 38.75
CA ILE B 220 -8.22 -36.23 37.90
C ILE B 220 -9.60 -36.00 37.31
N ALA B 221 -10.27 -37.06 36.88
CA ALA B 221 -11.64 -36.93 36.39
C ALA B 221 -12.58 -36.39 37.47
N ASN B 222 -12.46 -36.87 38.73
CA ASN B 222 -13.28 -36.32 39.81
C ASN B 222 -13.18 -34.80 39.87
N ALA B 223 -11.94 -34.28 39.93
CA ALA B 223 -11.71 -32.84 40.06
C ALA B 223 -12.14 -32.11 38.80
N ALA B 224 -11.94 -32.74 37.65
CA ALA B 224 -12.38 -32.16 36.39
C ALA B 224 -13.87 -31.90 36.40
N LEU B 225 -14.63 -32.93 36.74
CA LEU B 225 -16.07 -32.77 36.86
C LEU B 225 -16.42 -31.70 37.87
N PHE B 226 -15.74 -31.69 39.02
CA PHE B 226 -16.03 -30.65 40.00
C PHE B 226 -15.79 -29.26 39.39
N LEU B 227 -14.60 -29.07 38.79
CA LEU B 227 -14.25 -27.76 38.24
C LEU B 227 -15.19 -27.33 37.11
N CYS B 228 -15.67 -28.27 36.33
CA CYS B 228 -16.47 -27.91 35.18
C CYS B 228 -17.96 -27.96 35.46
N SER B 229 -18.35 -28.22 36.70
CA SER B 229 -19.72 -28.41 37.12
C SER B 229 -20.25 -27.14 37.79
N PRO B 230 -21.57 -27.07 38.01
CA PRO B 230 -22.13 -25.98 38.80
C PRO B 230 -21.52 -25.80 40.20
N ALA B 231 -20.97 -26.85 40.81
CA ALA B 231 -20.39 -26.64 42.13
C ALA B 231 -19.07 -25.87 42.12
N ALA B 232 -18.52 -25.50 40.96
CA ALA B 232 -17.35 -24.63 40.90
C ALA B 232 -17.69 -23.38 40.13
N ALA B 233 -18.97 -23.00 40.19
CA ALA B 233 -19.52 -21.93 39.37
C ALA B 233 -18.95 -20.56 39.68
N TRP B 234 -18.42 -20.31 40.88
CA TRP B 234 -17.74 -19.05 41.17
C TRP B 234 -16.21 -19.23 41.31
N ILE B 235 -15.65 -20.18 40.58
CA ILE B 235 -14.24 -20.51 40.63
C ILE B 235 -13.70 -20.34 39.21
N SER B 236 -12.78 -19.42 39.02
CA SER B 236 -12.13 -19.31 37.73
C SER B 236 -10.64 -19.12 37.97
N GLY B 237 -9.87 -19.00 36.88
CA GLY B 237 -8.41 -18.80 36.89
C GLY B 237 -7.57 -19.51 37.93
N GLN B 238 -7.92 -20.74 38.30
CA GLN B 238 -7.26 -21.46 39.38
C GLN B 238 -6.36 -22.55 38.80
N VAL B 239 -5.52 -23.13 39.66
CA VAL B 239 -4.68 -24.26 39.29
C VAL B 239 -4.82 -25.25 40.44
N LEU B 240 -5.81 -26.13 40.36
CA LEU B 240 -6.01 -27.15 41.39
C LEU B 240 -4.96 -28.24 41.23
N THR B 241 -4.08 -28.41 42.21
CA THR B 241 -3.06 -29.45 42.12
C THR B 241 -3.58 -30.75 42.69
N VAL B 242 -3.54 -31.80 41.90
CA VAL B 242 -3.85 -33.12 42.41
C VAL B 242 -2.53 -33.89 42.42
N SER B 243 -1.85 -33.93 43.57
CA SER B 243 -0.57 -34.64 43.59
C SER B 243 -0.30 -35.38 44.88
N GLY B 244 -1.30 -35.70 45.68
CA GLY B 244 -1.11 -36.40 46.95
C GLY B 244 -0.58 -35.53 48.06
N GLY B 245 -0.44 -34.22 47.81
CA GLY B 245 0.24 -33.33 48.70
C GLY B 245 1.74 -33.30 48.53
N GLY B 246 2.27 -33.97 47.52
CA GLY B 246 3.71 -34.04 47.35
C GLY B 246 4.13 -34.10 45.89
N VAL B 247 5.43 -34.10 45.64
CA VAL B 247 5.93 -34.28 44.30
C VAL B 247 6.40 -35.71 44.15
N GLN B 248 6.41 -36.18 42.92
CA GLN B 248 6.82 -37.52 42.59
C GLN B 248 8.00 -37.50 41.63
N SER C 1 20.94 37.82 -1.90
CA SER C 1 19.53 37.65 -2.28
C SER C 1 19.35 36.60 -3.39
N PRO C 2 18.31 35.77 -3.27
CA PRO C 2 18.07 34.68 -4.23
C PRO C 2 17.05 34.99 -5.31
N PHE C 3 16.60 36.23 -5.43
CA PHE C 3 15.62 36.64 -6.42
C PHE C 3 16.32 37.14 -7.68
N HIS C 4 17.08 36.25 -8.28
CA HIS C 4 17.96 36.68 -9.34
C HIS C 4 18.05 35.55 -10.35
N LEU C 5 18.59 35.88 -11.52
CA LEU C 5 18.81 34.94 -12.59
C LEU C 5 20.23 35.07 -13.11
N ASN C 6 21.17 35.28 -12.18
CA ASN C 6 22.53 35.64 -12.59
C ASN C 6 23.14 34.58 -13.50
N ASP C 7 23.61 35.04 -14.66
CA ASP C 7 24.24 34.19 -15.66
C ASP C 7 23.34 33.02 -16.03
N ALA C 8 22.06 33.31 -16.20
CA ALA C 8 21.11 32.35 -16.72
C ALA C 8 20.75 32.70 -18.16
N VAL C 9 20.20 31.71 -18.86
CA VAL C 9 19.78 31.82 -20.25
C VAL C 9 18.30 31.46 -20.31
N ALA C 10 17.47 32.40 -20.77
CA ALA C 10 16.02 32.24 -20.74
C ALA C 10 15.43 32.37 -22.14
N ILE C 11 14.93 31.26 -22.67
CA ILE C 11 14.07 31.26 -23.85
C ILE C 11 12.66 31.63 -23.40
N VAL C 12 12.10 32.70 -23.96
CA VAL C 12 10.84 33.25 -23.48
C VAL C 12 9.91 33.52 -24.68
N THR C 13 9.11 32.52 -25.04
CA THR C 13 8.21 32.64 -26.18
C THR C 13 7.14 33.70 -25.90
N GLY C 14 6.39 34.03 -26.95
CA GLY C 14 5.32 35.02 -26.89
C GLY C 14 5.63 36.34 -26.19
N ALA C 15 6.81 36.92 -26.44
CA ALA C 15 7.35 37.95 -25.57
C ALA C 15 7.53 39.32 -26.24
N ALA C 16 6.72 39.66 -27.25
CA ALA C 16 6.85 40.95 -27.94
C ALA C 16 6.15 42.10 -27.25
N ALA C 17 5.06 41.86 -26.52
CA ALA C 17 4.44 42.92 -25.72
C ALA C 17 3.73 42.32 -24.51
N GLY C 18 3.09 43.19 -23.73
CA GLY C 18 2.32 42.74 -22.59
C GLY C 18 3.13 41.94 -21.57
N ILE C 19 2.59 40.78 -21.18
CA ILE C 19 3.23 39.91 -20.20
C ILE C 19 4.59 39.48 -20.70
N GLY C 20 4.62 38.66 -21.74
CA GLY C 20 5.88 38.05 -22.16
C GLY C 20 6.99 39.07 -22.33
N ARG C 21 6.64 40.28 -22.75
CA ARG C 21 7.55 41.42 -22.69
C ARG C 21 8.13 41.59 -21.28
N ALA C 22 7.27 41.89 -20.31
CA ALA C 22 7.73 42.16 -18.95
C ALA C 22 8.46 40.97 -18.34
N ILE C 23 8.11 39.75 -18.71
CA ILE C 23 8.90 38.61 -18.26
C ILE C 23 10.35 38.76 -18.75
N ALA C 24 10.50 38.79 -20.08
CA ALA C 24 11.82 38.92 -20.69
C ALA C 24 12.47 40.26 -20.32
N GLY C 25 11.64 41.31 -20.19
CA GLY C 25 12.16 42.59 -19.73
C GLY C 25 12.61 42.57 -18.28
N THR C 26 11.90 41.84 -17.40
CA THR C 26 12.31 41.77 -16.00
C THR C 26 13.47 40.81 -15.82
N PHE C 27 13.38 39.62 -16.41
CA PHE C 27 14.49 38.70 -16.27
C PHE C 27 15.80 39.36 -16.65
N ALA C 28 15.75 40.36 -17.53
CA ALA C 28 16.92 41.14 -17.92
C ALA C 28 17.61 41.73 -16.70
N LYS C 29 16.97 42.75 -16.11
CA LYS C 29 17.54 43.41 -14.94
C LYS C 29 17.92 42.44 -13.82
N ALA C 30 17.34 41.23 -13.81
CA ALA C 30 17.73 40.18 -12.87
C ALA C 30 18.99 39.46 -13.31
N GLY C 31 19.80 40.13 -14.12
CA GLY C 31 21.06 39.56 -14.58
C GLY C 31 20.88 38.33 -15.43
N ALA C 32 19.82 38.28 -16.23
CA ALA C 32 19.62 37.16 -17.12
C ALA C 32 19.96 37.55 -18.54
N SER C 33 20.41 36.56 -19.28
CA SER C 33 20.62 36.66 -20.71
C SER C 33 19.39 36.07 -21.42
N VAL C 34 18.57 36.96 -21.98
CA VAL C 34 17.23 36.66 -22.45
C VAL C 34 17.26 36.38 -23.95
N VAL C 35 16.52 35.36 -24.38
CA VAL C 35 16.19 35.17 -25.80
C VAL C 35 14.75 35.61 -25.95
N VAL C 36 14.58 36.89 -26.30
CA VAL C 36 13.26 37.45 -26.51
C VAL C 36 12.69 36.90 -27.82
N THR C 37 11.55 36.24 -27.74
CA THR C 37 10.97 35.56 -28.89
C THR C 37 9.47 35.82 -28.98
N ASP C 38 8.97 35.83 -30.22
CA ASP C 38 7.56 36.10 -30.54
C ASP C 38 7.37 35.78 -32.02
N LEU C 39 6.11 35.61 -32.45
CA LEU C 39 5.88 35.25 -33.85
C LEU C 39 6.03 36.43 -34.79
N LYS C 40 5.86 37.67 -34.29
CA LYS C 40 6.42 38.82 -34.97
C LYS C 40 7.94 38.79 -34.78
N SER C 41 8.69 38.76 -35.88
CA SER C 41 10.14 38.77 -35.76
C SER C 41 10.66 40.14 -35.37
N GLU C 42 10.15 41.21 -35.97
CA GLU C 42 10.51 42.54 -35.48
C GLU C 42 10.13 42.71 -34.02
N GLY C 43 9.01 42.13 -33.62
CA GLY C 43 8.51 42.38 -32.27
C GLY C 43 9.46 41.88 -31.20
N ALA C 44 10.12 40.75 -31.46
CA ALA C 44 11.10 40.23 -30.53
C ALA C 44 12.37 41.04 -30.57
N GLU C 45 12.83 41.39 -31.77
CA GLU C 45 14.06 42.15 -31.93
C GLU C 45 13.93 43.52 -31.26
N ALA C 46 12.81 44.20 -31.51
CA ALA C 46 12.57 45.49 -30.87
C ALA C 46 12.69 45.41 -29.35
N VAL C 47 12.37 44.25 -28.77
CA VAL C 47 12.36 44.11 -27.31
C VAL C 47 13.76 43.78 -26.81
N ALA C 48 14.42 42.79 -27.42
CA ALA C 48 15.84 42.54 -27.11
C ALA C 48 16.67 43.83 -27.21
N ALA C 49 16.31 44.73 -28.13
CA ALA C 49 17.06 45.96 -28.31
C ALA C 49 16.95 46.88 -27.10
N ALA C 50 15.72 47.18 -26.67
CA ALA C 50 15.53 47.98 -25.47
C ALA C 50 16.20 47.36 -24.26
N ILE C 51 16.34 46.04 -24.25
CA ILE C 51 16.96 45.33 -23.13
C ILE C 51 18.46 45.58 -23.14
N ARG C 52 19.12 45.22 -24.26
CA ARG C 52 20.50 45.62 -24.53
C ARG C 52 20.67 47.11 -24.27
N GLN C 53 19.63 47.89 -24.54
CA GLN C 53 19.71 49.34 -24.42
C GLN C 53 19.84 49.75 -22.98
N ALA C 54 19.00 49.16 -22.12
CA ALA C 54 18.94 49.50 -20.70
C ALA C 54 19.99 48.78 -19.86
N GLY C 55 20.74 47.85 -20.44
CA GLY C 55 21.90 47.30 -19.76
C GLY C 55 22.09 45.82 -19.97
N GLY C 56 21.25 45.22 -20.80
CA GLY C 56 21.07 43.79 -20.79
C GLY C 56 21.79 43.05 -21.92
N LYS C 57 21.61 41.74 -21.89
CA LYS C 57 22.02 40.82 -22.93
C LYS C 57 20.78 40.07 -23.43
N ALA C 58 20.39 40.32 -24.69
CA ALA C 58 19.20 39.71 -25.29
C ALA C 58 19.25 39.77 -26.81
N ILE C 59 18.91 38.67 -27.46
CA ILE C 59 18.85 38.56 -28.92
C ILE C 59 17.38 38.40 -29.35
N GLY C 60 16.95 39.17 -30.36
CA GLY C 60 15.59 39.07 -30.88
C GLY C 60 15.46 38.04 -31.99
N LEU C 61 14.42 37.21 -31.88
CA LEU C 61 14.30 36.03 -32.74
C LEU C 61 12.83 35.78 -33.04
N GLU C 62 12.56 34.92 -34.02
CA GLU C 62 11.18 34.63 -34.41
C GLU C 62 10.85 33.17 -34.13
N CYS C 63 9.73 32.93 -33.46
CA CYS C 63 9.25 31.56 -33.21
C CYS C 63 7.74 31.49 -33.22
N ASN C 64 7.19 30.44 -33.80
CA ASN C 64 5.75 30.26 -33.72
C ASN C 64 5.59 29.03 -32.87
N VAL C 65 5.10 29.19 -31.66
CA VAL C 65 5.01 28.05 -30.76
C VAL C 65 4.41 26.88 -31.52
N THR C 66 3.43 27.16 -32.37
CA THR C 66 2.80 26.10 -33.16
C THR C 66 3.52 25.86 -34.48
N ASP C 67 4.84 25.75 -34.44
CA ASP C 67 5.62 25.49 -35.64
C ASP C 67 6.87 24.76 -35.22
N GLU C 68 7.05 23.53 -35.68
CA GLU C 68 8.21 22.80 -35.16
C GLU C 68 9.51 23.38 -35.68
N GLN C 69 9.52 23.79 -36.96
CA GLN C 69 10.68 24.44 -37.55
C GLN C 69 11.17 25.56 -36.68
N HIS C 70 10.24 26.33 -36.12
CA HIS C 70 10.63 27.47 -35.33
C HIS C 70 11.10 27.03 -33.94
N ARG C 71 10.64 25.87 -33.48
CA ARG C 71 11.01 25.44 -32.18
C ARG C 71 12.44 24.93 -32.16
N GLU C 72 12.74 23.92 -32.96
CA GLU C 72 14.12 23.44 -33.04
C GLU C 72 15.09 24.57 -33.37
N ALA C 73 14.63 25.61 -34.05
CA ALA C 73 15.47 26.76 -34.33
C ALA C 73 15.79 27.56 -33.08
N VAL C 74 14.86 27.62 -32.12
CA VAL C 74 15.09 28.51 -30.98
C VAL C 74 16.02 27.88 -29.97
N ILE C 75 15.90 26.57 -29.73
CA ILE C 75 16.86 25.86 -28.89
C ILE C 75 18.28 26.15 -29.35
N LYS C 76 18.61 25.75 -30.59
CA LYS C 76 19.97 25.95 -31.11
C LYS C 76 20.36 27.43 -31.09
N ALA C 77 19.52 28.31 -31.63
CA ALA C 77 19.90 29.71 -31.75
C ALA C 77 20.18 30.34 -30.39
N ALA C 78 19.59 29.83 -29.32
CA ALA C 78 19.96 30.32 -27.99
C ALA C 78 21.27 29.71 -27.54
N LEU C 79 21.40 28.39 -27.70
CA LEU C 79 22.64 27.69 -27.37
C LEU C 79 23.84 28.31 -28.11
N ASP C 80 23.71 28.49 -29.43
CA ASP C 80 24.80 29.09 -30.20
C ASP C 80 25.19 30.47 -29.68
N GLN C 81 24.30 31.13 -28.95
CA GLN C 81 24.60 32.47 -28.48
C GLN C 81 25.03 32.51 -27.02
N PHE C 82 24.54 31.60 -26.19
CA PHE C 82 24.84 31.63 -24.76
C PHE C 82 25.35 30.30 -24.21
N GLY C 83 25.47 29.27 -25.03
CA GLY C 83 26.08 28.03 -24.58
C GLY C 83 25.13 27.02 -23.96
N LYS C 84 24.07 27.53 -23.34
CA LYS C 84 23.26 26.70 -22.44
C LYS C 84 21.82 27.21 -22.43
N ILE C 85 20.95 26.40 -21.79
CA ILE C 85 19.58 26.79 -21.49
C ILE C 85 19.33 26.51 -20.00
N THR C 86 18.86 27.55 -19.28
CA THR C 86 18.54 27.41 -17.86
C THR C 86 17.09 27.80 -17.53
N VAL C 87 16.38 28.48 -18.42
CA VAL C 87 15.02 28.95 -18.18
C VAL C 87 14.24 28.85 -19.47
N LEU C 88 13.05 28.24 -19.42
CA LEU C 88 12.11 28.25 -20.54
C LEU C 88 10.77 28.80 -20.07
N VAL C 89 10.42 30.00 -20.53
CA VAL C 89 9.16 30.67 -20.20
C VAL C 89 8.20 30.50 -21.39
N ASN C 90 7.33 29.52 -21.31
CA ASN C 90 6.33 29.32 -22.37
C ASN C 90 5.17 30.30 -22.18
N ASN C 91 5.46 31.59 -22.32
CA ASN C 91 4.40 32.57 -22.19
C ASN C 91 3.51 32.66 -23.43
N ALA C 92 3.97 32.14 -24.58
CA ALA C 92 3.16 32.13 -25.79
C ALA C 92 1.94 31.25 -25.57
N GLY C 93 0.76 31.83 -25.82
CA GLY C 93 -0.49 31.14 -25.62
C GLY C 93 -1.63 32.05 -26.04
N GLY C 94 -2.84 31.54 -25.89
CA GLY C 94 -3.98 32.33 -26.30
C GLY C 94 -5.29 31.77 -25.79
N GLY C 95 -6.37 32.32 -26.36
CA GLY C 95 -7.72 31.84 -26.10
C GLY C 95 -8.68 32.84 -25.47
N GLY C 96 -9.98 32.53 -25.56
CA GLY C 96 -11.02 33.37 -24.99
C GLY C 96 -12.37 32.76 -25.30
N PRO C 97 -13.45 33.42 -24.89
CA PRO C 97 -14.80 32.91 -25.21
C PRO C 97 -14.95 32.29 -26.58
N LYS C 98 -15.72 31.23 -26.64
CA LYS C 98 -15.98 30.44 -27.83
C LYS C 98 -17.31 29.74 -27.61
N PRO C 99 -18.26 29.85 -28.51
CA PRO C 99 -19.55 29.19 -28.31
C PRO C 99 -19.39 27.69 -28.35
N PHE C 100 -20.36 27.00 -27.71
CA PHE C 100 -20.24 25.57 -27.51
C PHE C 100 -20.13 24.84 -28.86
N ASP C 101 -20.90 25.28 -29.84
CA ASP C 101 -20.92 24.64 -31.15
C ASP C 101 -19.76 25.06 -32.04
N MET C 102 -18.68 25.59 -31.47
CA MET C 102 -17.55 26.12 -32.24
C MET C 102 -17.03 25.07 -33.20
N PRO C 103 -16.39 25.47 -34.30
CA PRO C 103 -15.82 24.48 -35.22
C PRO C 103 -14.65 23.77 -34.57
N MET C 104 -14.56 22.45 -34.78
CA MET C 104 -13.45 21.72 -34.19
C MET C 104 -12.10 22.30 -34.57
N SER C 105 -12.02 23.05 -35.68
CA SER C 105 -10.76 23.70 -36.05
C SER C 105 -10.32 24.66 -34.97
N ASP C 106 -11.27 25.41 -34.39
CA ASP C 106 -10.95 26.37 -33.32
C ASP C 106 -10.53 25.65 -32.05
N PHE C 107 -11.25 24.57 -31.71
CA PHE C 107 -10.98 23.83 -30.48
C PHE C 107 -9.57 23.27 -30.47
N GLU C 108 -9.20 22.55 -31.55
CA GLU C 108 -7.88 21.94 -31.67
C GLU C 108 -6.78 23.00 -31.61
N TRP C 109 -7.00 24.13 -32.29
CA TRP C 109 -5.98 25.16 -32.39
C TRP C 109 -5.57 25.68 -31.01
N ALA C 110 -6.55 25.91 -30.13
CA ALA C 110 -6.22 26.38 -28.78
C ALA C 110 -5.38 25.35 -28.04
N PHE C 111 -5.61 24.06 -28.26
CA PHE C 111 -4.68 23.08 -27.71
C PHE C 111 -3.34 23.13 -28.39
N LYS C 112 -3.31 23.19 -29.74
CA LYS C 112 -2.05 23.38 -30.45
C LYS C 112 -1.32 24.61 -29.93
N LEU C 113 -2.06 25.67 -29.64
CA LEU C 113 -1.48 26.95 -29.26
C LEU C 113 -1.06 26.98 -27.80
N ASN C 114 -1.74 26.23 -26.92
CA ASN C 114 -1.49 26.32 -25.48
C ASN C 114 -0.80 25.11 -24.90
N LEU C 115 -0.91 23.95 -25.52
CA LEU C 115 -0.40 22.76 -24.87
C LEU C 115 0.73 22.16 -25.70
N PHE C 116 0.38 21.31 -26.68
CA PHE C 116 1.30 20.67 -27.61
C PHE C 116 2.61 21.40 -27.78
N SER C 117 2.54 22.67 -28.16
CA SER C 117 3.73 23.47 -28.37
C SER C 117 4.55 23.55 -27.11
N LEU C 118 3.98 24.17 -26.09
CA LEU C 118 4.67 24.26 -24.81
C LEU C 118 5.37 22.96 -24.50
N PHE C 119 4.61 21.87 -24.50
CA PHE C 119 5.17 20.56 -24.21
C PHE C 119 6.36 20.24 -25.09
N ARG C 120 6.32 20.64 -26.36
CA ARG C 120 7.40 20.27 -27.28
C ARG C 120 8.67 21.06 -26.99
N LEU C 121 8.57 22.39 -26.88
CA LEU C 121 9.74 23.19 -26.51
C LEU C 121 10.38 22.66 -25.23
N SER C 122 9.56 22.31 -24.25
CA SER C 122 10.04 21.82 -22.97
C SER C 122 10.58 20.40 -23.08
N GLN C 123 10.18 19.65 -24.08
CA GLN C 123 10.92 18.44 -24.41
C GLN C 123 12.32 18.81 -24.87
N LEU C 124 12.42 19.86 -25.67
CA LEU C 124 13.66 20.24 -26.31
C LEU C 124 14.68 20.72 -25.28
N ALA C 125 14.37 21.80 -24.58
CA ALA C 125 15.37 22.37 -23.67
C ALA C 125 15.75 21.46 -22.52
N ALA C 126 14.99 20.37 -22.27
CA ALA C 126 15.17 19.64 -21.01
C ALA C 126 16.50 18.92 -20.92
N PRO C 127 17.01 18.24 -21.97
CA PRO C 127 18.39 17.74 -21.85
C PRO C 127 19.45 18.83 -21.92
N HIS C 128 19.19 19.97 -22.57
CA HIS C 128 20.20 21.03 -22.58
C HIS C 128 20.24 21.78 -21.25
N MET C 129 19.09 21.92 -20.58
CA MET C 129 19.11 22.34 -19.19
C MET C 129 19.85 21.33 -18.32
N GLN C 130 19.74 20.04 -18.65
CA GLN C 130 20.39 19.02 -17.85
C GLN C 130 21.91 19.13 -17.90
N LYS C 131 22.45 19.64 -19.00
CA LYS C 131 23.90 19.85 -19.08
C LYS C 131 24.36 20.94 -18.12
N ALA C 132 23.70 22.11 -18.16
CA ALA C 132 23.91 23.23 -17.23
C ALA C 132 23.64 22.88 -15.77
N GLY C 133 23.38 21.61 -15.45
CA GLY C 133 23.09 21.15 -14.10
C GLY C 133 21.62 21.19 -13.75
N GLY C 134 20.92 22.25 -14.16
CA GLY C 134 19.51 22.38 -13.87
C GLY C 134 18.97 23.74 -14.29
N GLY C 135 17.65 23.84 -14.28
CA GLY C 135 16.97 25.07 -14.63
C GLY C 135 15.50 25.06 -14.26
N ALA C 136 14.80 26.12 -14.69
CA ALA C 136 13.39 26.33 -14.39
C ALA C 136 12.59 26.50 -15.68
N ILE C 137 11.54 25.67 -15.87
CA ILE C 137 10.52 25.85 -16.89
C ILE C 137 9.30 26.50 -16.25
N LEU C 138 8.67 27.45 -16.95
CA LEU C 138 7.50 28.18 -16.47
C LEU C 138 6.44 28.22 -17.57
N ASN C 139 5.23 27.80 -17.25
CA ASN C 139 4.14 27.96 -18.19
C ASN C 139 3.19 29.05 -17.70
N ILE C 140 2.50 29.70 -18.64
CA ILE C 140 1.50 30.71 -18.32
C ILE C 140 0.15 30.08 -18.56
N SER C 141 -0.61 29.86 -17.50
CA SER C 141 -1.91 29.26 -17.67
C SER C 141 -2.95 30.36 -17.81
N SER C 142 -4.10 30.16 -17.19
CA SER C 142 -5.10 31.21 -17.01
C SER C 142 -6.11 30.71 -16.01
N ILE C 143 -6.66 31.64 -15.22
CA ILE C 143 -7.74 31.29 -14.30
C ILE C 143 -8.91 30.61 -15.01
N ALA C 144 -8.95 30.63 -16.33
CA ALA C 144 -9.82 29.71 -17.02
C ALA C 144 -9.52 28.27 -16.62
N GLY C 145 -8.32 28.00 -16.11
CA GLY C 145 -7.90 26.62 -15.94
C GLY C 145 -8.53 25.91 -14.76
N GLU C 146 -8.91 26.66 -13.72
CA GLU C 146 -9.69 26.14 -12.63
C GLU C 146 -11.13 26.62 -12.66
N ASN C 147 -11.38 27.79 -13.23
CA ASN C 147 -12.72 28.35 -13.17
C ASN C 147 -13.60 27.72 -14.23
N THR C 148 -14.89 27.86 -14.02
CA THR C 148 -15.92 27.17 -14.80
C THR C 148 -16.97 28.20 -15.19
N ASN C 149 -17.17 28.40 -16.48
CA ASN C 149 -18.22 29.31 -16.89
C ASN C 149 -18.62 28.98 -18.31
N VAL C 150 -19.57 29.76 -18.82
CA VAL C 150 -20.14 29.52 -20.13
C VAL C 150 -19.15 29.95 -21.21
N ARG C 151 -19.19 29.23 -22.34
CA ARG C 151 -18.33 29.48 -23.50
C ARG C 151 -16.85 29.34 -23.16
N MET C 152 -16.49 28.43 -22.25
CA MET C 152 -15.11 28.27 -21.82
C MET C 152 -14.51 26.92 -22.20
N ALA C 153 -15.11 26.19 -23.14
CA ALA C 153 -14.69 24.81 -23.36
C ALA C 153 -13.28 24.75 -23.92
N SER C 154 -13.02 25.47 -25.02
CA SER C 154 -11.70 25.44 -25.64
C SER C 154 -10.69 26.20 -24.77
N TYR C 155 -11.04 27.41 -24.35
CA TYR C 155 -10.09 28.19 -23.56
C TYR C 155 -9.80 27.51 -22.23
N GLY C 156 -10.83 27.05 -21.54
CA GLY C 156 -10.73 26.46 -20.22
C GLY C 156 -10.07 25.10 -20.11
N SER C 157 -10.52 24.12 -20.90
CA SER C 157 -9.95 22.78 -20.82
C SER C 157 -8.48 22.75 -21.23
N SER C 158 -8.08 23.59 -22.19
CA SER C 158 -6.68 23.61 -22.62
C SER C 158 -5.75 24.11 -21.51
N LYS C 159 -6.03 25.30 -20.96
CA LYS C 159 -5.22 25.77 -19.84
C LYS C 159 -5.26 24.77 -18.68
N ALA C 160 -6.41 24.15 -18.45
CA ALA C 160 -6.47 23.06 -17.49
C ALA C 160 -5.42 22.01 -17.80
N ALA C 161 -5.40 21.54 -19.05
CA ALA C 161 -4.39 20.60 -19.51
C ALA C 161 -2.98 21.11 -19.21
N VAL C 162 -2.66 22.34 -19.66
CA VAL C 162 -1.39 22.97 -19.34
C VAL C 162 -1.07 22.78 -17.86
N ASN C 163 -2.03 23.08 -16.99
CA ASN C 163 -1.81 23.02 -15.55
C ASN C 163 -1.41 21.63 -15.11
N HIS C 164 -2.26 20.65 -15.36
CA HIS C 164 -1.93 19.35 -14.83
C HIS C 164 -0.70 18.75 -15.51
N LEU C 165 -0.36 19.23 -16.71
CA LEU C 165 0.91 18.87 -17.33
C LEU C 165 2.07 19.35 -16.46
N THR C 166 2.08 20.66 -16.17
CA THR C 166 2.98 21.24 -15.17
C THR C 166 3.05 20.37 -13.91
N ARG C 167 1.90 19.91 -13.41
CA ARG C 167 1.91 19.09 -12.21
C ARG C 167 2.60 17.74 -12.44
N ASN C 168 2.54 17.20 -13.65
CA ASN C 168 3.05 15.86 -13.85
C ASN C 168 4.46 15.83 -14.45
N ILE C 169 4.75 16.64 -15.46
CA ILE C 169 6.10 16.52 -16.01
C ILE C 169 7.16 16.94 -15.01
N ALA C 170 6.77 17.58 -13.90
CA ALA C 170 7.77 17.95 -12.90
C ALA C 170 8.35 16.73 -12.22
N PHE C 171 7.64 15.60 -12.29
CA PHE C 171 8.22 14.32 -11.88
C PHE C 171 9.19 13.79 -12.92
N ASP C 172 9.14 14.30 -14.15
CA ASP C 172 9.99 13.79 -15.23
C ASP C 172 11.31 14.56 -15.30
N VAL C 173 11.23 15.88 -15.49
CA VAL C 173 12.44 16.70 -15.43
C VAL C 173 12.88 17.02 -14.01
N GLY C 174 12.21 16.46 -13.02
CA GLY C 174 12.52 16.69 -11.62
C GLY C 174 13.82 16.07 -11.21
N PRO C 175 14.11 14.85 -11.68
CA PRO C 175 15.45 14.30 -11.43
C PRO C 175 16.53 14.91 -12.32
N MET C 176 16.18 15.56 -13.43
CA MET C 176 17.16 16.21 -14.29
C MET C 176 17.59 17.56 -13.77
N GLY C 177 17.31 17.88 -12.51
CA GLY C 177 17.61 19.18 -11.95
C GLY C 177 16.72 20.29 -12.42
N ILE C 178 15.59 19.97 -13.05
CA ILE C 178 14.65 20.96 -13.57
C ILE C 178 13.39 20.92 -12.72
N ARG C 179 12.80 22.11 -12.58
CA ARG C 179 11.54 22.28 -11.90
C ARG C 179 10.53 22.87 -12.86
N VAL C 180 9.28 22.46 -12.76
CA VAL C 180 8.22 22.97 -13.65
C VAL C 180 7.22 23.73 -12.80
N ASN C 181 6.96 24.98 -13.18
CA ASN C 181 5.85 25.71 -12.57
C ASN C 181 4.97 26.32 -13.65
N ALA C 182 3.90 26.94 -13.19
CA ALA C 182 2.94 27.62 -14.04
C ALA C 182 2.30 28.74 -13.24
N ILE C 183 1.81 29.75 -13.96
CA ILE C 183 1.03 30.82 -13.33
C ILE C 183 -0.27 30.97 -14.11
N ALA C 184 -1.40 30.84 -13.40
CA ALA C 184 -2.71 31.22 -13.94
C ALA C 184 -2.91 32.70 -13.67
N PRO C 185 -2.85 33.57 -14.68
CA PRO C 185 -3.07 35.00 -14.43
C PRO C 185 -4.55 35.32 -14.52
N GLY C 186 -4.96 36.31 -13.72
CA GLY C 186 -6.27 36.91 -13.81
C GLY C 186 -6.29 37.82 -15.01
N ALA C 187 -7.19 38.80 -15.07
CA ALA C 187 -7.21 39.72 -16.21
C ALA C 187 -6.05 40.71 -16.11
N MET C 188 -5.22 40.77 -17.17
CA MET C 188 -4.06 41.66 -17.19
C MET C 188 -4.36 42.90 -18.03
N LYS C 189 -4.44 44.05 -17.35
CA LYS C 189 -4.65 45.33 -18.02
C LYS C 189 -3.39 45.68 -18.80
N THR C 190 -3.27 45.13 -20.01
CA THR C 190 -2.16 45.42 -20.90
C THR C 190 -2.56 46.52 -21.88
N ASP C 191 -1.63 46.90 -22.75
CA ASP C 191 -1.99 47.88 -23.78
C ASP C 191 -3.04 47.31 -24.72
N ALA C 192 -2.90 46.03 -25.09
CA ALA C 192 -3.91 45.40 -25.94
C ALA C 192 -5.27 45.42 -25.28
N LEU C 193 -5.32 45.09 -23.99
CA LEU C 193 -6.60 44.99 -23.31
C LEU C 193 -7.21 46.36 -23.04
N ALA C 194 -6.36 47.32 -22.65
CA ALA C 194 -6.85 48.66 -22.35
C ALA C 194 -7.64 49.23 -23.53
N THR C 195 -7.13 49.03 -24.75
CA THR C 195 -7.77 49.63 -25.92
C THR C 195 -9.15 49.07 -26.20
N VAL C 196 -9.57 47.97 -25.57
CA VAL C 196 -10.93 47.49 -25.71
C VAL C 196 -11.58 47.33 -24.34
N LEU C 197 -11.00 47.96 -23.34
CA LEU C 197 -11.58 48.01 -22.01
C LEU C 197 -12.24 49.35 -21.79
N THR C 198 -13.05 49.43 -20.75
CA THR C 198 -13.81 50.63 -20.46
C THR C 198 -14.07 50.65 -18.96
N PRO C 199 -14.25 51.82 -18.35
CA PRO C 199 -14.42 51.86 -16.89
C PRO C 199 -15.66 51.12 -16.42
N GLU C 200 -16.75 51.21 -17.17
CA GLU C 200 -17.97 50.53 -16.76
C GLU C 200 -17.84 49.00 -16.83
N ILE C 201 -17.11 48.45 -17.82
CA ILE C 201 -16.77 47.03 -17.79
C ILE C 201 -15.79 46.73 -16.66
N GLU C 202 -14.71 47.50 -16.58
CA GLU C 202 -13.72 47.28 -15.54
C GLU C 202 -14.36 47.20 -14.17
N ARG C 203 -15.36 48.05 -13.91
CA ARG C 203 -16.00 47.97 -12.60
C ARG C 203 -16.74 46.65 -12.44
N ALA C 204 -17.22 46.10 -13.55
CA ALA C 204 -17.88 44.81 -13.47
C ALA C 204 -16.87 43.71 -13.22
N MET C 205 -15.74 43.75 -13.94
CA MET C 205 -14.74 42.70 -13.81
C MET C 205 -14.18 42.64 -12.41
N LEU C 206 -14.24 43.75 -11.69
CA LEU C 206 -13.48 43.97 -10.46
C LEU C 206 -14.29 43.68 -9.23
N LYS C 207 -15.58 44.02 -9.21
CA LYS C 207 -16.43 43.57 -8.12
C LYS C 207 -16.51 42.06 -8.19
N HIS C 208 -16.37 41.41 -7.02
CA HIS C 208 -15.94 40.01 -6.90
C HIS C 208 -14.46 39.80 -7.17
N THR C 209 -13.65 40.86 -7.07
CA THR C 209 -12.20 40.71 -6.92
C THR C 209 -11.79 41.42 -5.64
N PRO C 210 -11.33 40.68 -4.63
CA PRO C 210 -11.09 41.28 -3.31
C PRO C 210 -10.06 42.39 -3.30
N LEU C 211 -8.96 42.26 -4.05
CA LEU C 211 -7.99 43.34 -3.99
C LEU C 211 -8.49 44.61 -4.68
N GLY C 212 -9.25 44.49 -5.77
CA GLY C 212 -9.94 45.66 -6.29
C GLY C 212 -9.25 46.37 -7.43
N ARG C 213 -8.21 45.79 -8.01
CA ARG C 213 -7.61 46.35 -9.21
C ARG C 213 -7.36 45.23 -10.20
N LEU C 214 -7.22 45.62 -11.46
CA LEU C 214 -6.76 44.68 -12.47
C LEU C 214 -5.30 44.29 -12.25
N GLY C 215 -4.90 43.22 -12.88
CA GLY C 215 -3.51 42.90 -12.86
C GLY C 215 -2.76 43.82 -13.77
N GLU C 216 -1.45 43.84 -13.62
CA GLU C 216 -0.60 44.51 -14.59
C GLU C 216 0.62 43.67 -14.88
N ALA C 217 1.12 43.81 -16.11
CA ALA C 217 2.05 42.83 -16.64
C ALA C 217 3.22 42.58 -15.69
N GLN C 218 3.65 43.59 -14.93
CA GLN C 218 4.76 43.36 -14.01
C GLN C 218 4.38 42.33 -12.94
N ASP C 219 3.15 42.44 -12.38
CA ASP C 219 2.67 41.50 -11.37
C ASP C 219 2.88 40.04 -11.77
N ILE C 220 2.68 39.70 -13.04
CA ILE C 220 3.02 38.34 -13.49
C ILE C 220 4.52 38.15 -13.53
N ALA C 221 5.27 39.21 -13.85
CA ALA C 221 6.71 39.09 -14.03
C ALA C 221 7.41 38.94 -12.68
N ASN C 222 7.02 39.76 -11.70
CA ASN C 222 7.48 39.56 -10.34
C ASN C 222 7.32 38.11 -9.92
N ALA C 223 6.14 37.53 -10.12
CA ALA C 223 5.97 36.12 -9.80
C ALA C 223 6.84 35.23 -10.67
N ALA C 224 7.06 35.63 -11.93
CA ALA C 224 7.85 34.81 -12.83
C ALA C 224 9.31 34.84 -12.43
N LEU C 225 9.80 35.99 -11.95
CA LEU C 225 11.17 36.06 -11.48
C LEU C 225 11.37 35.21 -10.23
N PHE C 226 10.45 35.29 -9.28
CA PHE C 226 10.50 34.46 -8.09
C PHE C 226 10.48 32.98 -8.44
N LEU C 227 9.61 32.58 -9.36
CA LEU C 227 9.43 31.16 -9.66
C LEU C 227 10.62 30.60 -10.42
N CYS C 228 11.35 31.45 -11.12
CA CYS C 228 12.46 30.98 -11.91
C CYS C 228 13.79 31.14 -11.19
N SER C 229 13.87 32.05 -10.23
CA SER C 229 15.08 32.30 -9.48
C SER C 229 15.27 31.21 -8.44
N PRO C 230 16.44 31.18 -7.77
CA PRO C 230 16.59 30.23 -6.65
C PRO C 230 15.65 30.51 -5.50
N ALA C 231 15.10 31.72 -5.39
CA ALA C 231 14.16 31.98 -4.32
C ALA C 231 12.93 31.09 -4.36
N ALA C 232 12.81 30.20 -5.35
CA ALA C 232 11.83 29.13 -5.30
C ALA C 232 12.49 27.79 -5.61
N ALA C 233 13.71 27.60 -5.09
CA ALA C 233 14.55 26.50 -5.53
C ALA C 233 13.97 25.14 -5.17
N TRP C 234 13.18 25.05 -4.08
CA TRP C 234 12.52 23.80 -3.71
C TRP C 234 11.01 23.86 -3.99
N ILE C 235 10.61 24.67 -4.97
CA ILE C 235 9.21 24.80 -5.38
C ILE C 235 9.06 24.30 -6.81
N SER C 236 8.13 23.38 -7.02
CA SER C 236 7.97 22.80 -8.34
C SER C 236 6.65 22.07 -8.43
N GLY C 237 6.15 21.96 -9.66
CA GLY C 237 4.85 21.39 -9.90
C GLY C 237 3.72 22.37 -9.66
N GLN C 238 4.04 23.60 -9.32
CA GLN C 238 3.07 24.50 -8.75
C GLN C 238 2.33 25.25 -9.84
N VAL C 239 1.10 25.69 -9.54
CA VAL C 239 0.31 26.55 -10.41
C VAL C 239 -0.11 27.79 -9.64
N LEU C 240 0.75 28.80 -9.60
CA LEU C 240 0.51 30.00 -8.79
C LEU C 240 -0.53 30.90 -9.47
N THR C 241 -1.43 31.47 -8.68
CA THR C 241 -2.54 32.18 -9.32
C THR C 241 -2.52 33.66 -8.94
N VAL C 242 -2.06 34.47 -9.87
CA VAL C 242 -1.93 35.90 -9.67
C VAL C 242 -3.19 36.51 -10.24
N SER C 243 -4.24 36.64 -9.39
CA SER C 243 -5.49 37.25 -9.82
C SER C 243 -6.16 38.10 -8.74
N GLY C 244 -5.45 38.52 -7.70
CA GLY C 244 -6.06 39.37 -6.69
C GLY C 244 -7.15 38.72 -5.86
N GLY C 245 -7.10 37.39 -5.71
CA GLY C 245 -8.01 36.65 -4.87
C GLY C 245 -9.35 36.32 -5.49
N GLY C 246 -9.58 36.74 -6.73
CA GLY C 246 -10.88 36.56 -7.37
C GLY C 246 -10.74 36.12 -8.82
N VAL C 247 -11.89 35.91 -9.44
CA VAL C 247 -11.97 35.66 -10.86
C VAL C 247 -12.47 36.93 -11.57
N GLN C 248 -12.18 37.02 -12.86
CA GLN C 248 -12.59 38.20 -13.63
C GLN C 248 -13.41 37.82 -14.85
N SER D 1 34.96 -4.48 48.32
CA SER D 1 33.54 -4.59 47.98
C SER D 1 33.37 -5.70 46.93
N PRO D 2 32.34 -6.52 47.08
CA PRO D 2 32.04 -7.59 46.11
C PRO D 2 31.01 -7.21 45.05
N PHE D 3 30.63 -5.94 44.95
CA PHE D 3 29.62 -5.48 44.00
C PHE D 3 30.23 -4.99 42.70
N HIS D 4 31.19 -5.76 42.22
CA HIS D 4 31.99 -5.37 41.07
C HIS D 4 31.79 -6.41 39.97
N LEU D 5 32.16 -6.03 38.77
CA LEU D 5 32.14 -6.97 37.65
C LEU D 5 33.50 -7.05 36.96
N ASN D 6 34.57 -6.93 37.73
CA ASN D 6 35.92 -6.89 37.18
C ASN D 6 36.19 -8.16 36.39
N ASP D 7 37.02 -8.05 35.38
CA ASP D 7 37.46 -9.16 34.54
C ASP D 7 36.32 -9.87 33.81
N ALA D 8 35.11 -9.31 33.85
CA ALA D 8 33.97 -9.94 33.24
C ALA D 8 33.81 -9.51 31.80
N VAL D 9 33.33 -10.44 31.00
CA VAL D 9 32.85 -10.17 29.65
C VAL D 9 31.35 -10.43 29.70
N ALA D 10 30.56 -9.39 29.42
CA ALA D 10 29.13 -9.36 29.75
C ALA D 10 28.34 -8.98 28.50
N ILE D 11 27.73 -9.98 27.82
CA ILE D 11 26.87 -9.72 26.67
C ILE D 11 25.53 -9.22 27.16
N VAL D 12 24.99 -8.19 26.51
CA VAL D 12 23.77 -7.52 26.94
C VAL D 12 22.93 -7.27 25.70
N THR D 13 21.78 -7.94 25.59
CA THR D 13 20.95 -7.77 24.39
C THR D 13 19.91 -6.70 24.62
N GLY D 14 19.38 -6.19 23.53
CA GLY D 14 18.39 -5.14 23.63
C GLY D 14 18.91 -4.02 24.50
N ALA D 15 20.12 -3.55 24.20
CA ALA D 15 20.85 -2.63 25.06
C ALA D 15 20.88 -1.19 24.56
N ALA D 16 20.40 -0.89 23.35
CA ALA D 16 20.49 0.48 22.84
C ALA D 16 19.70 1.45 23.70
N ALA D 17 18.41 1.19 23.89
CA ALA D 17 17.53 2.06 24.63
C ALA D 17 17.23 1.54 26.03
N GLY D 18 16.54 2.34 26.81
CA GLY D 18 15.81 1.84 27.96
C GLY D 18 16.64 1.07 28.97
N ILE D 19 16.16 -0.12 29.31
CA ILE D 19 16.73 -0.88 30.43
C ILE D 19 18.11 -1.41 30.08
N GLY D 20 18.28 -1.92 28.85
CA GLY D 20 19.58 -2.46 28.46
C GLY D 20 20.69 -1.41 28.52
N ARG D 21 20.45 -0.20 28.07
CA ARG D 21 21.44 0.84 28.20
C ARG D 21 21.89 0.96 29.62
N ALA D 22 20.93 1.00 30.53
CA ALA D 22 21.34 1.17 31.91
C ALA D 22 22.21 0.02 32.37
N ILE D 23 21.96 -1.19 31.87
CA ILE D 23 22.71 -2.36 32.33
C ILE D 23 24.11 -2.37 31.73
N ALA D 24 24.18 -2.16 30.41
CA ALA D 24 25.47 -2.03 29.73
C ALA D 24 26.28 -0.88 30.31
N GLY D 25 25.67 0.30 30.45
CA GLY D 25 26.37 1.42 31.04
C GLY D 25 26.84 1.16 32.46
N THR D 26 26.02 0.45 33.24
CA THR D 26 26.38 0.19 34.63
C THR D 26 27.43 -0.91 34.72
N PHE D 27 27.32 -1.96 33.87
CA PHE D 27 28.28 -3.06 33.91
C PHE D 27 29.66 -2.63 33.45
N ALA D 28 29.72 -1.78 32.40
CA ALA D 28 30.98 -1.22 31.93
C ALA D 28 31.72 -0.52 33.05
N LYS D 29 30.97 0.14 33.94
CA LYS D 29 31.57 0.85 35.05
C LYS D 29 31.93 -0.08 36.19
N ALA D 30 31.10 -1.08 36.48
CA ALA D 30 31.38 -2.03 37.56
C ALA D 30 32.57 -2.93 37.27
N GLY D 31 33.17 -2.80 36.07
CA GLY D 31 34.40 -3.48 35.72
C GLY D 31 34.28 -4.45 34.57
N ALA D 32 33.09 -4.67 34.03
CA ALA D 32 32.95 -5.59 32.93
C ALA D 32 33.31 -4.90 31.63
N SER D 33 33.78 -5.70 30.69
CA SER D 33 33.83 -5.30 29.29
C SER D 33 32.52 -5.76 28.66
N VAL D 34 31.71 -4.80 28.21
CA VAL D 34 30.37 -5.07 27.71
C VAL D 34 30.43 -5.37 26.22
N VAL D 35 29.67 -6.39 25.81
CA VAL D 35 29.32 -6.59 24.41
C VAL D 35 27.91 -6.05 24.28
N VAL D 36 27.79 -4.77 23.86
CA VAL D 36 26.50 -4.09 23.71
C VAL D 36 25.83 -4.56 22.42
N THR D 37 24.51 -4.68 22.45
CA THR D 37 23.76 -5.34 21.42
C THR D 37 22.36 -4.76 21.31
N ASP D 38 21.80 -4.80 20.09
CA ASP D 38 20.43 -4.40 19.88
C ASP D 38 20.02 -4.73 18.45
N LEU D 39 18.71 -4.56 18.16
CA LEU D 39 18.25 -4.56 16.77
C LEU D 39 18.92 -3.48 15.96
N LYS D 40 19.07 -2.29 16.53
CA LYS D 40 19.59 -1.14 15.80
C LYS D 40 21.08 -1.07 16.08
N SER D 41 21.88 -1.58 15.12
CA SER D 41 23.33 -1.58 15.24
C SER D 41 23.86 -0.18 15.54
N GLU D 42 23.37 0.81 14.80
CA GLU D 42 23.74 2.19 15.09
C GLU D 42 23.48 2.53 16.55
N GLY D 43 22.25 2.33 17.02
CA GLY D 43 21.94 2.57 18.42
C GLY D 43 22.80 1.76 19.38
N ALA D 44 23.10 0.51 19.02
CA ALA D 44 24.04 -0.28 19.81
C ALA D 44 25.41 0.40 19.86
N GLU D 45 25.93 0.83 18.71
CA GLU D 45 27.25 1.46 18.67
C GLU D 45 27.27 2.73 19.50
N ALA D 46 26.12 3.40 19.63
CA ALA D 46 26.03 4.58 20.47
C ALA D 46 26.35 4.27 21.91
N VAL D 47 25.66 3.26 22.47
CA VAL D 47 25.87 2.91 23.87
C VAL D 47 27.32 2.48 24.11
N ALA D 48 27.85 1.62 23.21
CA ALA D 48 29.22 1.12 23.36
C ALA D 48 30.22 2.26 23.24
N ALA D 49 30.04 3.13 22.25
CA ALA D 49 30.86 4.33 22.17
C ALA D 49 30.77 5.16 23.45
N ALA D 50 29.54 5.51 23.86
CA ALA D 50 29.34 6.26 25.09
C ALA D 50 30.03 5.58 26.28
N ILE D 51 30.08 4.24 26.27
CA ILE D 51 30.73 3.49 27.36
C ILE D 51 32.24 3.67 27.29
N ARG D 52 32.83 3.42 26.10
CA ARG D 52 34.26 3.66 25.87
C ARG D 52 34.62 5.08 26.30
N GLN D 53 33.82 6.04 25.88
CA GLN D 53 34.12 7.41 26.21
C GLN D 53 34.15 7.58 27.72
N ALA D 54 33.33 6.82 28.43
CA ALA D 54 33.16 6.93 29.88
C ALA D 54 34.25 6.24 30.68
N GLY D 55 35.16 5.53 30.01
CA GLY D 55 36.20 4.75 30.66
C GLY D 55 36.01 3.26 30.50
N GLY D 56 34.87 2.81 29.99
CA GLY D 56 34.59 1.39 29.92
C GLY D 56 35.17 0.73 28.70
N LYS D 57 35.25 -0.59 28.77
CA LYS D 57 35.55 -1.45 27.63
C LYS D 57 34.21 -1.87 27.00
N ALA D 58 34.03 -1.60 25.69
CA ALA D 58 32.79 -2.01 25.01
C ALA D 58 32.77 -2.00 23.47
N ILE D 59 32.40 -3.13 22.86
CA ILE D 59 32.13 -3.19 21.43
C ILE D 59 30.62 -3.04 21.19
N GLY D 60 30.26 -2.52 20.01
CA GLY D 60 28.86 -2.35 19.62
C GLY D 60 28.48 -3.35 18.54
N LEU D 61 27.37 -4.07 18.76
CA LEU D 61 26.95 -5.14 17.86
C LEU D 61 25.44 -5.05 17.60
N GLU D 62 25.02 -5.62 16.48
CA GLU D 62 23.59 -5.82 16.25
C GLU D 62 23.24 -7.27 16.52
N CYS D 63 22.16 -7.49 17.27
CA CYS D 63 21.60 -8.82 17.43
C CYS D 63 20.11 -8.72 17.63
N ASN D 64 19.39 -9.26 16.68
CA ASN D 64 17.97 -9.57 16.79
C ASN D 64 17.87 -10.96 17.39
N VAL D 65 17.43 -11.05 18.64
CA VAL D 65 17.58 -12.28 19.40
C VAL D 65 16.61 -13.36 18.93
N THR D 66 15.74 -13.04 17.97
CA THR D 66 14.96 -14.08 17.33
C THR D 66 15.70 -14.70 16.16
N ASP D 67 16.93 -14.28 15.90
CA ASP D 67 17.64 -14.63 14.68
C ASP D 67 18.78 -15.58 15.01
N GLU D 68 18.62 -16.86 14.67
CA GLU D 68 19.63 -17.84 15.04
C GLU D 68 20.99 -17.48 14.46
N GLN D 69 21.00 -16.77 13.30
CA GLN D 69 22.26 -16.33 12.72
C GLN D 69 22.87 -15.23 13.60
N HIS D 70 22.04 -14.27 14.01
CA HIS D 70 22.50 -13.17 14.85
C HIS D 70 23.04 -13.68 16.17
N ARG D 71 22.28 -14.53 16.86
CA ARG D 71 22.69 -15.00 18.16
C ARG D 71 24.07 -15.64 18.10
N GLU D 72 24.25 -16.64 17.22
CA GLU D 72 25.56 -17.27 17.14
C GLU D 72 26.64 -16.30 16.67
N ALA D 73 26.27 -15.20 16.02
CA ALA D 73 27.22 -14.14 15.68
C ALA D 73 27.75 -13.45 16.93
N VAL D 74 26.84 -13.00 17.80
CA VAL D 74 27.21 -12.36 19.06
C VAL D 74 28.13 -13.25 19.88
N ILE D 75 27.74 -14.51 20.08
CA ILE D 75 28.58 -15.40 20.87
C ILE D 75 30.03 -15.36 20.37
N LYS D 76 30.22 -15.52 19.06
CA LYS D 76 31.56 -15.50 18.47
C LYS D 76 32.17 -14.10 18.49
N ALA D 77 31.36 -13.05 18.32
CA ALA D 77 31.89 -11.70 18.49
C ALA D 77 32.47 -11.53 19.88
N ALA D 78 31.74 -11.99 20.89
CA ALA D 78 32.14 -11.82 22.27
C ALA D 78 33.46 -12.53 22.55
N LEU D 79 33.61 -13.73 22.00
CA LEU D 79 34.84 -14.50 22.23
C LEU D 79 36.01 -13.91 21.44
N ASP D 80 35.79 -13.49 20.20
CA ASP D 80 36.89 -12.96 19.42
C ASP D 80 37.38 -11.64 20.02
N GLN D 81 36.48 -10.87 20.60
CA GLN D 81 36.90 -9.57 21.12
C GLN D 81 37.58 -9.67 22.49
N PHE D 82 36.94 -10.33 23.48
CA PHE D 82 37.44 -10.30 24.86
C PHE D 82 37.95 -11.62 25.41
N GLY D 83 37.81 -12.72 24.68
CA GLY D 83 38.38 -13.99 25.07
C GLY D 83 37.42 -14.95 25.77
N LYS D 84 36.38 -14.44 26.42
CA LYS D 84 35.49 -15.31 27.18
C LYS D 84 34.10 -14.70 27.22
N ILE D 85 33.21 -15.36 27.97
CA ILE D 85 31.88 -14.86 28.32
C ILE D 85 31.61 -15.31 29.74
N THR D 86 31.43 -14.37 30.67
CA THR D 86 30.99 -14.75 32.00
C THR D 86 29.59 -14.24 32.38
N VAL D 87 29.05 -13.21 31.71
CA VAL D 87 27.74 -12.68 32.09
C VAL D 87 26.85 -12.51 30.86
N LEU D 88 25.62 -13.05 30.94
CA LEU D 88 24.64 -12.90 29.86
C LEU D 88 23.39 -12.22 30.40
N VAL D 89 23.11 -11.02 29.91
CA VAL D 89 21.91 -10.28 30.30
C VAL D 89 20.94 -10.42 29.13
N ASN D 90 19.93 -11.27 29.30
CA ASN D 90 18.87 -11.43 28.31
C ASN D 90 17.83 -10.37 28.58
N ASN D 91 17.90 -9.26 27.85
CA ASN D 91 17.00 -8.16 28.12
C ASN D 91 16.04 -7.86 26.96
N ALA D 92 16.46 -8.10 25.71
CA ALA D 92 15.57 -8.08 24.56
C ALA D 92 14.29 -8.87 24.83
N GLY D 93 13.18 -8.39 24.27
CA GLY D 93 11.87 -8.98 24.49
C GLY D 93 10.87 -7.89 24.81
N GLY D 94 9.58 -8.20 24.83
CA GLY D 94 8.59 -7.16 25.01
C GLY D 94 7.12 -7.54 25.14
N GLY D 95 6.33 -7.21 24.10
CA GLY D 95 4.89 -7.44 24.03
C GLY D 95 4.06 -6.70 25.06
N GLY D 96 2.71 -6.75 24.94
CA GLY D 96 1.80 -6.14 25.89
C GLY D 96 0.36 -6.47 25.58
N PRO D 97 -0.60 -5.58 25.93
CA PRO D 97 -2.01 -5.88 25.70
C PRO D 97 -2.29 -6.39 24.30
N LYS D 98 -3.18 -7.39 24.23
CA LYS D 98 -3.63 -8.06 23.01
C LYS D 98 -4.95 -8.74 23.33
N PRO D 99 -5.96 -8.64 22.47
CA PRO D 99 -7.26 -9.23 22.80
C PRO D 99 -7.21 -10.74 22.72
N PHE D 100 -8.08 -11.37 23.53
CA PHE D 100 -8.12 -12.83 23.62
C PHE D 100 -8.17 -13.49 22.24
N ASP D 101 -8.87 -12.87 21.30
CA ASP D 101 -9.06 -13.39 19.95
C ASP D 101 -7.83 -13.28 19.05
N MET D 102 -6.74 -12.65 19.54
CA MET D 102 -5.51 -12.31 18.80
C MET D 102 -5.07 -13.41 17.82
N PRO D 103 -4.39 -13.03 16.74
CA PRO D 103 -3.94 -14.05 15.77
C PRO D 103 -2.85 -14.92 16.38
N MET D 104 -2.83 -16.19 16.01
CA MET D 104 -1.81 -17.05 16.59
C MET D 104 -0.42 -16.47 16.34
N SER D 105 -0.20 -15.89 15.16
CA SER D 105 1.09 -15.27 14.86
C SER D 105 1.49 -14.30 15.96
N ASP D 106 0.60 -13.39 16.32
CA ASP D 106 0.79 -12.55 17.50
C ASP D 106 1.19 -13.36 18.72
N PHE D 107 0.44 -14.44 19.00
CA PHE D 107 0.69 -15.19 20.22
C PHE D 107 2.08 -15.81 20.20
N GLU D 108 2.39 -16.55 19.13
CA GLU D 108 3.62 -17.33 19.12
C GLU D 108 4.82 -16.41 19.13
N TRP D 109 4.70 -15.25 18.47
CA TRP D 109 5.82 -14.31 18.40
C TRP D 109 6.25 -13.83 19.79
N ALA D 110 5.30 -13.62 20.70
CA ALA D 110 5.67 -13.26 22.07
C ALA D 110 6.52 -14.36 22.73
N PHE D 111 6.34 -15.61 22.33
CA PHE D 111 7.22 -16.62 22.87
C PHE D 111 8.55 -16.69 22.13
N LYS D 112 8.50 -16.51 20.80
CA LYS D 112 9.74 -16.32 20.04
C LYS D 112 10.54 -15.16 20.63
N LEU D 113 9.92 -14.00 20.79
CA LEU D 113 10.66 -12.84 21.23
C LEU D 113 11.10 -12.99 22.68
N ASN D 114 10.17 -13.31 23.59
CA ASN D 114 10.45 -13.26 25.04
C ASN D 114 11.13 -14.50 25.60
N LEU D 115 10.90 -15.67 25.03
CA LEU D 115 11.35 -16.89 25.67
C LEU D 115 12.34 -17.68 24.85
N PHE D 116 11.95 -18.19 23.68
CA PHE D 116 12.85 -19.04 22.91
C PHE D 116 14.20 -18.38 22.72
N SER D 117 14.21 -17.08 22.38
CA SER D 117 15.45 -16.34 22.14
C SER D 117 16.38 -16.40 23.33
N LEU D 118 15.90 -15.96 24.51
CA LEU D 118 16.76 -16.02 25.68
C LEU D 118 17.05 -17.45 26.05
N PHE D 119 16.13 -18.38 25.77
CA PHE D 119 16.48 -19.79 25.95
C PHE D 119 17.63 -20.18 25.05
N ARG D 120 17.61 -19.70 23.79
CA ARG D 120 18.63 -20.05 22.81
C ARG D 120 19.95 -19.37 23.12
N LEU D 121 19.93 -18.09 23.48
CA LEU D 121 21.19 -17.44 23.83
C LEU D 121 21.83 -18.08 25.05
N SER D 122 21.00 -18.51 26.02
CA SER D 122 21.53 -19.14 27.23
C SER D 122 22.21 -20.48 26.94
N GLN D 123 21.62 -21.26 26.02
CA GLN D 123 22.28 -22.48 25.54
C GLN D 123 23.63 -22.18 24.90
N LEU D 124 23.78 -21.03 24.22
CA LEU D 124 24.97 -20.78 23.41
C LEU D 124 26.13 -20.23 24.23
N ALA D 125 25.82 -19.41 25.24
CA ALA D 125 26.85 -18.82 26.10
C ALA D 125 27.29 -19.75 27.19
N ALA D 126 26.48 -20.77 27.52
CA ALA D 126 26.64 -21.54 28.75
C ALA D 126 27.92 -22.39 28.74
N PRO D 127 28.26 -23.09 27.65
CA PRO D 127 29.54 -23.81 27.65
C PRO D 127 30.76 -22.89 27.71
N HIS D 128 30.64 -21.60 27.35
CA HIS D 128 31.75 -20.67 27.49
C HIS D 128 31.87 -20.13 28.90
N MET D 129 30.76 -20.10 29.64
CA MET D 129 30.86 -19.77 31.05
C MET D 129 31.58 -20.86 31.82
N GLN D 130 31.29 -22.11 31.47
CA GLN D 130 31.91 -23.22 32.20
C GLN D 130 33.41 -23.27 31.94
N LYS D 131 33.83 -23.16 30.67
CA LYS D 131 35.26 -23.11 30.37
C LYS D 131 35.92 -22.06 31.25
N ALA D 132 35.41 -20.84 31.23
CA ALA D 132 35.87 -19.70 32.03
C ALA D 132 35.75 -19.91 33.53
N GLY D 133 35.14 -21.01 34.00
CA GLY D 133 34.90 -21.25 35.40
C GLY D 133 33.49 -21.03 35.89
N GLY D 134 32.56 -20.62 35.04
CA GLY D 134 31.21 -20.29 35.46
C GLY D 134 30.86 -18.84 35.21
N GLY D 135 29.59 -18.52 35.48
CA GLY D 135 29.14 -17.16 35.30
C GLY D 135 27.74 -16.89 35.82
N ALA D 136 27.15 -15.83 35.29
CA ALA D 136 25.84 -15.35 35.69
C ALA D 136 25.01 -15.10 34.45
N ILE D 137 23.79 -15.65 34.43
CA ILE D 137 22.79 -15.31 33.41
C ILE D 137 21.67 -14.54 34.09
N LEU D 138 21.14 -13.53 33.40
CA LEU D 138 20.06 -12.70 33.92
C LEU D 138 19.00 -12.55 32.85
N ASN D 139 17.77 -12.93 33.19
CA ASN D 139 16.64 -12.67 32.32
C ASN D 139 15.94 -11.40 32.81
N ILE D 140 15.32 -10.69 31.90
CA ILE D 140 14.48 -9.55 32.24
C ILE D 140 13.05 -9.94 31.92
N SER D 141 12.26 -10.10 32.98
CA SER D 141 10.90 -10.61 32.84
C SER D 141 9.89 -9.47 32.83
N SER D 142 8.99 -9.47 33.81
CA SER D 142 7.89 -8.51 33.92
C SER D 142 7.02 -8.88 35.12
N ILE D 143 6.34 -7.90 35.72
CA ILE D 143 5.37 -8.23 36.76
C ILE D 143 4.20 -9.01 36.18
N ALA D 144 3.95 -8.84 34.88
CA ALA D 144 2.79 -9.43 34.21
C ALA D 144 2.82 -10.94 34.27
N GLY D 145 3.87 -11.50 34.86
CA GLY D 145 4.12 -12.92 34.89
C GLY D 145 3.68 -13.57 36.19
N GLU D 146 3.81 -12.85 37.31
CA GLU D 146 3.17 -13.23 38.56
C GLU D 146 1.71 -12.78 38.60
N ASN D 147 1.30 -11.91 37.69
CA ASN D 147 0.11 -11.12 37.91
C ASN D 147 -0.93 -11.37 36.84
N THR D 148 -2.19 -11.14 37.20
CA THR D 148 -3.34 -11.56 36.40
C THR D 148 -4.16 -10.35 36.01
N ASN D 149 -4.59 -10.30 34.76
CA ASN D 149 -5.41 -9.19 34.29
C ASN D 149 -5.89 -9.52 32.88
N VAL D 150 -6.76 -8.65 32.34
CA VAL D 150 -7.44 -8.94 31.10
C VAL D 150 -6.54 -8.56 29.91
N ARG D 151 -6.72 -9.22 28.77
CA ARG D 151 -5.86 -8.99 27.61
C ARG D 151 -4.39 -9.21 27.94
N MET D 152 -4.08 -10.16 28.83
CA MET D 152 -2.70 -10.51 29.14
C MET D 152 -2.37 -11.92 28.69
N ALA D 153 -3.08 -12.41 27.66
CA ALA D 153 -2.96 -13.80 27.26
C ALA D 153 -1.54 -14.16 26.85
N SER D 154 -0.96 -13.42 25.88
CA SER D 154 0.36 -13.70 25.31
C SER D 154 1.49 -13.08 26.12
N TYR D 155 1.41 -11.77 26.43
CA TYR D 155 2.44 -11.13 27.23
C TYR D 155 2.61 -11.84 28.57
N GLY D 156 1.51 -11.95 29.34
CA GLY D 156 1.59 -12.47 30.70
C GLY D 156 2.11 -13.90 30.79
N SER D 157 1.59 -14.80 29.94
CA SER D 157 1.95 -16.22 29.99
C SER D 157 3.36 -16.49 29.47
N SER D 158 3.90 -15.61 28.62
CA SER D 158 5.27 -15.77 28.13
C SER D 158 6.30 -15.34 29.16
N LYS D 159 5.98 -14.31 29.96
CA LYS D 159 6.88 -13.88 31.02
C LYS D 159 6.86 -14.88 32.17
N ALA D 160 5.68 -15.43 32.46
CA ALA D 160 5.60 -16.56 33.40
C ALA D 160 6.50 -17.70 32.96
N ALA D 161 6.47 -18.04 31.68
CA ALA D 161 7.37 -19.06 31.15
C ALA D 161 8.84 -18.66 31.37
N VAL D 162 9.15 -17.39 31.16
CA VAL D 162 10.48 -16.88 31.47
C VAL D 162 10.80 -17.08 32.94
N ASN D 163 9.90 -16.62 33.82
CA ASN D 163 10.19 -16.72 35.23
C ASN D 163 10.51 -18.15 35.62
N HIS D 164 9.69 -19.10 35.18
CA HIS D 164 9.84 -20.47 35.68
C HIS D 164 10.94 -21.22 34.97
N LEU D 165 11.23 -20.84 33.71
CA LEU D 165 12.46 -21.29 33.05
C LEU D 165 13.69 -20.90 33.86
N THR D 166 13.74 -19.64 34.32
CA THR D 166 14.83 -19.20 35.19
C THR D 166 14.99 -20.14 36.36
N ARG D 167 13.86 -20.41 37.03
CA ARG D 167 13.80 -21.29 38.18
C ARG D 167 14.48 -22.64 37.92
N ASN D 168 14.13 -23.30 36.79
CA ASN D 168 14.51 -24.70 36.57
C ASN D 168 15.92 -24.84 35.98
N ILE D 169 16.18 -24.22 34.83
CA ILE D 169 17.49 -24.37 34.21
C ILE D 169 18.62 -23.96 35.14
N ALA D 170 18.31 -23.33 36.26
CA ALA D 170 19.32 -23.11 37.27
C ALA D 170 19.78 -24.43 37.83
N PHE D 171 18.85 -25.38 37.94
CA PHE D 171 19.23 -26.74 38.27
C PHE D 171 20.11 -27.35 37.18
N ASP D 172 19.82 -27.06 35.92
CA ASP D 172 20.66 -27.62 34.86
C ASP D 172 22.10 -27.09 34.90
N VAL D 173 22.30 -25.78 35.13
CA VAL D 173 23.61 -25.14 34.96
C VAL D 173 24.21 -24.65 36.27
N GLY D 174 23.51 -24.79 37.38
CA GLY D 174 24.12 -24.53 38.65
C GLY D 174 25.33 -25.39 38.93
N PRO D 175 25.42 -26.60 38.34
CA PRO D 175 26.66 -27.38 38.46
C PRO D 175 27.78 -26.99 37.49
N MET D 176 27.53 -26.11 36.52
CA MET D 176 28.58 -25.58 35.66
C MET D 176 29.18 -24.30 36.21
N GLY D 177 28.64 -23.80 37.31
CA GLY D 177 29.06 -22.55 37.91
C GLY D 177 28.15 -21.38 37.57
N ILE D 178 27.13 -21.62 36.77
CA ILE D 178 26.33 -20.56 36.16
C ILE D 178 25.10 -20.30 37.02
N ARG D 179 24.82 -19.03 37.29
CA ARG D 179 23.66 -18.61 38.07
C ARG D 179 22.63 -17.94 37.17
N VAL D 180 21.41 -18.48 37.15
CA VAL D 180 20.32 -17.89 36.41
C VAL D 180 19.42 -17.17 37.38
N ASN D 181 19.16 -15.88 37.13
CA ASN D 181 18.12 -15.14 37.86
C ASN D 181 17.42 -14.20 36.90
N ALA D 182 16.24 -13.74 37.30
CA ALA D 182 15.40 -12.94 36.41
C ALA D 182 14.80 -11.77 37.18
N ILE D 183 14.98 -10.55 36.69
CA ILE D 183 14.32 -9.40 37.31
C ILE D 183 13.03 -9.11 36.57
N ALA D 184 11.96 -8.89 37.33
CA ALA D 184 10.65 -8.61 36.77
C ALA D 184 10.28 -7.17 37.12
N PRO D 185 10.31 -6.26 36.16
CA PRO D 185 10.11 -4.85 36.48
C PRO D 185 8.64 -4.45 36.49
N GLY D 186 8.34 -3.46 37.33
CA GLY D 186 7.08 -2.74 37.22
C GLY D 186 7.09 -1.79 36.02
N ALA D 187 6.17 -0.82 36.00
CA ALA D 187 6.15 0.18 34.94
C ALA D 187 7.39 1.08 35.01
N MET D 188 7.91 1.44 33.85
CA MET D 188 9.22 2.06 33.75
C MET D 188 9.14 3.37 32.99
N LYS D 189 9.54 4.46 33.67
CA LYS D 189 9.66 5.74 33.00
C LYS D 189 10.88 5.67 32.07
N THR D 190 10.63 5.25 30.83
CA THR D 190 11.65 4.92 29.86
C THR D 190 11.82 5.99 28.80
N ASP D 191 11.38 7.21 29.10
CA ASP D 191 11.50 8.32 28.15
C ASP D 191 10.63 8.05 26.92
N ALA D 192 10.26 6.79 26.70
CA ALA D 192 9.31 6.46 25.66
C ALA D 192 7.91 6.37 26.24
N LEU D 193 7.78 5.73 27.41
CA LEU D 193 6.59 5.94 28.22
C LEU D 193 6.30 7.43 28.37
N ALA D 194 7.33 8.22 28.67
CA ALA D 194 7.20 9.66 28.89
C ALA D 194 6.46 10.37 27.76
N THR D 195 6.61 9.91 26.53
CA THR D 195 5.92 10.53 25.42
C THR D 195 4.50 10.03 25.26
N VAL D 196 4.04 9.15 26.14
CA VAL D 196 2.63 8.82 26.25
C VAL D 196 2.09 9.15 27.64
N LEU D 197 2.97 9.56 28.55
CA LEU D 197 2.67 9.69 29.96
C LEU D 197 2.15 11.09 30.28
N THR D 198 1.51 11.18 31.44
CA THR D 198 0.90 12.40 31.96
C THR D 198 0.73 12.20 33.46
N PRO D 199 0.74 13.27 34.26
CA PRO D 199 0.74 13.08 35.72
C PRO D 199 -0.48 12.34 36.23
N GLU D 200 -1.59 12.35 35.48
CA GLU D 200 -2.80 11.65 35.92
C GLU D 200 -2.72 10.16 35.60
N ILE D 201 -2.31 9.79 34.37
CA ILE D 201 -1.93 8.40 34.12
C ILE D 201 -0.96 7.94 35.20
N GLU D 202 0.05 8.77 35.46
CA GLU D 202 1.14 8.40 36.35
C GLU D 202 0.64 8.15 37.78
N ARG D 203 -0.30 8.96 38.26
CA ARG D 203 -0.81 8.76 39.63
C ARG D 203 -1.91 7.71 39.66
N ALA D 204 -2.49 7.37 38.49
CA ALA D 204 -3.29 6.16 38.34
C ALA D 204 -2.39 4.96 38.60
N MET D 205 -1.54 4.63 37.62
CA MET D 205 -0.44 3.66 37.73
C MET D 205 0.17 3.59 39.13
N LEU D 206 0.15 4.71 39.85
CA LEU D 206 0.86 4.84 41.11
C LEU D 206 -0.01 4.60 42.33
N LYS D 207 -1.34 4.57 42.19
CA LYS D 207 -2.14 4.06 43.29
C LYS D 207 -1.84 2.58 43.44
N HIS D 208 -1.77 2.12 44.69
CA HIS D 208 -1.45 0.74 45.07
C HIS D 208 0.04 0.42 44.97
N THR D 209 0.88 1.43 44.70
CA THR D 209 2.32 1.28 44.67
C THR D 209 2.91 2.03 45.84
N PRO D 210 3.24 1.35 46.94
CA PRO D 210 3.65 2.05 48.18
C PRO D 210 4.67 3.17 47.97
N LEU D 211 5.83 2.83 47.41
CA LEU D 211 6.89 3.79 47.11
C LEU D 211 6.42 4.88 46.14
N GLY D 212 5.25 4.71 45.53
CA GLY D 212 4.58 5.80 44.84
C GLY D 212 5.40 6.60 43.87
N ARG D 213 6.37 5.97 43.23
CA ARG D 213 7.09 6.65 42.17
C ARG D 213 7.26 5.63 41.08
N LEU D 214 7.16 6.06 39.83
CA LEU D 214 7.38 5.15 38.76
C LEU D 214 8.85 4.82 38.79
N GLY D 215 9.38 4.27 37.71
CA GLY D 215 10.75 3.83 37.78
C GLY D 215 11.55 4.26 36.62
N GLU D 216 12.85 4.14 36.77
CA GLU D 216 13.74 4.50 35.68
C GLU D 216 14.65 3.33 35.34
N ALA D 217 15.23 3.36 34.14
CA ALA D 217 16.13 2.29 33.72
C ALA D 217 17.19 2.00 34.78
N GLN D 218 17.69 3.03 35.47
CA GLN D 218 18.78 2.80 36.42
C GLN D 218 18.36 1.85 37.55
N ASP D 219 17.07 1.76 37.84
CA ASP D 219 16.60 0.87 38.90
C ASP D 219 16.88 -0.59 38.59
N ILE D 220 16.44 -1.06 37.42
CA ILE D 220 16.70 -2.45 37.06
C ILE D 220 18.19 -2.70 37.06
N ALA D 221 18.94 -1.75 36.50
CA ALA D 221 20.37 -1.88 36.35
C ALA D 221 21.06 -2.06 37.69
N ASN D 222 20.55 -1.42 38.74
CA ASN D 222 21.17 -1.62 40.05
C ASN D 222 20.97 -3.06 40.51
N ALA D 223 19.71 -3.52 40.53
CA ALA D 223 19.42 -4.90 40.87
C ALA D 223 20.16 -5.84 39.94
N ALA D 224 20.24 -5.47 38.66
CA ALA D 224 20.93 -6.27 37.66
C ALA D 224 22.39 -6.48 38.01
N LEU D 225 23.11 -5.37 38.20
CA LEU D 225 24.51 -5.43 38.64
C LEU D 225 24.67 -6.36 39.83
N PHE D 226 23.80 -6.20 40.82
CA PHE D 226 23.87 -7.02 42.01
C PHE D 226 23.76 -8.49 41.65
N LEU D 227 22.65 -8.85 41.00
CA LEU D 227 22.35 -10.24 40.72
C LEU D 227 23.42 -10.92 39.87
N CYS D 228 24.20 -10.14 39.13
CA CYS D 228 25.31 -10.65 38.35
C CYS D 228 26.66 -10.44 39.01
N SER D 229 26.70 -9.77 40.20
CA SER D 229 27.93 -9.49 40.96
C SER D 229 28.24 -10.63 41.91
N PRO D 230 29.49 -10.73 42.37
CA PRO D 230 29.82 -11.80 43.33
C PRO D 230 29.06 -11.69 44.64
N ALA D 231 28.48 -10.53 44.93
CA ALA D 231 27.75 -10.34 46.18
C ALA D 231 26.54 -11.27 46.26
N ALA D 232 26.03 -11.77 45.12
CA ALA D 232 24.93 -12.73 45.10
C ALA D 232 25.42 -14.12 44.71
N ALA D 233 26.65 -14.45 45.11
CA ALA D 233 27.32 -15.72 44.82
C ALA D 233 26.40 -16.91 44.95
N TRP D 234 25.45 -16.86 45.90
CA TRP D 234 24.65 -18.01 46.29
C TRP D 234 23.16 -17.77 46.07
N ILE D 235 22.81 -16.80 45.23
CA ILE D 235 21.46 -16.56 44.73
C ILE D 235 21.37 -17.14 43.32
N SER D 236 20.36 -17.97 43.06
CA SER D 236 20.11 -18.54 41.74
C SER D 236 18.65 -18.94 41.63
N GLY D 237 18.12 -18.89 40.41
CA GLY D 237 16.74 -19.23 40.17
C GLY D 237 15.75 -18.27 40.77
N GLN D 238 16.19 -17.09 41.14
CA GLN D 238 15.32 -16.14 41.79
C GLN D 238 14.69 -15.23 40.75
N VAL D 239 13.49 -14.72 41.09
CA VAL D 239 12.81 -13.67 40.32
C VAL D 239 12.59 -12.49 41.27
N LEU D 240 13.47 -11.50 41.22
CA LEU D 240 13.29 -10.28 42.00
C LEU D 240 12.34 -9.33 41.26
N THR D 241 11.26 -8.96 41.91
CA THR D 241 10.32 -8.01 41.32
C THR D 241 10.70 -6.63 41.81
N VAL D 242 11.05 -5.77 40.87
CA VAL D 242 11.43 -4.41 41.19
C VAL D 242 10.34 -3.50 40.64
N SER D 243 9.32 -3.26 41.49
CA SER D 243 8.10 -2.56 41.10
C SER D 243 7.56 -1.68 42.21
N GLY D 244 8.41 -1.25 43.14
CA GLY D 244 7.99 -0.43 44.25
C GLY D 244 7.22 -1.14 45.34
N GLY D 245 6.70 -2.32 45.08
CA GLY D 245 5.84 -2.99 46.04
C GLY D 245 4.41 -3.16 45.58
N GLY D 246 4.10 -2.88 44.31
CA GLY D 246 2.78 -3.10 43.76
C GLY D 246 2.85 -3.04 42.25
N VAL D 247 1.72 -3.33 41.63
CA VAL D 247 1.62 -3.34 40.17
C VAL D 247 1.37 -1.93 39.68
N GLN D 248 1.37 -1.75 38.36
CA GLN D 248 1.14 -0.45 37.78
C GLN D 248 0.25 -0.57 36.55
N SER E 1 -30.91 -5.09 -7.99
CA SER E 1 -30.36 -3.76 -7.86
C SER E 1 -29.30 -3.75 -6.79
N PRO E 2 -28.17 -3.07 -7.06
CA PRO E 2 -27.22 -2.74 -5.98
C PRO E 2 -27.56 -1.39 -5.36
N PHE E 3 -28.80 -0.95 -5.56
CA PHE E 3 -29.28 0.34 -5.11
C PHE E 3 -30.28 0.22 -3.97
N HIS E 4 -30.21 -0.87 -3.23
CA HIS E 4 -30.99 -1.08 -2.03
C HIS E 4 -30.10 -0.93 -0.81
N LEU E 5 -30.68 -1.20 0.36
CA LEU E 5 -29.98 -1.14 1.64
C LEU E 5 -30.51 -2.24 2.56
N ASN E 6 -30.60 -3.46 2.04
CA ASN E 6 -31.37 -4.51 2.71
C ASN E 6 -30.60 -5.11 3.87
N ASP E 7 -31.23 -5.06 5.05
CA ASP E 7 -30.69 -5.59 6.30
C ASP E 7 -29.49 -4.76 6.77
N ALA E 8 -29.58 -3.43 6.58
CA ALA E 8 -28.60 -2.49 7.09
C ALA E 8 -29.27 -1.57 8.09
N VAL E 9 -28.57 -1.28 9.18
CA VAL E 9 -29.05 -0.39 10.23
C VAL E 9 -28.36 0.94 10.05
N ALA E 10 -29.16 2.00 9.99
CA ALA E 10 -28.70 3.31 9.57
C ALA E 10 -29.04 4.31 10.66
N ILE E 11 -28.01 4.97 11.18
CA ILE E 11 -28.20 6.08 12.10
C ILE E 11 -28.18 7.37 11.30
N VAL E 12 -29.17 8.23 11.52
CA VAL E 12 -29.24 9.52 10.82
C VAL E 12 -29.42 10.61 11.86
N THR E 13 -28.64 11.67 11.76
CA THR E 13 -28.73 12.82 12.66
C THR E 13 -29.52 13.96 12.02
N GLY E 14 -30.16 14.77 12.87
CA GLY E 14 -30.96 15.88 12.39
C GLY E 14 -32.05 15.48 11.43
N ALA E 15 -32.60 14.27 11.56
CA ALA E 15 -33.56 13.72 10.62
C ALA E 15 -35.03 14.05 10.95
N ALA E 16 -35.28 15.08 11.76
CA ALA E 16 -36.66 15.50 11.98
C ALA E 16 -37.25 16.20 10.76
N ALA E 17 -36.42 16.92 9.98
CA ALA E 17 -36.95 17.59 8.81
C ALA E 17 -35.82 17.82 7.83
N GLY E 18 -36.09 18.65 6.83
CA GLY E 18 -35.10 19.00 5.84
C GLY E 18 -34.46 17.79 5.19
N ILE E 19 -33.14 17.89 4.98
CA ILE E 19 -32.38 16.89 4.22
C ILE E 19 -32.35 15.55 4.94
N GLY E 20 -32.18 15.56 6.28
CA GLY E 20 -31.99 14.32 7.02
C GLY E 20 -33.23 13.45 7.08
N ARG E 21 -34.40 14.06 7.07
CA ARG E 21 -35.59 13.27 7.04
C ARG E 21 -35.75 12.66 5.66
N ALA E 22 -35.31 13.38 4.62
CA ALA E 22 -35.40 12.79 3.29
C ALA E 22 -34.49 11.58 3.18
N ILE E 23 -33.28 11.69 3.71
CA ILE E 23 -32.39 10.53 3.75
C ILE E 23 -33.07 9.40 4.52
N ALA E 24 -33.59 9.71 5.71
CA ALA E 24 -34.07 8.68 6.62
C ALA E 24 -35.21 7.86 6.00
N GLY E 25 -36.15 8.52 5.33
CA GLY E 25 -37.23 7.82 4.65
C GLY E 25 -36.79 7.15 3.35
N THR E 26 -35.91 7.82 2.59
CA THR E 26 -35.34 7.18 1.42
C THR E 26 -34.68 5.86 1.82
N PHE E 27 -33.73 5.92 2.77
CA PHE E 27 -32.99 4.71 3.13
C PHE E 27 -33.92 3.62 3.63
N ALA E 28 -34.95 3.97 4.41
CA ALA E 28 -35.93 3.01 4.87
C ALA E 28 -36.56 2.29 3.68
N LYS E 29 -37.14 3.08 2.75
CA LYS E 29 -37.69 2.52 1.51
C LYS E 29 -36.67 1.74 0.70
N ALA E 30 -35.38 2.03 0.86
CA ALA E 30 -34.35 1.21 0.23
C ALA E 30 -34.15 -0.13 0.93
N GLY E 31 -34.86 -0.38 2.02
CA GLY E 31 -34.77 -1.64 2.73
C GLY E 31 -33.87 -1.66 3.94
N ALA E 32 -33.73 -0.54 4.67
CA ALA E 32 -32.85 -0.47 5.83
C ALA E 32 -33.64 -0.01 7.04
N SER E 33 -33.18 -0.44 8.21
CA SER E 33 -33.72 -0.01 9.48
C SER E 33 -33.02 1.28 9.84
N VAL E 34 -33.77 2.38 9.89
CA VAL E 34 -33.21 3.69 10.16
C VAL E 34 -33.50 4.07 11.60
N VAL E 35 -32.43 4.33 12.36
CA VAL E 35 -32.53 4.91 13.70
C VAL E 35 -32.57 6.42 13.46
N VAL E 36 -33.75 7.02 13.61
CA VAL E 36 -33.96 8.43 13.27
C VAL E 36 -33.68 9.31 14.48
N THR E 37 -32.85 10.31 14.29
CA THR E 37 -32.24 11.07 15.36
C THR E 37 -32.42 12.56 15.11
N ASP E 38 -32.62 13.33 16.18
CA ASP E 38 -32.65 14.77 16.06
C ASP E 38 -32.46 15.41 17.43
N LEU E 39 -32.12 16.69 17.42
CA LEU E 39 -32.16 17.45 18.66
C LEU E 39 -33.58 17.50 19.19
N LYS E 40 -34.54 17.70 18.28
CA LYS E 40 -35.97 17.78 18.59
C LYS E 40 -36.57 16.39 18.44
N SER E 41 -36.82 15.77 19.59
CA SER E 41 -37.21 14.37 19.68
C SER E 41 -38.65 14.16 19.20
N GLU E 42 -39.51 15.16 19.38
CA GLU E 42 -40.80 15.18 18.72
C GLU E 42 -40.65 14.85 17.24
N GLY E 43 -39.79 15.62 16.57
CA GLY E 43 -39.63 15.47 15.12
C GLY E 43 -39.05 14.13 14.73
N ALA E 44 -38.07 13.64 15.47
CA ALA E 44 -37.51 12.33 15.13
C ALA E 44 -38.58 11.26 15.25
N GLU E 45 -39.35 11.28 16.33
CA GLU E 45 -40.38 10.27 16.54
C GLU E 45 -41.49 10.39 15.51
N ALA E 46 -41.98 11.62 15.26
CA ALA E 46 -42.91 11.82 14.15
C ALA E 46 -42.37 11.21 12.86
N VAL E 47 -41.06 11.31 12.63
CA VAL E 47 -40.49 10.75 11.41
C VAL E 47 -40.46 9.23 11.49
N ALA E 48 -40.00 8.69 12.63
CA ALA E 48 -39.86 7.24 12.76
C ALA E 48 -41.21 6.53 12.62
N ALA E 49 -42.27 7.07 13.24
CA ALA E 49 -43.61 6.48 13.12
C ALA E 49 -44.15 6.50 11.70
N ALA E 50 -43.76 7.49 10.90
CA ALA E 50 -44.25 7.54 9.52
C ALA E 50 -43.47 6.58 8.63
N ILE E 51 -42.20 6.33 8.92
CA ILE E 51 -41.44 5.34 8.16
C ILE E 51 -42.05 3.98 8.36
N ARG E 52 -42.35 3.65 9.63
CA ARG E 52 -43.03 2.41 9.96
C ARG E 52 -44.37 2.35 9.25
N GLN E 53 -45.19 3.38 9.45
CA GLN E 53 -46.52 3.50 8.84
C GLN E 53 -46.49 3.03 7.40
N ALA E 54 -45.47 3.45 6.66
CA ALA E 54 -45.26 3.08 5.27
C ALA E 54 -44.31 1.90 5.14
N GLY E 55 -44.60 0.81 5.84
CA GLY E 55 -43.89 -0.44 5.62
C GLY E 55 -42.40 -0.42 5.91
N GLY E 56 -41.95 0.42 6.83
CA GLY E 56 -40.53 0.50 7.13
C GLY E 56 -40.17 0.08 8.55
N LYS E 57 -38.89 -0.21 8.82
CA LYS E 57 -38.37 -0.47 10.16
C LYS E 57 -37.53 0.70 10.63
N ALA E 58 -37.88 1.25 11.79
CA ALA E 58 -37.26 2.47 12.27
C ALA E 58 -37.71 2.87 13.67
N ILE E 59 -36.75 3.33 14.46
CA ILE E 59 -36.94 3.83 15.82
C ILE E 59 -36.51 5.30 15.84
N GLY E 60 -37.20 6.13 16.62
CA GLY E 60 -36.85 7.53 16.77
C GLY E 60 -36.25 7.83 18.14
N LEU E 61 -35.04 8.39 18.13
CA LEU E 61 -34.34 8.90 19.32
C LEU E 61 -34.25 10.42 19.33
N GLU E 62 -33.60 10.92 20.36
CA GLU E 62 -33.12 12.30 20.46
C GLU E 62 -31.60 12.32 20.62
N CYS E 63 -30.90 12.98 19.70
CA CYS E 63 -29.43 13.02 19.78
C CYS E 63 -28.92 14.37 19.27
N ASN E 64 -28.69 15.26 20.23
CA ASN E 64 -27.75 16.38 20.16
C ASN E 64 -26.37 15.85 19.82
N VAL E 65 -25.87 16.12 18.61
CA VAL E 65 -24.64 15.47 18.14
C VAL E 65 -23.40 16.06 18.79
N THR E 66 -23.52 17.23 19.42
CA THR E 66 -22.42 17.81 20.18
C THR E 66 -22.38 17.32 21.63
N ASP E 67 -23.33 16.47 22.03
CA ASP E 67 -23.45 15.95 23.39
C ASP E 67 -22.86 14.54 23.46
N GLU E 68 -21.83 14.36 24.28
CA GLU E 68 -21.11 13.10 24.29
C GLU E 68 -21.92 11.96 24.90
N GLN E 69 -22.98 12.29 25.64
CA GLN E 69 -23.77 11.24 26.25
C GLN E 69 -24.80 10.73 25.24
N HIS E 70 -25.48 11.65 24.55
CA HIS E 70 -26.38 11.29 23.46
C HIS E 70 -25.70 10.41 22.42
N ARG E 71 -24.48 10.80 22.02
CA ARG E 71 -23.77 10.07 20.96
C ARG E 71 -23.44 8.65 21.38
N GLU E 72 -23.23 8.41 22.68
CA GLU E 72 -23.14 7.01 23.12
C GLU E 72 -24.52 6.38 23.28
N ALA E 73 -25.53 7.17 23.67
CA ALA E 73 -26.88 6.62 23.73
C ALA E 73 -27.31 6.05 22.38
N VAL E 74 -27.12 6.83 21.31
CA VAL E 74 -27.60 6.40 19.99
C VAL E 74 -26.94 5.10 19.57
N ILE E 75 -25.62 5.01 19.72
CA ILE E 75 -24.91 3.83 19.24
C ILE E 75 -25.41 2.60 19.96
N LYS E 76 -25.82 2.74 21.24
CA LYS E 76 -26.40 1.57 21.89
C LYS E 76 -27.89 1.45 21.60
N ALA E 77 -28.63 2.55 21.53
CA ALA E 77 -30.00 2.44 21.05
C ALA E 77 -30.06 1.68 19.73
N ALA E 78 -29.08 1.88 18.85
CA ALA E 78 -29.12 1.21 17.55
C ALA E 78 -28.72 -0.26 17.65
N LEU E 79 -27.67 -0.55 18.41
CA LEU E 79 -27.19 -1.92 18.54
C LEU E 79 -28.20 -2.78 19.29
N ASP E 80 -28.70 -2.31 20.45
CA ASP E 80 -29.79 -3.01 21.12
C ASP E 80 -30.96 -3.24 20.18
N GLN E 81 -31.30 -2.24 19.35
CA GLN E 81 -32.58 -2.27 18.65
C GLN E 81 -32.54 -3.08 17.37
N PHE E 82 -31.46 -3.00 16.61
CA PHE E 82 -31.44 -3.69 15.34
C PHE E 82 -30.24 -4.58 15.18
N GLY E 83 -29.36 -4.66 16.15
CA GLY E 83 -28.35 -5.70 16.19
C GLY E 83 -27.02 -5.33 15.58
N LYS E 84 -27.00 -4.40 14.63
CA LYS E 84 -25.74 -3.93 14.10
C LYS E 84 -25.85 -2.45 13.75
N ILE E 85 -24.74 -1.89 13.31
CA ILE E 85 -24.66 -0.53 12.80
C ILE E 85 -23.80 -0.61 11.56
N THR E 86 -24.42 -0.46 10.39
CA THR E 86 -23.64 -0.44 9.17
C THR E 86 -23.69 0.89 8.45
N VAL E 87 -24.56 1.81 8.84
CA VAL E 87 -24.67 3.06 8.13
C VAL E 87 -24.79 4.21 9.13
N LEU E 88 -23.90 5.18 9.02
CA LEU E 88 -24.01 6.44 9.75
C LEU E 88 -24.11 7.59 8.75
N VAL E 89 -25.05 8.49 8.98
CA VAL E 89 -25.27 9.62 8.11
C VAL E 89 -25.21 10.88 8.97
N ASN E 90 -24.07 11.56 8.96
CA ASN E 90 -23.86 12.74 9.79
C ASN E 90 -24.45 13.98 9.13
N ASN E 91 -25.78 14.03 9.13
CA ASN E 91 -26.43 15.14 8.46
C ASN E 91 -26.50 16.40 9.32
N ALA E 92 -26.56 16.28 10.66
CA ALA E 92 -26.76 17.45 11.51
C ALA E 92 -25.55 18.38 11.43
N GLY E 93 -25.80 19.67 11.47
CA GLY E 93 -24.77 20.65 11.23
C GLY E 93 -25.40 21.90 10.65
N GLY E 94 -24.54 22.83 10.24
CA GLY E 94 -25.11 24.06 9.76
C GLY E 94 -24.13 25.18 9.47
N GLY E 95 -24.53 26.41 9.75
CA GLY E 95 -23.71 27.59 9.55
C GLY E 95 -24.28 28.51 8.48
N GLY E 96 -23.63 29.67 8.36
CA GLY E 96 -24.04 30.64 7.39
C GLY E 96 -23.07 31.81 7.30
N PRO E 97 -23.48 32.85 6.59
CA PRO E 97 -22.73 34.11 6.63
C PRO E 97 -22.59 34.57 8.07
N LYS E 98 -21.39 35.02 8.41
CA LYS E 98 -21.08 35.54 9.70
C LYS E 98 -20.00 36.55 9.40
N PRO E 99 -20.03 37.73 10.03
CA PRO E 99 -19.03 38.77 9.71
C PRO E 99 -17.66 38.41 10.23
N PHE E 100 -16.65 38.96 9.56
CA PHE E 100 -15.26 38.68 9.89
C PHE E 100 -14.94 38.93 11.36
N ASP E 101 -15.74 39.74 12.05
CA ASP E 101 -15.46 40.14 13.42
C ASP E 101 -16.13 39.27 14.47
N MET E 102 -16.88 38.24 14.09
CA MET E 102 -17.63 37.36 15.00
C MET E 102 -16.88 37.03 16.28
N PRO E 103 -17.59 36.83 17.39
CA PRO E 103 -16.90 36.38 18.61
C PRO E 103 -16.29 35.01 18.36
N MET E 104 -15.22 34.70 19.11
CA MET E 104 -14.62 33.38 18.92
C MET E 104 -15.54 32.26 19.34
N SER E 105 -16.57 32.56 20.14
CA SER E 105 -17.61 31.58 20.42
C SER E 105 -18.28 31.13 19.13
N ASP E 106 -18.64 32.10 18.26
CA ASP E 106 -19.24 31.78 16.98
C ASP E 106 -18.33 30.84 16.18
N PHE E 107 -17.17 31.36 15.75
CA PHE E 107 -16.23 30.58 14.95
C PHE E 107 -16.04 29.17 15.51
N GLU E 108 -15.88 29.05 16.83
CA GLU E 108 -15.73 27.71 17.41
C GLU E 108 -17.02 26.92 17.33
N TRP E 109 -18.18 27.58 17.39
CA TRP E 109 -19.40 26.79 17.39
C TRP E 109 -19.54 26.08 16.05
N ALA E 110 -19.13 26.72 14.97
CA ALA E 110 -19.13 26.09 13.66
C ALA E 110 -18.37 24.78 13.69
N PHE E 111 -17.18 24.78 14.26
CA PHE E 111 -16.34 23.60 14.25
C PHE E 111 -16.82 22.51 15.23
N LYS E 112 -17.51 22.89 16.30
CA LYS E 112 -18.09 21.90 17.22
C LYS E 112 -19.33 21.26 16.63
N LEU E 113 -20.19 22.08 16.04
CA LEU E 113 -21.40 21.53 15.45
C LEU E 113 -21.05 20.70 14.23
N ASN E 114 -20.24 21.25 13.30
CA ASN E 114 -20.06 20.73 11.94
C ASN E 114 -18.97 19.67 11.82
N LEU E 115 -17.89 19.79 12.57
CA LEU E 115 -16.79 18.86 12.43
C LEU E 115 -16.64 17.96 13.64
N PHE E 116 -16.42 18.53 14.82
CA PHE E 116 -16.20 17.72 16.02
C PHE E 116 -17.30 16.67 16.22
N SER E 117 -18.56 17.04 15.94
CA SER E 117 -19.68 16.12 16.17
C SER E 117 -19.54 14.86 15.34
N LEU E 118 -19.39 15.02 14.02
CA LEU E 118 -19.40 13.88 13.13
C LEU E 118 -18.08 13.11 13.19
N PHE E 119 -16.96 13.74 13.52
CA PHE E 119 -15.79 12.92 13.80
C PHE E 119 -16.06 11.97 14.97
N ARG E 120 -16.78 12.46 15.99
CA ARG E 120 -16.97 11.66 17.19
C ARG E 120 -17.95 10.53 16.95
N LEU E 121 -19.11 10.83 16.37
CA LEU E 121 -20.04 9.76 16.02
C LEU E 121 -19.31 8.67 15.23
N SER E 122 -18.52 9.09 14.24
CA SER E 122 -17.76 8.15 13.44
C SER E 122 -16.76 7.37 14.26
N GLN E 123 -16.22 7.97 15.31
CA GLN E 123 -15.30 7.19 16.12
C GLN E 123 -16.06 6.04 16.76
N LEU E 124 -17.27 6.34 17.24
CA LEU E 124 -18.02 5.42 18.08
C LEU E 124 -18.59 4.28 17.25
N ALA E 125 -19.14 4.59 16.06
CA ALA E 125 -19.79 3.60 15.22
C ALA E 125 -18.83 2.74 14.41
N ALA E 126 -17.55 3.09 14.32
CA ALA E 126 -16.59 2.39 13.46
C ALA E 126 -16.24 0.98 13.94
N PRO E 127 -15.95 0.77 15.23
CA PRO E 127 -15.73 -0.62 15.68
C PRO E 127 -16.97 -1.52 15.49
N HIS E 128 -18.18 -0.96 15.50
CA HIS E 128 -19.35 -1.80 15.31
C HIS E 128 -19.66 -2.05 13.86
N MET E 129 -19.15 -1.20 12.96
CA MET E 129 -19.20 -1.51 11.54
C MET E 129 -18.16 -2.54 11.17
N GLN E 130 -16.95 -2.41 11.74
CA GLN E 130 -15.96 -3.45 11.52
C GLN E 130 -16.52 -4.82 11.87
N LYS E 131 -17.09 -4.95 13.08
CA LYS E 131 -17.71 -6.22 13.45
C LYS E 131 -18.77 -6.65 12.45
N ALA E 132 -19.75 -5.78 12.15
CA ALA E 132 -20.85 -6.16 11.28
C ALA E 132 -20.38 -6.65 9.92
N GLY E 133 -19.10 -6.50 9.59
CA GLY E 133 -18.59 -6.93 8.31
C GLY E 133 -18.19 -5.80 7.38
N GLY E 134 -18.44 -4.55 7.78
CA GLY E 134 -18.20 -3.38 6.96
C GLY E 134 -19.31 -2.38 7.08
N GLY E 135 -19.15 -1.19 6.51
CA GLY E 135 -20.23 -0.23 6.45
C GLY E 135 -19.83 1.04 5.71
N ALA E 136 -20.73 2.03 5.77
CA ALA E 136 -20.56 3.31 5.08
C ALA E 136 -20.98 4.49 5.97
N ILE E 137 -20.03 5.40 6.18
CA ILE E 137 -20.26 6.71 6.83
C ILE E 137 -20.54 7.78 5.77
N LEU E 138 -21.62 8.52 5.94
CA LEU E 138 -21.94 9.61 5.04
C LEU E 138 -21.97 10.92 5.83
N ASN E 139 -21.14 11.89 5.43
CA ASN E 139 -21.10 13.23 6.01
C ASN E 139 -21.81 14.21 5.08
N ILE E 140 -22.68 15.05 5.62
CA ILE E 140 -23.29 16.12 4.83
C ILE E 140 -22.53 17.40 5.05
N SER E 141 -21.98 17.94 3.97
CA SER E 141 -21.04 19.06 4.05
C SER E 141 -21.72 20.30 3.48
N SER E 142 -20.98 21.11 2.72
CA SER E 142 -21.60 22.21 1.97
C SER E 142 -20.64 22.67 0.87
N ILE E 143 -21.22 23.29 -0.16
CA ILE E 143 -20.38 23.85 -1.21
C ILE E 143 -19.59 25.05 -0.73
N ALA E 144 -19.82 25.49 0.50
CA ALA E 144 -18.95 26.46 1.15
C ALA E 144 -17.56 25.88 1.39
N GLY E 145 -17.44 24.55 1.39
CA GLY E 145 -16.12 23.95 1.57
C GLY E 145 -15.25 24.01 0.36
N GLU E 146 -15.85 24.28 -0.80
CA GLU E 146 -15.19 24.49 -2.08
C GLU E 146 -15.18 25.94 -2.50
N ASN E 147 -16.28 26.64 -2.26
CA ASN E 147 -16.45 28.01 -2.73
C ASN E 147 -15.73 29.01 -1.82
N THR E 148 -15.55 30.22 -2.34
CA THR E 148 -14.93 31.33 -1.64
C THR E 148 -15.83 32.54 -1.77
N ASN E 149 -15.97 33.28 -0.68
CA ASN E 149 -16.75 34.51 -0.69
C ASN E 149 -16.47 35.30 0.59
N VAL E 150 -17.19 36.39 0.74
CA VAL E 150 -17.11 37.27 1.89
C VAL E 150 -18.05 36.75 2.96
N ARG E 151 -17.67 36.95 4.22
CA ARG E 151 -18.50 36.54 5.35
C ARG E 151 -18.63 35.03 5.40
N MET E 152 -17.50 34.34 5.26
CA MET E 152 -17.57 32.89 5.23
C MET E 152 -16.47 32.26 6.10
N ALA E 153 -15.85 33.06 6.97
CA ALA E 153 -14.73 32.59 7.79
C ALA E 153 -15.02 31.27 8.50
N SER E 154 -16.16 31.16 9.18
CA SER E 154 -16.44 29.95 9.95
C SER E 154 -17.03 28.85 9.07
N TYR E 155 -18.14 29.16 8.41
CA TYR E 155 -18.88 28.16 7.65
C TYR E 155 -18.03 27.52 6.56
N GLY E 156 -17.24 28.33 5.87
CA GLY E 156 -16.46 27.81 4.76
C GLY E 156 -15.28 26.98 5.24
N SER E 157 -14.50 27.50 6.20
CA SER E 157 -13.32 26.79 6.69
C SER E 157 -13.66 25.53 7.48
N SER E 158 -14.90 25.36 7.95
CA SER E 158 -15.22 24.19 8.74
C SER E 158 -15.77 23.06 7.88
N LYS E 159 -16.62 23.39 6.90
CA LYS E 159 -16.99 22.40 5.89
C LYS E 159 -15.79 21.97 5.05
N ALA E 160 -14.83 22.86 4.82
CA ALA E 160 -13.53 22.44 4.30
C ALA E 160 -12.96 21.29 5.12
N ALA E 161 -12.88 21.48 6.43
CA ALA E 161 -12.44 20.40 7.29
C ALA E 161 -13.36 19.18 7.19
N VAL E 162 -14.64 19.39 6.93
CA VAL E 162 -15.50 18.21 6.82
C VAL E 162 -15.17 17.46 5.53
N ASN E 163 -15.03 18.18 4.41
CA ASN E 163 -14.69 17.52 3.15
C ASN E 163 -13.35 16.84 3.23
N HIS E 164 -12.34 17.46 3.87
CA HIS E 164 -11.02 16.84 3.90
C HIS E 164 -10.90 15.76 4.97
N LEU E 165 -11.67 15.83 6.06
CA LEU E 165 -11.76 14.69 6.97
C LEU E 165 -12.27 13.46 6.23
N THR E 166 -13.43 13.59 5.57
CA THR E 166 -13.96 12.54 4.71
C THR E 166 -12.85 11.87 3.93
N ARG E 167 -12.11 12.68 3.17
CA ARG E 167 -10.96 12.22 2.39
C ARG E 167 -9.91 11.44 3.18
N ASN E 168 -9.80 11.66 4.49
CA ASN E 168 -8.65 11.13 5.20
C ASN E 168 -8.97 10.06 6.23
N ILE E 169 -10.21 9.98 6.72
CA ILE E 169 -10.47 8.87 7.63
C ILE E 169 -10.78 7.62 6.80
N ALA E 170 -11.13 7.80 5.52
CA ALA E 170 -11.26 6.65 4.62
C ALA E 170 -10.02 5.78 4.67
N PHE E 171 -8.83 6.40 4.74
CA PHE E 171 -7.61 5.64 4.88
C PHE E 171 -7.59 4.88 6.21
N ASP E 172 -8.20 5.43 7.25
CA ASP E 172 -8.14 4.79 8.56
C ASP E 172 -9.22 3.72 8.76
N VAL E 173 -10.37 3.81 8.08
CA VAL E 173 -11.41 2.78 8.20
C VAL E 173 -11.60 1.97 6.92
N GLY E 174 -10.90 2.31 5.84
CA GLY E 174 -10.94 1.52 4.64
C GLY E 174 -10.55 0.09 4.92
N PRO E 175 -9.42 -0.10 5.58
CA PRO E 175 -9.04 -1.44 6.03
C PRO E 175 -10.03 -2.11 6.97
N MET E 176 -10.82 -1.38 7.78
CA MET E 176 -11.88 -2.01 8.58
C MET E 176 -13.10 -2.34 7.79
N GLY E 177 -13.03 -2.27 6.46
CA GLY E 177 -14.19 -2.54 5.64
C GLY E 177 -15.23 -1.44 5.68
N ILE E 178 -14.85 -0.26 6.13
CA ILE E 178 -15.75 0.87 6.22
C ILE E 178 -15.34 1.81 5.11
N ARG E 179 -16.32 2.59 4.61
CA ARG E 179 -16.15 3.57 3.54
C ARG E 179 -16.74 4.90 3.96
N VAL E 180 -16.09 6.02 3.66
CA VAL E 180 -16.58 7.32 4.10
C VAL E 180 -16.66 8.24 2.89
N ASN E 181 -17.84 8.82 2.65
CA ASN E 181 -18.04 9.81 1.59
C ASN E 181 -18.90 10.96 2.10
N ALA E 182 -18.88 12.06 1.34
CA ALA E 182 -19.51 13.31 1.72
C ALA E 182 -20.25 13.88 0.53
N ILE E 183 -21.44 14.44 0.79
CA ILE E 183 -22.20 15.19 -0.19
C ILE E 183 -22.20 16.63 0.25
N ALA E 184 -21.82 17.52 -0.68
CA ALA E 184 -21.74 18.96 -0.46
C ALA E 184 -22.90 19.60 -1.23
N PRO E 185 -23.98 20.00 -0.55
CA PRO E 185 -25.16 20.48 -1.27
C PRO E 185 -25.11 21.96 -1.58
N GLY E 186 -25.79 22.34 -2.67
CA GLY E 186 -26.03 23.74 -2.96
C GLY E 186 -27.10 24.31 -2.06
N ALA E 187 -28.04 25.05 -2.61
CA ALA E 187 -29.20 25.46 -1.83
C ALA E 187 -30.38 24.50 -2.04
N MET E 188 -31.07 24.17 -0.96
CA MET E 188 -32.27 23.38 -1.01
C MET E 188 -33.46 24.25 -0.69
N LYS E 189 -34.52 24.13 -1.49
CA LYS E 189 -35.84 24.55 -1.04
C LYS E 189 -36.26 23.61 0.07
N THR E 190 -36.15 24.07 1.31
CA THR E 190 -36.74 23.46 2.48
C THR E 190 -37.76 24.44 3.06
N ASP E 191 -38.58 23.95 4.00
CA ASP E 191 -39.57 24.83 4.63
C ASP E 191 -38.92 26.02 5.33
N ALA E 192 -37.68 25.88 5.81
CA ALA E 192 -36.98 27.00 6.43
C ALA E 192 -36.66 28.09 5.41
N LEU E 193 -36.00 27.71 4.32
CA LEU E 193 -35.70 28.69 3.28
C LEU E 193 -36.98 29.26 2.68
N ALA E 194 -38.05 28.45 2.64
CA ALA E 194 -39.26 28.83 1.91
C ALA E 194 -39.95 30.03 2.56
N THR E 195 -39.96 30.10 3.89
CA THR E 195 -40.60 31.20 4.58
C THR E 195 -39.93 32.53 4.29
N VAL E 196 -38.76 32.53 3.69
CA VAL E 196 -38.00 33.76 3.50
C VAL E 196 -37.63 33.93 2.02
N LEU E 197 -38.27 33.20 1.11
CA LEU E 197 -37.84 33.13 -0.29
C LEU E 197 -38.85 33.82 -1.20
N THR E 198 -38.36 34.76 -2.00
CA THR E 198 -39.17 35.52 -2.95
C THR E 198 -38.80 35.16 -4.38
N PRO E 199 -39.74 35.33 -5.32
CA PRO E 199 -39.43 35.01 -6.73
C PRO E 199 -38.28 35.80 -7.33
N GLU E 200 -37.92 36.95 -6.78
CA GLU E 200 -36.78 37.66 -7.36
C GLU E 200 -35.46 37.16 -6.77
N ILE E 201 -35.46 36.70 -5.51
CA ILE E 201 -34.23 36.19 -4.91
C ILE E 201 -33.92 34.78 -5.41
N GLU E 202 -34.88 33.86 -5.29
CA GLU E 202 -34.73 32.54 -5.90
C GLU E 202 -34.24 32.64 -7.34
N ARG E 203 -34.61 33.72 -8.03
CA ARG E 203 -34.11 33.98 -9.38
C ARG E 203 -32.76 34.67 -9.38
N ALA E 204 -32.39 35.33 -8.27
CA ALA E 204 -31.04 35.84 -8.12
C ALA E 204 -30.09 34.73 -7.73
N MET E 205 -30.56 33.79 -6.93
CA MET E 205 -29.76 32.62 -6.58
C MET E 205 -29.47 31.78 -7.82
N LEU E 206 -30.45 31.67 -8.70
CA LEU E 206 -30.34 30.81 -9.86
C LEU E 206 -29.49 31.40 -10.96
N LYS E 207 -29.17 32.70 -10.87
CA LYS E 207 -28.15 33.27 -11.74
C LYS E 207 -26.90 32.40 -11.61
N HIS E 208 -26.24 32.10 -12.73
CA HIS E 208 -25.03 31.25 -12.68
C HIS E 208 -25.28 29.93 -11.94
N THR E 209 -26.42 29.31 -12.21
CA THR E 209 -26.62 27.91 -11.88
C THR E 209 -27.12 27.23 -13.14
N PRO E 210 -26.24 26.53 -13.86
CA PRO E 210 -26.59 26.02 -15.20
C PRO E 210 -27.88 25.23 -15.28
N LEU E 211 -28.14 24.33 -14.33
CA LEU E 211 -29.30 23.45 -14.43
C LEU E 211 -30.62 24.14 -14.10
N GLY E 212 -30.61 25.45 -13.85
CA GLY E 212 -31.79 26.28 -13.86
C GLY E 212 -32.76 26.13 -12.70
N ARG E 213 -32.38 25.47 -11.61
CA ARG E 213 -33.31 25.32 -10.50
C ARG E 213 -32.55 25.14 -9.20
N LEU E 214 -33.25 25.36 -8.10
CA LEU E 214 -32.76 25.06 -6.78
C LEU E 214 -32.96 23.57 -6.50
N GLY E 215 -32.19 23.06 -5.50
CA GLY E 215 -32.28 21.67 -5.13
C GLY E 215 -33.45 21.35 -4.22
N GLU E 216 -33.63 20.06 -3.97
CA GLU E 216 -34.62 19.58 -3.03
C GLU E 216 -34.05 18.41 -2.25
N ALA E 217 -34.57 18.20 -1.04
CA ALA E 217 -33.92 17.27 -0.15
C ALA E 217 -33.98 15.84 -0.65
N GLN E 218 -34.92 15.55 -1.57
CA GLN E 218 -34.85 14.27 -2.24
C GLN E 218 -33.54 14.12 -3.01
N ASP E 219 -33.09 15.18 -3.69
CA ASP E 219 -31.88 15.10 -4.50
C ASP E 219 -30.69 14.69 -3.65
N ILE E 220 -30.48 15.37 -2.50
CA ILE E 220 -29.41 14.95 -1.62
C ILE E 220 -29.66 13.54 -1.15
N ALA E 221 -30.92 13.21 -0.86
CA ALA E 221 -31.27 11.86 -0.40
C ALA E 221 -30.93 10.82 -1.46
N ASN E 222 -31.14 11.15 -2.73
CA ASN E 222 -30.89 10.16 -3.77
C ASN E 222 -29.42 9.81 -3.85
N ALA E 223 -28.55 10.84 -3.80
CA ALA E 223 -27.10 10.61 -3.79
C ALA E 223 -26.68 9.99 -2.47
N ALA E 224 -27.42 10.29 -1.40
CA ALA E 224 -27.14 9.69 -0.12
C ALA E 224 -27.29 8.19 -0.19
N LEU E 225 -28.45 7.75 -0.70
CA LEU E 225 -28.69 6.32 -0.92
C LEU E 225 -27.62 5.70 -1.80
N PHE E 226 -27.25 6.37 -2.90
CA PHE E 226 -26.27 5.82 -3.83
C PHE E 226 -24.94 5.57 -3.16
N LEU E 227 -24.55 6.47 -2.28
CA LEU E 227 -23.22 6.43 -1.69
C LEU E 227 -23.13 5.42 -0.56
N CYS E 228 -24.24 5.08 0.07
CA CYS E 228 -24.25 4.10 1.14
C CYS E 228 -24.75 2.76 0.67
N SER E 229 -25.13 2.68 -0.59
CA SER E 229 -25.63 1.46 -1.19
C SER E 229 -24.48 0.57 -1.63
N PRO E 230 -24.76 -0.69 -1.96
CA PRO E 230 -23.70 -1.51 -2.58
C PRO E 230 -23.23 -0.97 -3.93
N ALA E 231 -24.05 -0.18 -4.63
CA ALA E 231 -23.61 0.30 -5.93
C ALA E 231 -22.44 1.26 -5.84
N ALA E 232 -22.03 1.65 -4.64
CA ALA E 232 -20.85 2.49 -4.47
C ALA E 232 -19.71 1.72 -3.77
N ALA E 233 -19.68 0.39 -3.96
CA ALA E 233 -18.76 -0.49 -3.22
C ALA E 233 -17.33 0.03 -3.19
N TRP E 234 -16.84 0.57 -4.30
CA TRP E 234 -15.43 0.93 -4.43
C TRP E 234 -15.24 2.45 -4.47
N ILE E 235 -16.23 3.21 -4.00
CA ILE E 235 -16.17 4.66 -3.88
C ILE E 235 -15.82 5.01 -2.43
N SER E 236 -14.70 5.69 -2.20
CA SER E 236 -14.44 6.16 -0.85
C SER E 236 -13.64 7.45 -0.93
N GLY E 237 -13.67 8.23 0.14
CA GLY E 237 -12.91 9.46 0.17
C GLY E 237 -13.37 10.54 -0.79
N GLN E 238 -14.67 10.55 -1.12
CA GLN E 238 -15.23 11.39 -2.15
C GLN E 238 -16.09 12.48 -1.53
N VAL E 239 -16.18 13.60 -2.21
CA VAL E 239 -17.07 14.69 -1.82
C VAL E 239 -17.91 14.93 -3.06
N LEU E 240 -19.11 14.36 -3.11
CA LEU E 240 -19.95 14.58 -4.28
C LEU E 240 -20.59 15.93 -4.12
N THR E 241 -20.66 16.72 -5.18
CA THR E 241 -21.32 18.03 -5.09
C THR E 241 -22.61 18.07 -5.90
N VAL E 242 -23.70 18.42 -5.21
CA VAL E 242 -25.04 18.50 -5.80
C VAL E 242 -25.46 19.95 -5.69
N SER E 243 -25.48 20.64 -6.83
CA SER E 243 -25.79 22.08 -6.81
C SER E 243 -26.18 22.58 -8.19
N GLY E 244 -26.63 21.68 -9.05
CA GLY E 244 -27.03 22.09 -10.38
C GLY E 244 -25.91 22.67 -11.20
N GLY E 245 -24.65 22.38 -10.83
CA GLY E 245 -23.48 22.75 -11.59
C GLY E 245 -22.95 24.14 -11.33
N GLY E 246 -23.46 24.83 -10.33
CA GLY E 246 -22.98 26.16 -10.03
C GLY E 246 -23.12 26.42 -8.55
N VAL E 247 -22.84 27.63 -8.11
CA VAL E 247 -23.02 27.97 -6.72
C VAL E 247 -24.33 28.74 -6.58
N GLN E 248 -24.78 28.90 -5.34
CA GLN E 248 -25.94 29.71 -5.04
C GLN E 248 -25.61 30.64 -3.87
N SER F 1 9.00 -42.42 -37.24
CA SER F 1 7.94 -42.77 -36.28
C SER F 1 6.63 -42.13 -36.69
N PRO F 2 5.53 -42.48 -36.02
CA PRO F 2 4.27 -41.71 -36.14
C PRO F 2 3.96 -40.78 -34.97
N PHE F 3 4.80 -40.76 -33.94
CA PHE F 3 4.63 -39.89 -32.77
C PHE F 3 5.34 -38.56 -32.96
N HIS F 4 5.30 -38.05 -34.18
CA HIS F 4 6.06 -36.91 -34.66
C HIS F 4 5.11 -35.78 -35.01
N LEU F 5 5.65 -34.57 -35.19
CA LEU F 5 4.90 -33.47 -35.79
C LEU F 5 5.69 -32.82 -36.92
N ASN F 6 6.33 -33.64 -37.74
CA ASN F 6 7.11 -33.18 -38.89
C ASN F 6 6.25 -32.31 -39.80
N ASP F 7 6.72 -31.09 -40.08
CA ASP F 7 6.02 -30.16 -40.97
C ASP F 7 4.65 -29.78 -40.41
N ALA F 8 4.67 -29.13 -39.26
CA ALA F 8 3.45 -28.86 -38.52
C ALA F 8 3.53 -27.51 -37.82
N VAL F 9 2.41 -26.78 -37.83
CA VAL F 9 2.31 -25.44 -37.26
C VAL F 9 1.26 -25.48 -36.15
N ALA F 10 1.69 -25.35 -34.90
CA ALA F 10 0.82 -25.58 -33.76
C ALA F 10 0.73 -24.35 -32.87
N ILE F 11 -0.49 -23.83 -32.71
CA ILE F 11 -0.77 -22.66 -31.89
C ILE F 11 -1.14 -23.13 -30.50
N VAL F 12 -0.34 -22.75 -29.52
CA VAL F 12 -0.38 -23.36 -28.20
C VAL F 12 -0.62 -22.23 -27.21
N THR F 13 -1.84 -22.11 -26.73
CA THR F 13 -2.18 -21.01 -25.85
C THR F 13 -1.77 -21.36 -24.43
N GLY F 14 -1.72 -20.36 -23.56
CA GLY F 14 -1.34 -20.58 -22.17
C GLY F 14 0.06 -21.12 -22.01
N ALA F 15 0.95 -20.79 -22.94
CA ALA F 15 2.18 -21.54 -23.21
C ALA F 15 3.42 -20.91 -22.57
N ALA F 16 3.37 -20.66 -21.26
CA ALA F 16 4.51 -20.04 -20.57
C ALA F 16 4.81 -20.64 -19.21
N ALA F 17 3.87 -21.34 -18.56
CA ALA F 17 4.23 -22.19 -17.43
C ALA F 17 3.36 -23.44 -17.44
N GLY F 18 3.85 -24.46 -16.76
CA GLY F 18 3.12 -25.69 -16.56
C GLY F 18 2.82 -26.43 -17.86
N ILE F 19 1.57 -26.89 -17.94
CA ILE F 19 1.13 -27.72 -19.05
C ILE F 19 1.36 -26.99 -20.37
N GLY F 20 0.79 -25.80 -20.52
CA GLY F 20 0.94 -25.09 -21.77
C GLY F 20 2.39 -24.83 -22.12
N ARG F 21 3.22 -24.57 -21.11
CA ARG F 21 4.65 -24.48 -21.34
C ARG F 21 5.17 -25.79 -21.93
N ALA F 22 5.08 -26.87 -21.14
CA ALA F 22 5.59 -28.17 -21.56
C ALA F 22 5.10 -28.54 -22.95
N ILE F 23 3.79 -28.40 -23.21
CA ILE F 23 3.24 -28.87 -24.48
C ILE F 23 4.01 -28.24 -25.62
N ALA F 24 4.27 -26.93 -25.50
CA ALA F 24 4.93 -26.20 -26.58
C ALA F 24 6.40 -26.59 -26.68
N GLY F 25 7.06 -26.78 -25.53
CA GLY F 25 8.39 -27.37 -25.56
C GLY F 25 8.40 -28.76 -26.19
N THR F 26 7.47 -29.61 -25.76
CA THR F 26 7.42 -30.97 -26.28
C THR F 26 7.13 -30.97 -27.78
N PHE F 27 6.17 -30.17 -28.23
CA PHE F 27 5.84 -30.10 -29.65
C PHE F 27 7.02 -29.60 -30.46
N ALA F 28 7.78 -28.66 -29.91
CA ALA F 28 9.00 -28.18 -30.54
C ALA F 28 9.90 -29.34 -30.95
N LYS F 29 10.31 -30.15 -29.96
CA LYS F 29 11.25 -31.22 -30.23
C LYS F 29 10.63 -32.31 -31.10
N ALA F 30 9.29 -32.47 -31.04
CA ALA F 30 8.55 -33.32 -31.97
C ALA F 30 8.58 -32.79 -33.38
N GLY F 31 8.96 -31.52 -33.56
CA GLY F 31 9.27 -30.98 -34.86
C GLY F 31 8.25 -30.04 -35.46
N ALA F 32 7.27 -29.62 -34.70
CA ALA F 32 6.25 -28.72 -35.18
C ALA F 32 6.69 -27.28 -34.95
N SER F 33 6.46 -26.42 -35.94
CA SER F 33 6.65 -25.00 -35.73
C SER F 33 5.55 -24.50 -34.80
N VAL F 34 5.94 -23.76 -33.78
CA VAL F 34 5.03 -23.45 -32.68
C VAL F 34 4.81 -21.95 -32.61
N VAL F 35 3.62 -21.57 -32.17
CA VAL F 35 3.24 -20.18 -31.98
C VAL F 35 3.00 -19.99 -30.49
N VAL F 36 4.09 -19.89 -29.73
CA VAL F 36 3.96 -19.80 -28.29
C VAL F 36 3.13 -18.57 -27.93
N THR F 37 2.11 -18.73 -27.10
CA THR F 37 1.18 -17.65 -26.78
C THR F 37 0.78 -17.72 -25.32
N ASP F 38 0.54 -16.58 -24.70
CA ASP F 38 0.22 -16.57 -23.28
C ASP F 38 -0.39 -15.23 -22.82
N LEU F 39 -0.63 -15.06 -21.53
CA LEU F 39 -1.17 -13.80 -20.99
C LEU F 39 -0.16 -12.71 -20.89
N LYS F 40 1.10 -13.07 -20.78
CA LYS F 40 2.17 -12.11 -20.58
C LYS F 40 3.18 -12.26 -21.73
N SER F 41 3.12 -11.31 -22.68
CA SER F 41 3.90 -11.39 -23.92
C SER F 41 5.39 -11.51 -23.66
N GLU F 42 5.83 -11.14 -22.45
CA GLU F 42 7.13 -11.61 -22.01
C GLU F 42 7.18 -13.14 -22.05
N GLY F 43 6.41 -13.80 -21.17
CA GLY F 43 6.52 -15.25 -21.04
C GLY F 43 6.40 -16.01 -22.35
N ALA F 44 5.55 -15.55 -23.26
CA ALA F 44 5.29 -16.27 -24.50
C ALA F 44 6.49 -16.27 -25.43
N GLU F 45 7.19 -15.14 -25.55
CA GLU F 45 8.45 -15.13 -26.32
C GLU F 45 9.61 -15.66 -25.50
N ALA F 46 9.46 -15.70 -24.19
CA ALA F 46 10.50 -16.29 -23.35
C ALA F 46 10.61 -17.79 -23.60
N VAL F 47 9.47 -18.50 -23.68
CA VAL F 47 9.50 -19.91 -24.07
C VAL F 47 9.93 -20.02 -25.53
N ALA F 48 9.29 -19.27 -26.42
CA ALA F 48 9.69 -19.33 -27.82
C ALA F 48 11.17 -19.08 -27.97
N ALA F 49 11.76 -18.32 -27.05
CA ALA F 49 13.22 -18.16 -26.98
C ALA F 49 13.92 -19.51 -26.90
N ALA F 50 13.75 -20.21 -25.77
CA ALA F 50 14.42 -21.48 -25.56
C ALA F 50 14.18 -22.47 -26.70
N ILE F 51 13.02 -22.40 -27.35
CA ILE F 51 12.74 -23.36 -28.42
C ILE F 51 13.65 -23.10 -29.61
N ARG F 52 13.76 -21.82 -30.02
CA ARG F 52 14.69 -21.46 -31.08
C ARG F 52 16.12 -21.82 -30.71
N GLN F 53 16.53 -21.48 -29.47
CA GLN F 53 17.88 -21.79 -29.01
C GLN F 53 18.20 -23.26 -29.16
N ALA F 54 17.28 -24.13 -28.77
CA ALA F 54 17.49 -25.56 -28.86
C ALA F 54 17.32 -26.09 -30.28
N GLY F 55 17.43 -25.23 -31.28
CA GLY F 55 17.37 -25.66 -32.66
C GLY F 55 15.96 -25.86 -33.13
N GLY F 56 15.02 -25.10 -32.58
CA GLY F 56 13.63 -25.21 -32.94
C GLY F 56 13.15 -24.02 -33.75
N LYS F 57 11.85 -24.00 -33.98
CA LYS F 57 11.17 -22.93 -34.70
C LYS F 57 10.04 -22.43 -33.81
N ALA F 58 10.08 -21.14 -33.46
CA ALA F 58 9.11 -20.66 -32.47
C ALA F 58 8.90 -19.17 -32.60
N ILE F 59 7.63 -18.77 -32.55
CA ILE F 59 7.20 -17.38 -32.53
C ILE F 59 6.40 -17.17 -31.26
N GLY F 60 6.91 -16.35 -30.35
CA GLY F 60 6.15 -15.93 -29.19
C GLY F 60 5.26 -14.76 -29.56
N LEU F 61 4.10 -14.68 -28.91
CA LEU F 61 3.08 -13.70 -29.24
C LEU F 61 2.28 -13.39 -28.01
N GLU F 62 1.73 -12.18 -27.96
CA GLU F 62 0.82 -11.80 -26.88
C GLU F 62 -0.59 -12.13 -27.32
N CYS F 63 -1.28 -12.95 -26.51
CA CYS F 63 -2.67 -13.31 -26.83
C CYS F 63 -3.38 -13.79 -25.59
N ASN F 64 -4.34 -12.99 -25.10
CA ASN F 64 -5.44 -13.53 -24.32
C ASN F 64 -6.52 -13.99 -25.28
N VAL F 65 -6.94 -15.24 -25.08
CA VAL F 65 -7.83 -15.96 -25.98
C VAL F 65 -9.24 -15.35 -26.05
N THR F 66 -9.56 -14.47 -25.10
CA THR F 66 -10.91 -13.93 -25.01
C THR F 66 -11.15 -12.80 -26.01
N ASP F 67 -10.19 -11.90 -26.22
CA ASP F 67 -10.36 -10.83 -27.22
C ASP F 67 -10.32 -11.33 -28.64
N GLU F 68 -11.42 -11.10 -29.35
CA GLU F 68 -11.53 -11.59 -30.72
C GLU F 68 -10.48 -11.04 -31.64
N GLN F 69 -10.06 -9.80 -31.42
CA GLN F 69 -8.97 -9.38 -32.27
C GLN F 69 -7.78 -10.31 -32.08
N HIS F 70 -7.37 -10.50 -30.81
CA HIS F 70 -6.24 -11.35 -30.48
C HIS F 70 -6.35 -12.71 -31.16
N ARG F 71 -7.54 -13.29 -31.13
CA ARG F 71 -7.77 -14.56 -31.80
C ARG F 71 -7.56 -14.51 -33.30
N GLU F 72 -8.24 -13.60 -33.99
CA GLU F 72 -8.04 -13.48 -35.45
C GLU F 72 -6.64 -12.98 -35.77
N ALA F 73 -6.04 -12.22 -34.86
CA ALA F 73 -4.63 -11.85 -34.98
C ALA F 73 -3.77 -13.10 -35.06
N VAL F 74 -3.61 -13.78 -33.92
CA VAL F 74 -2.77 -14.98 -33.82
C VAL F 74 -3.03 -15.92 -34.99
N ILE F 75 -4.30 -16.09 -35.37
CA ILE F 75 -4.60 -16.95 -36.51
C ILE F 75 -3.90 -16.45 -37.78
N LYS F 76 -3.79 -15.12 -37.97
CA LYS F 76 -2.94 -14.67 -39.06
C LYS F 76 -1.47 -14.57 -38.64
N ALA F 77 -1.20 -14.24 -37.37
CA ALA F 77 0.19 -14.24 -36.88
C ALA F 77 0.87 -15.58 -37.18
N ALA F 78 0.19 -16.69 -36.89
CA ALA F 78 0.72 -18.00 -37.26
C ALA F 78 0.86 -18.15 -38.77
N LEU F 79 -0.08 -17.57 -39.52
CA LEU F 79 -0.07 -17.69 -40.98
C LEU F 79 0.94 -16.75 -41.65
N ASP F 80 1.09 -15.52 -41.14
CA ASP F 80 2.13 -14.63 -41.67
C ASP F 80 3.50 -15.26 -41.54
N GLN F 81 3.73 -16.00 -40.46
CA GLN F 81 5.02 -16.60 -40.17
C GLN F 81 5.17 -17.99 -40.77
N PHE F 82 4.12 -18.84 -40.71
CA PHE F 82 4.24 -20.22 -41.13
C PHE F 82 3.30 -20.66 -42.24
N GLY F 83 2.30 -19.86 -42.60
CA GLY F 83 1.56 -20.10 -43.83
C GLY F 83 0.68 -21.33 -43.86
N LYS F 84 0.22 -21.78 -42.70
CA LYS F 84 -0.79 -22.82 -42.48
C LYS F 84 -0.98 -22.95 -40.97
N ILE F 85 -2.05 -23.65 -40.60
CA ILE F 85 -2.26 -24.10 -39.23
C ILE F 85 -2.73 -25.55 -39.28
N THR F 86 -2.14 -26.39 -38.45
CA THR F 86 -2.60 -27.77 -38.37
C THR F 86 -2.87 -28.24 -36.95
N VAL F 87 -2.50 -27.50 -35.92
CA VAL F 87 -2.65 -27.94 -34.55
C VAL F 87 -2.98 -26.75 -33.67
N LEU F 88 -3.99 -26.89 -32.83
CA LEU F 88 -4.41 -25.84 -31.91
C LEU F 88 -4.58 -26.46 -30.53
N VAL F 89 -3.73 -26.06 -29.60
CA VAL F 89 -3.77 -26.63 -28.26
C VAL F 89 -4.36 -25.61 -27.30
N ASN F 90 -5.67 -25.65 -27.13
CA ASN F 90 -6.38 -24.74 -26.24
C ASN F 90 -6.13 -25.16 -24.80
N ASN F 91 -4.91 -24.90 -24.33
CA ASN F 91 -4.57 -25.09 -22.93
C ASN F 91 -4.99 -23.90 -22.04
N ALA F 92 -5.00 -22.68 -22.59
CA ALA F 92 -5.24 -21.47 -21.80
C ALA F 92 -6.61 -21.48 -21.13
N GLY F 93 -6.62 -21.53 -19.80
CA GLY F 93 -7.85 -21.49 -19.05
C GLY F 93 -7.55 -21.54 -17.58
N GLY F 94 -8.45 -22.13 -16.80
CA GLY F 94 -8.20 -22.31 -15.38
C GLY F 94 -9.51 -22.43 -14.60
N GLY F 95 -9.45 -22.07 -13.33
CA GLY F 95 -10.64 -22.11 -12.51
C GLY F 95 -10.33 -22.65 -11.14
N GLY F 96 -11.37 -22.91 -10.38
CA GLY F 96 -11.14 -23.53 -9.11
C GLY F 96 -12.23 -23.34 -8.13
N PRO F 97 -11.97 -23.70 -6.88
CA PRO F 97 -12.97 -23.55 -5.83
C PRO F 97 -13.84 -22.29 -5.91
N MET F 102 -21.89 -17.73 -2.46
CA MET F 102 -20.77 -17.25 -3.27
C MET F 102 -21.22 -16.56 -4.56
N PRO F 103 -20.43 -15.55 -4.96
CA PRO F 103 -20.93 -14.55 -5.92
C PRO F 103 -21.18 -15.06 -7.35
N MET F 104 -22.25 -14.54 -7.93
CA MET F 104 -22.59 -14.69 -9.35
C MET F 104 -21.58 -14.05 -10.27
N SER F 105 -20.71 -13.20 -9.76
CA SER F 105 -19.61 -12.75 -10.58
C SER F 105 -18.69 -13.92 -10.93
N ASP F 106 -18.49 -14.81 -9.97
CA ASP F 106 -17.47 -15.83 -10.10
C ASP F 106 -17.91 -16.97 -11.03
N PHE F 107 -19.10 -17.54 -10.78
CA PHE F 107 -19.59 -18.61 -11.65
C PHE F 107 -19.56 -18.22 -13.13
N GLU F 108 -19.98 -16.99 -13.43
CA GLU F 108 -20.05 -16.59 -14.83
C GLU F 108 -18.68 -16.50 -15.45
N TRP F 109 -17.66 -16.12 -14.65
CA TRP F 109 -16.30 -15.99 -15.19
C TRP F 109 -15.77 -17.33 -15.67
N ALA F 110 -15.58 -18.28 -14.75
CA ALA F 110 -15.13 -19.63 -15.05
C ALA F 110 -15.55 -20.12 -16.44
N PHE F 111 -16.64 -19.66 -16.95
CA PHE F 111 -17.02 -20.18 -18.23
C PHE F 111 -16.33 -19.41 -19.29
N LYS F 112 -15.90 -18.20 -18.98
CA LYS F 112 -15.32 -17.32 -19.99
C LYS F 112 -14.00 -17.73 -20.52
N LEU F 113 -13.05 -17.88 -19.65
CA LEU F 113 -11.77 -18.37 -20.10
C LEU F 113 -11.85 -19.80 -20.60
N ASN F 114 -12.36 -20.70 -19.79
CA ASN F 114 -12.41 -22.12 -20.14
C ASN F 114 -13.13 -22.50 -21.43
N LEU F 115 -14.36 -22.07 -21.62
CA LEU F 115 -15.10 -22.52 -22.80
C LEU F 115 -15.30 -21.46 -23.86
N PHE F 116 -15.62 -20.27 -23.46
CA PHE F 116 -15.89 -19.25 -24.42
C PHE F 116 -14.67 -19.04 -25.31
N SER F 117 -13.50 -18.94 -24.71
CA SER F 117 -12.26 -18.73 -25.44
C SER F 117 -11.95 -19.73 -26.50
N LEU F 118 -11.94 -20.98 -26.14
CA LEU F 118 -11.49 -22.04 -27.04
C LEU F 118 -12.52 -22.41 -28.10
N PHE F 119 -13.80 -22.04 -27.91
CA PHE F 119 -14.75 -22.28 -28.98
C PHE F 119 -14.46 -21.38 -30.18
N ARG F 120 -14.19 -20.09 -29.95
CA ARG F 120 -13.96 -19.19 -31.07
C ARG F 120 -12.60 -19.45 -31.69
N LEU F 121 -11.60 -19.75 -30.86
CA LEU F 121 -10.32 -20.18 -31.41
C LEU F 121 -10.51 -21.34 -32.38
N SER F 122 -11.30 -22.34 -31.97
CA SER F 122 -11.54 -23.49 -32.84
C SER F 122 -12.24 -23.07 -34.12
N GLN F 123 -13.16 -22.11 -34.03
CA GLN F 123 -13.80 -21.59 -35.24
C GLN F 123 -12.76 -20.98 -36.16
N LEU F 124 -11.80 -20.23 -35.59
CA LEU F 124 -10.85 -19.41 -36.35
C LEU F 124 -9.72 -20.24 -36.96
N ALA F 125 -9.27 -21.30 -36.29
CA ALA F 125 -8.32 -22.19 -36.94
C ALA F 125 -8.99 -23.04 -38.01
N ALA F 126 -10.29 -23.27 -37.86
CA ALA F 126 -10.93 -24.39 -38.56
C ALA F 126 -10.84 -24.31 -40.09
N PRO F 127 -11.07 -23.15 -40.74
CA PRO F 127 -10.95 -23.13 -42.21
C PRO F 127 -9.51 -23.24 -42.71
N HIS F 128 -8.53 -22.89 -41.88
CA HIS F 128 -7.13 -23.06 -42.30
C HIS F 128 -6.72 -24.52 -42.26
N MET F 129 -6.94 -25.18 -41.12
CA MET F 129 -6.68 -26.61 -41.00
C MET F 129 -7.37 -27.38 -42.12
N GLN F 130 -8.61 -27.00 -42.45
CA GLN F 130 -9.29 -27.63 -43.57
C GLN F 130 -8.54 -27.40 -44.89
N LYS F 131 -8.19 -26.13 -45.17
CA LYS F 131 -7.30 -25.79 -46.28
C LYS F 131 -6.11 -26.75 -46.32
N ALA F 132 -5.32 -26.74 -45.24
CA ALA F 132 -4.05 -27.46 -45.19
C ALA F 132 -4.18 -28.98 -45.36
N GLY F 133 -5.39 -29.53 -45.40
CA GLY F 133 -5.60 -30.93 -45.72
C GLY F 133 -6.00 -31.80 -44.54
N GLY F 134 -6.01 -31.24 -43.35
CA GLY F 134 -6.31 -31.96 -42.13
C GLY F 134 -5.64 -31.26 -40.97
N GLY F 135 -6.16 -31.51 -39.78
CA GLY F 135 -5.64 -30.84 -38.62
C GLY F 135 -6.05 -31.55 -37.35
N ALA F 136 -5.72 -30.92 -36.21
CA ALA F 136 -6.02 -31.48 -34.90
C ALA F 136 -6.18 -30.35 -33.90
N ILE F 137 -7.19 -30.49 -33.05
CA ILE F 137 -7.47 -29.54 -31.99
C ILE F 137 -7.49 -30.32 -30.68
N LEU F 138 -6.66 -29.92 -29.75
CA LEU F 138 -6.65 -30.51 -28.43
C LEU F 138 -7.14 -29.47 -27.42
N ASN F 139 -8.02 -29.86 -26.52
CA ASN F 139 -8.42 -28.97 -25.43
C ASN F 139 -7.91 -29.53 -24.10
N ILE F 140 -7.49 -28.67 -23.21
CA ILE F 140 -7.10 -29.12 -21.89
C ILE F 140 -8.23 -28.79 -20.95
N SER F 141 -8.91 -29.84 -20.51
CA SER F 141 -10.06 -29.74 -19.62
C SER F 141 -9.59 -29.84 -18.18
N SER F 142 -10.29 -30.65 -17.38
CA SER F 142 -9.97 -30.89 -15.98
C SER F 142 -10.69 -32.16 -15.55
N ILE F 143 -10.24 -32.74 -14.43
CA ILE F 143 -10.99 -33.89 -13.91
C ILE F 143 -12.22 -33.37 -13.15
N ALA F 144 -12.42 -32.06 -13.18
CA ALA F 144 -13.67 -31.51 -12.73
C ALA F 144 -14.77 -31.74 -13.75
N GLY F 145 -14.43 -32.10 -14.98
CA GLY F 145 -15.46 -32.38 -15.97
C GLY F 145 -16.26 -33.63 -15.67
N GLU F 146 -15.66 -34.59 -14.93
CA GLU F 146 -16.26 -35.83 -14.48
C GLU F 146 -16.56 -35.83 -12.98
N ASN F 147 -15.63 -35.37 -12.16
CA ASN F 147 -15.78 -35.45 -10.71
C ASN F 147 -16.83 -34.45 -10.21
N THR F 148 -17.38 -34.75 -9.02
CA THR F 148 -18.42 -33.95 -8.39
C THR F 148 -18.00 -33.55 -6.99
N ASN F 149 -18.21 -32.29 -6.62
CA ASN F 149 -17.76 -31.89 -5.30
C ASN F 149 -18.35 -30.55 -4.86
N VAL F 150 -18.32 -30.34 -3.55
CA VAL F 150 -18.69 -29.05 -2.97
C VAL F 150 -17.68 -28.00 -3.42
N ARG F 151 -18.18 -26.80 -3.71
CA ARG F 151 -17.46 -25.62 -4.22
C ARG F 151 -17.05 -25.77 -5.67
N MET F 152 -17.61 -26.76 -6.37
CA MET F 152 -17.17 -27.09 -7.72
C MET F 152 -18.16 -26.65 -8.80
N ALA F 153 -19.10 -25.78 -8.46
CA ALA F 153 -20.17 -25.45 -9.39
C ALA F 153 -19.62 -24.80 -10.67
N SER F 154 -18.76 -23.80 -10.53
CA SER F 154 -18.38 -23.07 -11.74
C SER F 154 -17.26 -23.79 -12.49
N TYR F 155 -16.27 -24.31 -11.76
CA TYR F 155 -15.14 -24.94 -12.43
C TYR F 155 -15.61 -26.21 -13.16
N GLY F 156 -16.12 -27.18 -12.40
CA GLY F 156 -16.80 -28.34 -12.95
C GLY F 156 -17.68 -28.06 -14.15
N SER F 157 -18.79 -27.35 -13.95
CA SER F 157 -19.79 -27.19 -15.01
C SER F 157 -19.23 -26.56 -16.28
N SER F 158 -18.09 -25.90 -16.20
CA SER F 158 -17.48 -25.32 -17.39
C SER F 158 -16.61 -26.35 -18.12
N LYS F 159 -15.63 -26.90 -17.41
CA LYS F 159 -14.81 -27.95 -17.96
C LYS F 159 -15.70 -29.10 -18.46
N ALA F 160 -16.71 -29.46 -17.67
CA ALA F 160 -17.75 -30.36 -18.15
C ALA F 160 -18.20 -29.98 -19.56
N ALA F 161 -18.64 -28.73 -19.75
CA ALA F 161 -19.05 -28.30 -21.09
C ALA F 161 -17.89 -28.27 -22.08
N VAL F 162 -16.66 -28.19 -21.59
CA VAL F 162 -15.50 -28.39 -22.44
C VAL F 162 -15.49 -29.82 -22.96
N ASN F 163 -15.52 -30.79 -22.03
CA ASN F 163 -15.61 -32.20 -22.40
C ASN F 163 -16.68 -32.46 -23.43
N HIS F 164 -17.93 -32.14 -23.11
CA HIS F 164 -19.00 -32.49 -24.02
C HIS F 164 -18.93 -31.75 -25.34
N LEU F 165 -18.31 -30.56 -25.37
CA LEU F 165 -18.15 -29.86 -26.64
C LEU F 165 -17.15 -30.56 -27.54
N THR F 166 -15.97 -30.87 -26.99
CA THR F 166 -15.02 -31.78 -27.61
C THR F 166 -15.73 -32.91 -28.34
N ARG F 167 -16.52 -33.69 -27.58
CA ARG F 167 -17.28 -34.80 -28.16
C ARG F 167 -18.11 -34.37 -29.36
N ASN F 168 -18.68 -33.18 -29.31
CA ASN F 168 -19.61 -32.83 -30.38
C ASN F 168 -18.94 -32.09 -31.52
N ILE F 169 -18.13 -31.06 -31.23
CA ILE F 169 -17.57 -30.31 -32.36
C ILE F 169 -16.76 -31.21 -33.26
N ALA F 170 -16.26 -32.33 -32.73
CA ALA F 170 -15.65 -33.33 -33.61
C ALA F 170 -16.67 -33.83 -34.62
N PHE F 171 -17.95 -33.86 -34.25
CA PHE F 171 -18.93 -34.18 -35.27
C PHE F 171 -19.11 -33.04 -36.24
N ASP F 172 -18.68 -31.84 -35.87
CA ASP F 172 -18.76 -30.70 -36.78
C ASP F 172 -17.50 -30.58 -37.67
N VAL F 173 -16.29 -30.83 -37.14
CA VAL F 173 -15.06 -30.72 -37.92
C VAL F 173 -14.56 -32.07 -38.41
N GLY F 174 -15.39 -33.10 -38.37
CA GLY F 174 -15.02 -34.39 -38.88
C GLY F 174 -14.55 -34.30 -40.32
N PRO F 175 -15.50 -34.19 -41.26
CA PRO F 175 -15.13 -34.13 -42.68
C PRO F 175 -14.44 -32.85 -43.11
N MET F 176 -14.25 -31.87 -42.24
CA MET F 176 -13.19 -30.91 -42.54
C MET F 176 -11.81 -31.49 -42.29
N GLY F 177 -11.72 -32.78 -41.92
CA GLY F 177 -10.46 -33.46 -41.69
C GLY F 177 -9.81 -33.17 -40.35
N ILE F 178 -10.49 -32.51 -39.44
CA ILE F 178 -9.92 -32.30 -38.12
C ILE F 178 -10.29 -33.28 -37.01
N ARG F 179 -9.47 -33.36 -35.96
CA ARG F 179 -9.71 -34.23 -34.86
C ARG F 179 -9.68 -33.40 -33.63
N VAL F 180 -10.71 -33.49 -32.81
CA VAL F 180 -10.75 -32.76 -31.57
C VAL F 180 -10.81 -33.70 -30.40
N ASN F 181 -9.85 -33.57 -29.50
CA ASN F 181 -9.83 -34.38 -28.30
C ASN F 181 -9.48 -33.49 -27.11
N ALA F 182 -9.57 -34.07 -25.93
CA ALA F 182 -9.22 -33.30 -24.76
C ALA F 182 -8.49 -34.20 -23.76
N ILE F 183 -7.73 -33.58 -22.88
CA ILE F 183 -7.06 -34.26 -21.79
C ILE F 183 -7.63 -33.66 -20.51
N ALA F 184 -8.18 -34.52 -19.67
CA ALA F 184 -8.61 -34.02 -18.40
C ALA F 184 -7.51 -34.31 -17.37
N PRO F 185 -6.69 -33.32 -17.02
CA PRO F 185 -5.58 -33.59 -16.11
C PRO F 185 -6.01 -33.53 -14.66
N GLY F 186 -5.33 -34.32 -13.83
CA GLY F 186 -5.35 -34.19 -12.38
C GLY F 186 -4.30 -33.23 -11.85
N ALA F 187 -3.75 -33.54 -10.67
CA ALA F 187 -2.88 -32.60 -9.97
C ALA F 187 -1.51 -32.49 -10.65
N MET F 188 -1.12 -31.25 -10.96
CA MET F 188 0.13 -30.95 -11.63
C MET F 188 1.10 -30.30 -10.66
N LYS F 189 2.22 -30.97 -10.37
CA LYS F 189 3.31 -30.29 -9.66
C LYS F 189 3.84 -29.16 -10.53
N THR F 190 2.98 -28.18 -10.80
CA THR F 190 3.38 -26.96 -11.49
C THR F 190 4.24 -26.11 -10.56
N ASP F 191 4.76 -25.02 -11.12
CA ASP F 191 5.68 -24.17 -10.40
C ASP F 191 5.04 -23.59 -9.13
N ALA F 192 3.70 -23.47 -9.12
CA ALA F 192 2.99 -22.91 -7.97
C ALA F 192 3.21 -23.72 -6.68
N LEU F 193 3.48 -25.00 -6.80
CA LEU F 193 3.72 -25.84 -5.63
C LEU F 193 5.08 -26.51 -5.69
N THR F 198 4.07 -28.82 0.47
CA THR F 198 4.45 -29.58 1.67
C THR F 198 4.13 -31.07 1.61
N PRO F 199 4.94 -31.90 2.27
CA PRO F 199 4.65 -33.33 2.34
C PRO F 199 3.26 -33.69 2.87
N GLU F 200 2.79 -33.07 3.96
CA GLU F 200 1.58 -33.58 4.60
C GLU F 200 0.33 -33.29 3.75
N ILE F 201 0.29 -32.15 3.07
CA ILE F 201 -0.81 -31.89 2.14
C ILE F 201 -0.70 -32.83 0.94
N GLU F 202 0.52 -33.00 0.42
CA GLU F 202 0.71 -33.92 -0.71
C GLU F 202 0.42 -35.35 -0.33
N ARG F 203 0.65 -35.73 0.93
CA ARG F 203 0.28 -37.07 1.36
C ARG F 203 -1.22 -37.27 1.27
N ALA F 204 -2.00 -36.26 1.69
CA ALA F 204 -3.45 -36.36 1.59
C ALA F 204 -3.91 -36.38 0.13
N MET F 205 -3.24 -35.61 -0.73
CA MET F 205 -3.60 -35.51 -2.14
C MET F 205 -3.26 -36.77 -2.92
N LEU F 206 -2.35 -37.59 -2.40
CA LEU F 206 -1.89 -38.80 -3.07
C LEU F 206 -2.57 -40.05 -2.58
N LYS F 207 -3.08 -40.04 -1.35
CA LYS F 207 -4.20 -40.88 -0.95
C LYS F 207 -5.23 -40.91 -2.08
N HIS F 208 -5.83 -42.07 -2.31
CA HIS F 208 -6.83 -42.22 -3.39
C HIS F 208 -6.26 -41.82 -4.75
N THR F 209 -5.01 -42.17 -4.99
CA THR F 209 -4.39 -42.07 -6.29
C THR F 209 -3.59 -43.35 -6.54
N PRO F 210 -4.03 -44.21 -7.46
CA PRO F 210 -3.39 -45.52 -7.62
C PRO F 210 -1.93 -45.43 -8.02
N LEU F 211 -1.54 -44.42 -8.79
CA LEU F 211 -0.14 -44.29 -9.14
C LEU F 211 0.69 -43.59 -8.06
N GLY F 212 0.06 -42.88 -7.12
CA GLY F 212 0.76 -42.48 -5.91
C GLY F 212 1.86 -41.46 -6.10
N ARG F 213 1.79 -40.68 -7.17
CA ARG F 213 2.63 -39.52 -7.29
C ARG F 213 1.77 -38.43 -7.90
N LEU F 214 2.07 -37.19 -7.54
CA LEU F 214 1.49 -36.12 -8.33
C LEU F 214 2.09 -36.17 -9.72
N GLY F 215 1.36 -35.62 -10.69
CA GLY F 215 1.76 -35.67 -12.08
C GLY F 215 2.49 -34.41 -12.53
N GLU F 216 3.37 -34.58 -13.50
CA GLU F 216 4.15 -33.46 -14.02
C GLU F 216 3.48 -32.87 -15.25
N ALA F 217 3.91 -31.67 -15.61
CA ALA F 217 3.50 -31.11 -16.88
C ALA F 217 3.74 -32.10 -18.00
N GLN F 218 4.88 -32.80 -17.95
CA GLN F 218 5.30 -33.57 -19.10
C GLN F 218 4.31 -34.69 -19.39
N ASP F 219 3.78 -35.32 -18.33
CA ASP F 219 2.75 -36.34 -18.49
C ASP F 219 1.64 -35.86 -19.42
N ILE F 220 1.11 -34.66 -19.15
CA ILE F 220 0.10 -34.08 -20.03
C ILE F 220 0.70 -33.80 -21.41
N ALA F 221 1.92 -33.25 -21.43
CA ALA F 221 2.60 -32.91 -22.69
C ALA F 221 2.83 -34.15 -23.55
N ASN F 222 3.19 -35.29 -22.92
CA ASN F 222 3.41 -36.51 -23.69
C ASN F 222 2.12 -36.97 -24.36
N ALA F 223 1.04 -37.02 -23.58
CA ALA F 223 -0.27 -37.42 -24.10
C ALA F 223 -0.81 -36.39 -25.09
N ALA F 224 -0.62 -35.10 -24.80
CA ALA F 224 -0.92 -34.07 -25.76
C ALA F 224 -0.28 -34.37 -27.10
N LEU F 225 1.03 -34.69 -27.08
CA LEU F 225 1.71 -35.06 -28.31
C LEU F 225 1.05 -36.28 -28.97
N PHE F 226 0.75 -37.32 -28.18
CA PHE F 226 0.17 -38.52 -28.77
C PHE F 226 -1.15 -38.20 -29.47
N LEU F 227 -1.97 -37.36 -28.85
CA LEU F 227 -3.29 -37.09 -29.41
C LEU F 227 -3.20 -36.23 -30.67
N CYS F 228 -2.19 -35.36 -30.76
CA CYS F 228 -2.03 -34.46 -31.89
C CYS F 228 -1.17 -35.00 -33.01
N SER F 229 -0.59 -36.19 -32.84
CA SER F 229 0.31 -36.80 -33.81
C SER F 229 -0.44 -37.75 -34.73
N PRO F 230 0.19 -38.19 -35.82
CA PRO F 230 -0.47 -39.21 -36.67
C PRO F 230 -0.75 -40.50 -35.92
N ALA F 231 0.05 -40.79 -34.90
CA ALA F 231 -0.18 -41.97 -34.08
C ALA F 231 -1.60 -42.00 -33.55
N ALA F 232 -2.32 -40.87 -33.57
CA ALA F 232 -3.71 -40.83 -33.10
C ALA F 232 -4.66 -40.45 -34.20
N ALA F 233 -4.30 -40.81 -35.43
CA ALA F 233 -5.01 -40.43 -36.65
C ALA F 233 -6.51 -40.71 -36.60
N TRP F 234 -6.95 -41.74 -35.90
CA TRP F 234 -8.36 -42.10 -35.91
C TRP F 234 -9.02 -41.88 -34.55
N ILE F 235 -8.34 -41.22 -33.61
CA ILE F 235 -8.86 -41.00 -32.27
C ILE F 235 -9.52 -39.63 -32.28
N SER F 236 -10.85 -39.57 -32.30
CA SER F 236 -11.49 -38.27 -32.11
C SER F 236 -12.67 -38.40 -31.18
N GLY F 237 -13.08 -37.23 -30.66
CA GLY F 237 -14.18 -37.09 -29.72
C GLY F 237 -13.85 -37.55 -28.33
N GLN F 238 -12.58 -37.75 -28.04
CA GLN F 238 -12.14 -38.47 -26.87
C GLN F 238 -11.75 -37.51 -25.75
N VAL F 239 -11.84 -38.00 -24.53
CA VAL F 239 -11.44 -37.21 -23.38
C VAL F 239 -10.51 -38.11 -22.58
N LEU F 240 -9.21 -37.94 -22.77
CA LEU F 240 -8.25 -38.78 -22.09
C LEU F 240 -7.97 -38.18 -20.73
N THR F 241 -8.24 -38.93 -19.67
CA THR F 241 -7.92 -38.42 -18.33
C THR F 241 -6.55 -38.90 -17.88
N VAL F 242 -5.67 -37.95 -17.62
CA VAL F 242 -4.33 -38.21 -17.16
C VAL F 242 -4.24 -37.70 -15.73
N SER F 243 -4.55 -38.56 -14.78
CA SER F 243 -4.56 -38.13 -13.39
C SER F 243 -4.10 -39.22 -12.42
N GLY F 244 -3.29 -40.16 -12.89
CA GLY F 244 -2.80 -41.21 -12.03
C GLY F 244 -3.79 -42.29 -11.71
N GLY F 245 -4.99 -42.25 -12.30
CA GLY F 245 -6.03 -43.20 -11.98
C GLY F 245 -6.84 -42.82 -10.78
N GLY F 246 -6.93 -41.53 -10.45
CA GLY F 246 -7.52 -41.10 -9.23
C GLY F 246 -7.95 -39.65 -9.33
N VAL F 247 -8.39 -39.10 -8.19
CA VAL F 247 -8.74 -37.69 -8.13
C VAL F 247 -7.88 -37.02 -7.07
N GLN F 248 -7.75 -35.70 -7.24
CA GLN F 248 -6.88 -34.83 -6.45
C GLN F 248 -7.65 -33.58 -6.01
N SER G 1 13.93 46.97 -6.76
CA SER G 1 13.48 45.61 -6.46
C SER G 1 12.19 45.64 -5.63
N PRO G 2 11.17 44.92 -6.09
CA PRO G 2 9.89 44.86 -5.37
C PRO G 2 9.88 43.86 -4.23
N PHE G 3 11.01 43.20 -4.00
CA PHE G 3 11.17 42.15 -2.99
C PHE G 3 11.81 42.71 -1.73
N HIS G 4 11.22 43.76 -1.18
CA HIS G 4 11.72 44.40 0.03
C HIS G 4 10.60 44.42 1.06
N LEU G 5 10.95 44.66 2.31
CA LEU G 5 9.94 44.94 3.33
C LEU G 5 10.21 46.27 4.01
N ASN G 6 10.66 47.24 3.23
CA ASN G 6 10.97 48.54 3.77
C ASN G 6 9.74 49.11 4.44
N ASP G 7 9.94 49.62 5.65
CA ASP G 7 8.88 50.28 6.40
C ASP G 7 7.68 49.34 6.58
N ALA G 8 7.96 48.05 6.80
CA ALA G 8 6.93 47.07 7.12
C ALA G 8 7.19 46.56 8.53
N VAL G 9 6.18 46.62 9.37
CA VAL G 9 6.24 46.04 10.69
C VAL G 9 5.60 44.67 10.60
N ALA G 10 6.35 43.62 10.91
CA ALA G 10 5.85 42.25 10.79
C ALA G 10 5.87 41.53 12.14
N ILE G 11 4.68 41.08 12.58
CA ILE G 11 4.58 40.14 13.69
C ILE G 11 4.84 38.76 13.13
N VAL G 12 5.50 37.91 13.90
CA VAL G 12 5.75 36.53 13.49
C VAL G 12 5.53 35.62 14.68
N THR G 13 4.64 34.66 14.55
CA THR G 13 4.42 33.66 15.59
C THR G 13 5.37 32.49 15.40
N GLY G 14 5.71 31.83 16.51
CA GLY G 14 6.55 30.64 16.44
C GLY G 14 7.94 30.90 15.92
N ALA G 15 8.44 32.12 16.11
CA ALA G 15 9.65 32.59 15.48
C ALA G 15 10.91 32.28 16.28
N ALA G 16 10.82 31.45 17.33
CA ALA G 16 12.01 31.15 18.12
C ALA G 16 12.95 30.25 17.35
N ALA G 17 12.42 29.14 16.86
CA ALA G 17 13.17 28.10 16.19
C ALA G 17 12.47 27.81 14.87
N GLY G 18 12.92 26.79 14.15
CA GLY G 18 12.19 26.28 13.00
C GLY G 18 12.05 27.27 11.87
N ILE G 19 10.99 27.10 11.09
CA ILE G 19 10.69 27.97 9.96
C ILE G 19 10.61 29.42 10.41
N GLY G 20 9.56 29.77 11.15
CA GLY G 20 9.32 31.14 11.58
C GLY G 20 10.53 31.90 12.04
N ARG G 21 11.50 31.18 12.63
CA ARG G 21 12.81 31.77 12.94
C ARG G 21 13.48 32.34 11.70
N ALA G 22 13.64 31.49 10.67
CA ALA G 22 14.16 31.96 9.40
C ALA G 22 13.32 33.11 8.83
N ILE G 23 11.99 32.96 8.83
CA ILE G 23 11.11 34.03 8.34
C ILE G 23 11.46 35.35 8.99
N ALA G 24 11.54 35.34 10.33
CA ALA G 24 11.89 36.55 11.08
C ALA G 24 13.26 37.08 10.67
N GLY G 25 14.26 36.19 10.63
CA GLY G 25 15.58 36.62 10.23
C GLY G 25 15.58 37.19 8.82
N THR G 26 14.88 36.52 7.90
CA THR G 26 14.72 37.01 6.54
C THR G 26 14.02 38.37 6.53
N PHE G 27 12.86 38.48 7.19
CA PHE G 27 12.11 39.74 7.11
C PHE G 27 12.89 40.90 7.71
N ALA G 28 13.83 40.64 8.62
CA ALA G 28 14.68 41.72 9.10
C ALA G 28 15.58 42.23 7.98
N LYS G 29 16.35 41.32 7.36
CA LYS G 29 17.26 41.68 6.26
C LYS G 29 16.55 42.48 5.17
N ALA G 30 15.29 42.13 4.89
CA ALA G 30 14.48 42.77 3.86
C ALA G 30 13.99 44.16 4.23
N GLY G 31 14.15 44.60 5.47
CA GLY G 31 13.82 45.96 5.87
C GLY G 31 12.70 46.08 6.89
N ALA G 32 12.15 44.98 7.40
CA ALA G 32 11.02 45.03 8.31
C ALA G 32 11.51 45.08 9.76
N SER G 33 10.91 45.96 10.53
CA SER G 33 11.07 45.91 11.98
C SER G 33 10.25 44.72 12.48
N VAL G 34 10.91 43.67 12.97
CA VAL G 34 10.24 42.41 13.27
C VAL G 34 9.84 42.35 14.74
N VAL G 35 8.56 42.08 15.00
CA VAL G 35 8.10 41.65 16.32
C VAL G 35 8.22 40.12 16.33
N VAL G 36 9.20 39.61 17.09
CA VAL G 36 9.47 38.19 17.23
C VAL G 36 8.68 37.63 18.40
N THR G 37 7.86 36.64 18.11
CA THR G 37 6.85 36.09 18.99
C THR G 37 7.03 34.60 19.13
N ASP G 38 6.85 34.08 20.34
CA ASP G 38 6.94 32.64 20.50
C ASP G 38 6.39 32.29 21.87
N LEU G 39 5.97 31.02 22.00
CA LEU G 39 5.64 30.46 23.30
C LEU G 39 6.82 30.57 24.28
N LYS G 40 8.05 30.32 23.79
CA LYS G 40 9.22 30.47 24.63
C LYS G 40 9.64 31.93 24.65
N SER G 41 9.54 32.60 25.80
CA SER G 41 9.97 33.98 25.82
C SER G 41 11.47 34.04 25.56
N GLU G 42 12.22 33.13 26.17
CA GLU G 42 13.68 33.09 26.02
C GLU G 42 14.08 32.78 24.59
N GLY G 43 13.28 31.99 23.89
CA GLY G 43 13.52 31.76 22.47
C GLY G 43 13.39 33.02 21.66
N ALA G 44 12.23 33.68 21.74
CA ALA G 44 11.99 34.89 20.96
C ALA G 44 12.91 36.03 21.35
N GLU G 45 13.27 36.15 22.63
CA GLU G 45 14.28 37.13 23.02
C GLU G 45 15.54 36.96 22.19
N ALA G 46 16.03 35.72 22.10
CA ALA G 46 17.26 35.40 21.37
C ALA G 46 17.19 35.81 19.89
N VAL G 47 16.04 35.61 19.25
CA VAL G 47 15.92 35.97 17.85
C VAL G 47 15.95 37.48 17.70
N ALA G 48 15.07 38.18 18.40
CA ALA G 48 15.08 39.64 18.37
C ALA G 48 16.47 40.21 18.68
N ALA G 49 17.22 39.56 19.58
CA ALA G 49 18.55 40.07 19.90
C ALA G 49 19.54 39.85 18.76
N ALA G 50 19.57 38.65 18.18
CA ALA G 50 20.51 38.40 17.09
C ALA G 50 20.09 39.01 15.76
N ILE G 51 18.83 39.47 15.64
CA ILE G 51 18.46 40.35 14.53
C ILE G 51 19.05 41.73 14.73
N ARG G 52 18.87 42.29 15.92
CA ARG G 52 19.50 43.57 16.27
C ARG G 52 21.01 43.49 16.06
N GLN G 53 21.64 42.38 16.49
CA GLN G 53 23.05 42.07 16.24
C GLN G 53 23.47 42.40 14.81
N ALA G 54 22.97 41.61 13.84
CA ALA G 54 23.06 41.89 12.42
C ALA G 54 22.54 43.32 12.03
N GLY G 55 22.17 44.28 12.89
CA GLY G 55 21.77 45.60 12.46
C GLY G 55 20.28 45.79 12.23
N GLY G 56 19.46 44.82 12.63
CA GLY G 56 18.03 44.86 12.40
C GLY G 56 17.30 45.59 13.49
N LYS G 57 16.00 45.69 13.32
CA LYS G 57 15.12 46.29 14.31
C LYS G 57 14.11 45.24 14.73
N ALA G 58 14.04 44.97 16.04
CA ALA G 58 13.25 43.86 16.54
C ALA G 58 13.04 43.90 18.05
N ILE G 59 11.80 43.90 18.48
CA ILE G 59 11.47 43.53 19.86
C ILE G 59 11.15 42.05 19.90
N GLY G 60 11.42 41.42 21.03
CA GLY G 60 11.04 40.04 21.23
C GLY G 60 10.08 39.87 22.38
N LEU G 61 8.89 39.36 22.10
CA LEU G 61 7.84 39.13 23.07
C LEU G 61 7.73 37.63 23.38
N GLU G 62 6.84 37.31 24.32
CA GLU G 62 6.30 35.97 24.49
C GLU G 62 4.83 35.97 24.08
N CYS G 63 4.42 34.92 23.37
CA CYS G 63 3.05 34.78 22.90
C CYS G 63 2.77 33.33 22.54
N ASN G 64 2.00 32.67 23.40
CA ASN G 64 1.26 31.46 23.08
C ASN G 64 -0.01 31.87 22.35
N VAL G 65 -0.08 31.55 21.05
CA VAL G 65 -1.15 32.03 20.19
C VAL G 65 -2.51 31.48 20.56
N THR G 66 -2.55 30.46 21.42
CA THR G 66 -3.81 29.94 21.96
C THR G 66 -4.28 30.71 23.18
N ASP G 67 -3.48 31.65 23.68
CA ASP G 67 -3.84 32.50 24.80
C ASP G 67 -4.39 33.85 24.34
N GLU G 68 -5.65 34.13 24.65
CA GLU G 68 -6.25 35.35 24.15
C GLU G 68 -5.60 36.61 24.75
N GLN G 69 -5.05 36.52 25.96
CA GLN G 69 -4.37 37.67 26.54
C GLN G 69 -2.99 37.86 25.95
N HIS G 70 -2.37 36.79 25.47
CA HIS G 70 -1.11 36.93 24.75
C HIS G 70 -1.31 37.60 23.41
N ARG G 71 -2.45 37.35 22.75
CA ARG G 71 -2.63 37.82 21.38
C ARG G 71 -2.80 39.33 21.36
N GLU G 72 -3.58 39.87 22.29
CA GLU G 72 -3.75 41.31 22.31
C GLU G 72 -2.44 41.98 22.69
N ALA G 73 -1.72 41.40 23.65
CA ALA G 73 -0.47 41.99 24.10
C ALA G 73 0.54 42.13 22.97
N VAL G 74 0.51 41.22 22.01
CA VAL G 74 1.43 41.30 20.90
C VAL G 74 1.03 42.40 19.92
N ILE G 75 -0.26 42.46 19.57
CA ILE G 75 -0.71 43.52 18.67
C ILE G 75 -0.38 44.88 19.24
N LYS G 76 -0.49 45.04 20.57
CA LYS G 76 -0.20 46.33 21.17
C LYS G 76 1.29 46.62 21.13
N ALA G 77 2.11 45.70 21.69
CA ALA G 77 3.54 45.94 21.76
C ALA G 77 4.12 46.29 20.40
N ALA G 78 3.48 45.86 19.31
CA ALA G 78 3.96 46.19 17.98
C ALA G 78 3.56 47.62 17.62
N LEU G 79 2.30 47.97 17.87
CA LEU G 79 1.90 49.36 17.81
C LEU G 79 2.83 50.22 18.67
N ASP G 80 2.89 49.92 19.97
CA ASP G 80 3.63 50.75 20.91
C ASP G 80 5.09 50.91 20.50
N GLN G 81 5.67 49.88 19.90
CA GLN G 81 7.09 49.95 19.56
C GLN G 81 7.35 50.47 18.17
N PHE G 82 6.47 50.19 17.21
CA PHE G 82 6.72 50.57 15.83
C PHE G 82 5.59 51.34 15.17
N GLY G 83 4.48 51.61 15.88
CA GLY G 83 3.47 52.53 15.40
C GLY G 83 2.43 52.00 14.44
N LYS G 84 2.59 50.78 13.94
CA LYS G 84 1.65 50.22 12.98
C LYS G 84 1.90 48.72 12.90
N ILE G 85 1.13 48.06 12.02
CA ILE G 85 1.27 46.66 11.69
C ILE G 85 0.95 46.50 10.20
N THR G 86 1.91 46.01 9.40
CA THR G 86 1.62 45.78 7.99
C THR G 86 1.82 44.33 7.53
N VAL G 87 2.45 43.47 8.31
CA VAL G 87 2.56 42.05 7.96
C VAL G 87 2.29 41.22 9.21
N LEU G 88 1.38 40.25 9.11
CA LEU G 88 1.20 39.23 10.15
C LEU G 88 1.54 37.85 9.61
N VAL G 89 2.46 37.16 10.27
CA VAL G 89 2.86 35.83 9.88
C VAL G 89 2.40 34.87 10.96
N ASN G 90 1.32 34.14 10.67
CA ASN G 90 0.85 33.02 11.49
C ASN G 90 1.64 31.75 11.14
N ASN G 91 2.82 31.63 11.74
CA ASN G 91 3.69 30.47 11.53
C ASN G 91 3.52 29.38 12.57
N ALA G 92 3.21 29.76 13.81
CA ALA G 92 2.99 28.81 14.90
C ALA G 92 1.96 27.76 14.47
N GLY G 93 2.09 26.57 15.05
CA GLY G 93 1.20 25.48 14.73
C GLY G 93 1.89 24.17 15.00
N GLY G 94 1.40 23.15 14.33
CA GLY G 94 2.03 21.85 14.47
C GLY G 94 0.98 20.75 14.33
N GLY G 95 1.26 19.62 14.96
CA GLY G 95 0.46 18.43 14.79
C GLY G 95 1.24 17.37 14.04
N GLY G 96 0.57 16.22 13.87
CA GLY G 96 1.20 15.03 13.35
C GLY G 96 0.26 13.84 13.23
N PRO G 97 0.83 12.64 13.00
CA PRO G 97 0.01 11.41 12.89
C PRO G 97 -0.70 11.05 14.19
N LYS G 98 -1.97 10.63 14.05
CA LYS G 98 -2.79 10.33 15.18
C LYS G 98 -3.65 9.15 14.76
N PRO G 99 -3.75 8.14 15.61
CA PRO G 99 -4.76 7.09 15.42
C PRO G 99 -6.15 7.68 15.27
N PHE G 100 -6.95 7.03 14.42
CA PHE G 100 -8.31 7.46 14.14
C PHE G 100 -9.13 7.62 15.42
N ASP G 101 -8.99 6.69 16.35
CA ASP G 101 -9.73 6.75 17.62
C ASP G 101 -8.99 7.55 18.69
N MET G 102 -8.43 8.71 18.33
CA MET G 102 -7.73 9.55 19.27
C MET G 102 -8.71 10.26 20.18
N PRO G 103 -8.26 10.69 21.35
CA PRO G 103 -9.14 11.46 22.23
C PRO G 103 -9.56 12.77 21.57
N MET G 104 -10.83 13.11 21.76
CA MET G 104 -11.35 14.36 21.23
C MET G 104 -10.57 15.57 21.73
N SER G 105 -9.92 15.46 22.90
CA SER G 105 -9.04 16.53 23.34
C SER G 105 -7.89 16.74 22.35
N ASP G 106 -7.29 15.66 21.86
CA ASP G 106 -6.29 15.78 20.81
C ASP G 106 -6.86 16.41 19.53
N PHE G 107 -8.03 15.95 19.12
CA PHE G 107 -8.63 16.47 17.90
C PHE G 107 -8.83 17.96 18.01
N GLU G 108 -9.47 18.42 19.09
CA GLU G 108 -9.86 19.82 19.17
C GLU G 108 -8.63 20.73 19.26
N TRP G 109 -7.65 20.35 20.08
CA TRP G 109 -6.39 21.10 20.19
C TRP G 109 -5.79 21.38 18.82
N ALA G 110 -5.89 20.42 17.89
CA ALA G 110 -5.41 20.61 16.53
C ALA G 110 -5.96 21.90 15.91
N PHE G 111 -7.24 22.20 16.18
CA PHE G 111 -7.88 23.38 15.63
C PHE G 111 -7.67 24.60 16.51
N LYS G 112 -7.69 24.40 17.82
CA LYS G 112 -7.20 25.43 18.71
C LYS G 112 -5.85 25.94 18.25
N LEU G 113 -4.94 25.00 17.97
CA LEU G 113 -3.55 25.35 17.66
C LEU G 113 -3.38 25.81 16.21
N ASN G 114 -3.86 25.01 15.25
CA ASN G 114 -3.58 25.37 13.86
C ASN G 114 -4.55 26.40 13.30
N LEU G 115 -5.83 26.32 13.65
CA LEU G 115 -6.82 27.15 12.98
C LEU G 115 -7.27 28.31 13.84
N PHE G 116 -7.98 28.06 14.95
CA PHE G 116 -8.57 29.12 15.77
C PHE G 116 -7.55 30.23 16.04
N SER G 117 -6.33 29.82 16.35
CA SER G 117 -5.25 30.73 16.68
C SER G 117 -5.03 31.84 15.70
N LEU G 118 -4.77 31.49 14.45
CA LEU G 118 -4.47 32.51 13.47
C LEU G 118 -5.68 33.37 13.14
N PHE G 119 -6.87 32.81 13.26
CA PHE G 119 -8.04 33.53 12.87
C PHE G 119 -8.13 34.64 13.85
N ARG G 120 -8.02 34.27 15.11
CA ARG G 120 -8.15 35.30 16.13
C ARG G 120 -7.09 36.38 15.94
N LEU G 121 -5.84 35.98 15.63
CA LEU G 121 -4.78 36.95 15.40
C LEU G 121 -5.06 37.80 14.19
N SER G 122 -5.63 37.23 13.14
CA SER G 122 -5.92 38.06 11.99
C SER G 122 -7.07 39.00 12.28
N GLN G 123 -7.97 38.61 13.16
CA GLN G 123 -9.00 39.56 13.55
C GLN G 123 -8.37 40.77 14.21
N LEU G 124 -7.34 40.54 15.03
CA LEU G 124 -6.77 41.63 15.82
C LEU G 124 -5.87 42.53 14.97
N ALA G 125 -5.13 41.93 14.03
CA ALA G 125 -4.25 42.71 13.19
C ALA G 125 -4.97 43.37 12.02
N ALA G 126 -6.09 42.78 11.58
CA ALA G 126 -6.76 43.31 10.38
C ALA G 126 -7.12 44.79 10.47
N PRO G 127 -7.64 45.32 11.59
CA PRO G 127 -7.96 46.76 11.60
C PRO G 127 -6.73 47.64 11.43
N HIS G 128 -5.68 47.41 12.23
CA HIS G 128 -4.46 48.21 12.12
C HIS G 128 -3.88 48.16 10.71
N MET G 129 -3.88 46.98 10.09
CA MET G 129 -3.43 46.89 8.71
C MET G 129 -4.26 47.79 7.81
N GLN G 130 -5.51 48.07 8.19
CA GLN G 130 -6.35 48.95 7.39
C GLN G 130 -5.92 50.40 7.55
N LYS G 131 -5.69 50.86 8.79
CA LYS G 131 -5.24 52.24 9.00
C LYS G 131 -3.92 52.52 8.26
N ALA G 132 -2.97 51.55 8.29
CA ALA G 132 -1.65 51.76 7.66
C ALA G 132 -1.70 51.65 6.18
N GLY G 133 -2.91 51.67 5.62
CA GLY G 133 -3.11 51.64 4.19
C GLY G 133 -3.11 50.26 3.58
N GLY G 134 -2.78 49.23 4.35
CA GLY G 134 -2.78 47.88 3.83
C GLY G 134 -1.73 47.02 4.50
N GLY G 135 -1.80 45.74 4.18
CA GLY G 135 -0.87 44.78 4.73
C GLY G 135 -1.08 43.42 4.10
N ALA G 136 -0.34 42.44 4.62
CA ALA G 136 -0.43 41.08 4.12
C ALA G 136 -0.36 40.14 5.30
N ILE G 137 -1.26 39.15 5.30
CA ILE G 137 -1.31 38.09 6.30
C ILE G 137 -0.80 36.81 5.64
N LEU G 138 0.09 36.10 6.34
CA LEU G 138 0.61 34.84 5.84
C LEU G 138 0.40 33.74 6.87
N ASN G 139 -0.16 32.62 6.41
CA ASN G 139 -0.44 31.45 7.24
C ASN G 139 0.40 30.28 6.81
N ILE G 140 0.97 29.57 7.78
CA ILE G 140 1.81 28.42 7.46
C ILE G 140 0.99 27.16 7.70
N SER G 141 0.53 26.61 6.59
CA SER G 141 -0.28 25.41 6.58
C SER G 141 0.59 24.15 6.55
N SER G 142 0.16 23.10 5.83
CA SER G 142 0.95 21.91 5.53
C SER G 142 0.40 21.23 4.30
N ILE G 143 1.20 20.32 3.73
CA ILE G 143 0.68 19.55 2.60
C ILE G 143 -0.41 18.57 3.01
N ALA G 144 -0.58 18.39 4.33
CA ALA G 144 -1.72 17.62 4.83
C ALA G 144 -3.06 18.23 4.43
N GLY G 145 -3.10 19.54 4.18
CA GLY G 145 -4.34 20.16 3.77
C GLY G 145 -4.79 19.78 2.37
N GLU G 146 -3.88 19.33 1.53
CA GLU G 146 -4.27 18.88 0.21
C GLU G 146 -4.12 17.38 0.06
N ASN G 147 -3.27 16.75 0.87
CA ASN G 147 -2.97 15.34 0.71
C ASN G 147 -3.95 14.47 1.51
N THR G 148 -4.01 13.19 1.14
CA THR G 148 -4.87 12.20 1.76
C THR G 148 -4.02 11.00 2.13
N ASN G 149 -4.20 10.50 3.36
CA ASN G 149 -3.25 9.58 3.99
C ASN G 149 -3.84 9.03 5.29
N VAL G 150 -3.45 7.80 5.61
CA VAL G 150 -3.79 7.23 6.92
C VAL G 150 -3.27 8.15 8.02
N ARG G 151 -4.09 8.29 9.09
CA ARG G 151 -3.72 8.92 10.35
C ARG G 151 -3.62 10.44 10.27
N MET G 152 -4.32 11.07 9.34
CA MET G 152 -4.24 12.52 9.19
C MET G 152 -5.52 13.22 9.61
N ALA G 153 -6.39 12.53 10.36
CA ALA G 153 -7.72 13.01 10.67
C ALA G 153 -7.68 14.39 11.32
N SER G 154 -6.92 14.54 12.40
CA SER G 154 -6.81 15.86 13.03
C SER G 154 -5.90 16.78 12.20
N TYR G 155 -4.63 16.39 11.99
CA TYR G 155 -3.64 17.25 11.33
C TYR G 155 -4.12 17.69 9.95
N GLY G 156 -4.48 16.73 9.09
CA GLY G 156 -4.90 17.09 7.75
C GLY G 156 -6.12 17.99 7.75
N SER G 157 -7.17 17.58 8.46
CA SER G 157 -8.41 18.34 8.40
C SER G 157 -8.20 19.75 8.94
N SER G 158 -7.33 19.89 9.93
CA SER G 158 -7.09 21.22 10.48
C SER G 158 -6.34 22.09 9.47
N LYS G 159 -5.20 21.60 8.95
CA LYS G 159 -4.46 22.39 7.97
C LYS G 159 -5.23 22.58 6.66
N ALA G 160 -6.16 21.70 6.34
CA ALA G 160 -7.03 21.98 5.22
C ALA G 160 -8.00 23.11 5.56
N ALA G 161 -8.44 23.17 6.81
CA ALA G 161 -9.27 24.29 7.22
C ALA G 161 -8.49 25.60 7.15
N VAL G 162 -7.19 25.55 7.45
CA VAL G 162 -6.34 26.73 7.36
C VAL G 162 -6.17 27.18 5.92
N ASN G 163 -6.18 26.25 4.96
CA ASN G 163 -6.09 26.63 3.55
C ASN G 163 -7.35 27.36 3.10
N HIS G 164 -8.51 26.73 3.27
CA HIS G 164 -9.74 27.32 2.76
C HIS G 164 -10.12 28.61 3.49
N LEU G 165 -9.78 28.73 4.79
CA LEU G 165 -9.97 30.00 5.50
C LEU G 165 -9.21 31.10 4.82
N THR G 166 -7.92 30.85 4.57
CA THR G 166 -7.07 31.76 3.80
C THR G 166 -7.74 32.21 2.50
N ARG G 167 -8.30 31.27 1.74
CA ARG G 167 -9.02 31.63 0.53
C ARG G 167 -10.16 32.59 0.81
N ASN G 168 -10.81 32.46 1.98
CA ASN G 168 -12.06 33.15 2.18
C ASN G 168 -11.89 34.50 2.86
N ILE G 169 -11.08 34.60 3.91
CA ILE G 169 -10.93 35.91 4.54
C ILE G 169 -10.16 36.88 3.65
N ALA G 170 -9.51 36.37 2.60
CA ALA G 170 -9.11 37.23 1.50
C ALA G 170 -10.28 38.09 1.01
N PHE G 171 -11.48 37.50 0.94
CA PHE G 171 -12.65 38.23 0.49
C PHE G 171 -13.18 39.19 1.56
N ASP G 172 -12.81 38.99 2.82
CA ASP G 172 -13.29 39.89 3.87
C ASP G 172 -12.41 41.12 3.95
N VAL G 173 -11.09 40.92 3.98
CA VAL G 173 -10.13 41.99 4.24
C VAL G 173 -9.53 42.55 2.98
N GLY G 174 -9.90 42.02 1.81
CA GLY G 174 -9.41 42.49 0.52
C GLY G 174 -9.76 43.93 0.23
N PRO G 175 -11.06 44.26 0.19
CA PRO G 175 -11.48 45.64 0.35
C PRO G 175 -10.62 46.48 1.28
N MET G 176 -10.34 46.00 2.50
CA MET G 176 -9.51 46.73 3.45
C MET G 176 -8.06 46.83 2.95
N GLY G 177 -7.81 46.39 1.73
CA GLY G 177 -6.47 46.39 1.20
C GLY G 177 -5.54 45.47 1.96
N ILE G 178 -6.04 44.31 2.39
CA ILE G 178 -5.25 43.30 3.06
C ILE G 178 -5.35 42.02 2.25
N ARG G 179 -4.17 41.40 2.08
CA ARG G 179 -4.04 40.17 1.34
C ARG G 179 -3.68 39.02 2.22
N VAL G 180 -4.32 37.87 1.98
CA VAL G 180 -4.12 36.68 2.80
C VAL G 180 -3.64 35.56 1.89
N ASN G 181 -2.51 34.95 2.23
CA ASN G 181 -2.07 33.74 1.54
C ASN G 181 -1.44 32.77 2.53
N ALA G 182 -1.12 31.57 2.02
CA ALA G 182 -0.56 30.45 2.78
C ALA G 182 0.47 29.66 1.97
N ILE G 183 1.59 29.40 2.61
CA ILE G 183 2.59 28.48 2.13
C ILE G 183 2.28 27.14 2.78
N ALA G 184 2.22 26.08 1.97
CA ALA G 184 1.82 24.78 2.48
C ALA G 184 2.99 23.82 2.42
N PRO G 185 3.91 23.90 3.38
CA PRO G 185 5.15 23.12 3.31
C PRO G 185 4.96 21.61 3.39
N GLY G 186 5.95 20.91 2.80
CA GLY G 186 6.22 19.52 3.07
C GLY G 186 7.23 19.38 4.18
N ALA G 187 8.02 18.31 4.14
CA ALA G 187 8.98 18.07 5.21
C ALA G 187 10.14 19.08 5.18
N MET G 188 10.30 19.87 6.27
CA MET G 188 11.47 20.70 6.51
C MET G 188 12.26 20.15 7.68
N LYS G 189 13.55 19.91 7.47
CA LYS G 189 14.45 19.55 8.57
C LYS G 189 14.54 20.70 9.58
N THR G 190 13.48 20.85 10.36
CA THR G 190 13.45 21.83 11.42
C THR G 190 13.53 20.91 12.60
N ASP G 191 13.14 21.38 13.77
CA ASP G 191 13.09 20.49 14.91
C ASP G 191 11.99 19.50 14.64
N ALA G 192 10.82 20.00 14.23
CA ALA G 192 9.70 19.13 13.93
C ALA G 192 10.13 17.85 13.24
N LEU G 193 10.76 17.98 12.09
CA LEU G 193 11.21 16.80 11.35
C LEU G 193 12.25 16.04 12.12
N ALA G 194 13.45 16.60 12.21
CA ALA G 194 14.54 15.94 12.91
C ALA G 194 14.09 15.08 14.07
N THR G 195 13.33 15.65 15.00
CA THR G 195 12.92 14.91 16.18
C THR G 195 12.55 13.46 15.82
N VAL G 196 11.58 13.29 14.92
CA VAL G 196 11.08 11.96 14.56
C VAL G 196 11.65 11.48 13.21
N LEU G 197 12.77 12.05 12.77
CA LEU G 197 13.30 11.74 11.46
C LEU G 197 14.48 10.78 11.60
N THR G 198 14.68 9.96 10.59
CA THR G 198 15.76 8.99 10.52
C THR G 198 16.24 8.94 9.07
N PRO G 199 17.46 8.40 8.83
CA PRO G 199 17.92 8.31 7.44
C PRO G 199 17.04 7.41 6.58
N GLU G 200 16.72 6.21 7.09
CA GLU G 200 15.92 5.25 6.32
C GLU G 200 14.51 5.78 6.05
N ILE G 201 14.01 6.70 6.88
CA ILE G 201 12.71 7.30 6.62
C ILE G 201 12.81 8.40 5.57
N GLU G 202 13.83 9.27 5.70
CA GLU G 202 14.11 10.29 4.68
C GLU G 202 14.32 9.67 3.29
N ARG G 203 14.95 8.50 3.24
CA ARG G 203 15.14 7.81 1.96
C ARG G 203 13.80 7.41 1.33
N ALA G 204 12.83 7.04 2.16
CA ALA G 204 11.48 6.81 1.66
C ALA G 204 10.86 8.12 1.17
N MET G 205 10.97 9.16 2.00
CA MET G 205 10.44 10.46 1.63
C MET G 205 11.00 10.95 0.31
N LEU G 206 12.22 10.56 -0.04
CA LEU G 206 12.96 11.21 -1.11
C LEU G 206 12.62 10.66 -2.48
N LYS G 207 12.42 9.34 -2.57
CA LYS G 207 11.68 8.81 -3.70
C LYS G 207 10.22 9.20 -3.53
N HIS G 208 9.65 9.82 -4.57
CA HIS G 208 8.35 10.50 -4.64
C HIS G 208 8.55 11.99 -4.36
N THR G 209 9.79 12.47 -4.33
CA THR G 209 10.09 13.90 -4.14
C THR G 209 10.94 14.38 -5.30
N PRO G 210 10.33 14.99 -6.32
CA PRO G 210 11.06 15.20 -7.59
C PRO G 210 12.33 16.03 -7.47
N LEU G 211 12.31 17.17 -6.77
CA LEU G 211 13.52 17.99 -6.76
C LEU G 211 14.66 17.40 -5.94
N GLY G 212 14.41 16.36 -5.13
CA GLY G 212 15.45 15.46 -4.67
C GLY G 212 16.05 15.72 -3.29
N ARG G 213 15.57 16.71 -2.56
CA ARG G 213 16.08 16.97 -1.22
C ARG G 213 14.90 17.32 -0.33
N LEU G 214 15.11 17.19 0.99
CA LEU G 214 14.18 17.75 1.94
C LEU G 214 14.45 19.25 2.08
N GLY G 215 13.38 19.99 2.43
CA GLY G 215 13.47 21.43 2.46
C GLY G 215 14.12 21.96 3.73
N GLU G 216 14.49 23.24 3.68
CA GLU G 216 14.93 23.94 4.87
C GLU G 216 14.17 25.24 5.03
N ALA G 217 14.32 25.83 6.22
CA ALA G 217 13.45 26.94 6.60
C ALA G 217 13.57 28.09 5.60
N GLN G 218 14.77 28.30 5.06
CA GLN G 218 14.92 29.41 4.12
C GLN G 218 14.04 29.20 2.90
N ASP G 219 13.81 27.95 2.52
CA ASP G 219 12.87 27.69 1.43
C ASP G 219 11.49 28.22 1.74
N ILE G 220 11.02 28.01 2.97
CA ILE G 220 9.73 28.57 3.36
C ILE G 220 9.82 30.08 3.54
N ALA G 221 10.92 30.57 4.13
CA ALA G 221 11.09 32.02 4.29
C ALA G 221 11.09 32.73 2.93
N ASN G 222 11.83 32.20 1.95
CA ASN G 222 11.92 32.86 0.65
C ASN G 222 10.54 33.09 0.06
N ALA G 223 9.70 32.04 0.01
CA ALA G 223 8.35 32.25 -0.46
C ALA G 223 7.63 33.27 0.40
N ALA G 224 7.86 33.21 1.71
CA ALA G 224 7.18 34.12 2.64
C ALA G 224 7.57 35.56 2.38
N LEU G 225 8.77 35.77 1.82
CA LEU G 225 9.18 37.11 1.44
C LEU G 225 8.51 37.53 0.14
N PHE G 226 8.46 36.61 -0.83
CA PHE G 226 7.77 36.89 -2.07
C PHE G 226 6.33 37.28 -1.82
N LEU G 227 5.71 36.71 -0.78
CA LEU G 227 4.29 36.83 -0.58
C LEU G 227 3.94 38.14 0.10
N CYS G 228 4.73 38.56 1.07
CA CYS G 228 4.40 39.73 1.87
C CYS G 228 4.94 41.02 1.27
N SER G 229 5.83 40.93 0.28
CA SER G 229 6.47 41.99 -0.47
C SER G 229 5.59 42.49 -1.60
N PRO G 230 5.82 43.72 -2.10
CA PRO G 230 5.05 44.19 -3.26
C PRO G 230 5.18 43.33 -4.50
N ALA G 231 6.24 42.51 -4.61
CA ALA G 231 6.34 41.58 -5.73
C ALA G 231 5.15 40.64 -5.84
N ALA G 232 4.31 40.54 -4.81
CA ALA G 232 3.09 39.74 -4.84
C ALA G 232 1.85 40.58 -4.67
N ALA G 233 1.97 41.91 -4.78
CA ALA G 233 0.93 42.84 -4.34
C ALA G 233 -0.45 42.51 -4.90
N TRP G 234 -0.55 41.75 -6.01
CA TRP G 234 -1.85 41.36 -6.53
C TRP G 234 -2.10 39.85 -6.38
N ILE G 235 -1.46 39.23 -5.39
CA ILE G 235 -1.63 37.81 -5.07
C ILE G 235 -2.35 37.72 -3.72
N SER G 236 -3.54 37.12 -3.72
CA SER G 236 -4.25 36.89 -2.47
C SER G 236 -5.14 35.66 -2.62
N GLY G 237 -5.35 34.93 -1.53
CA GLY G 237 -6.21 33.75 -1.55
C GLY G 237 -5.54 32.48 -2.02
N GLN G 238 -4.21 32.40 -1.91
CA GLN G 238 -3.41 31.34 -2.52
C GLN G 238 -2.84 30.38 -1.50
N VAL G 239 -2.68 29.13 -1.90
CA VAL G 239 -1.97 28.13 -1.12
C VAL G 239 -0.76 27.76 -1.97
N LEU G 240 0.39 28.27 -1.60
CA LEU G 240 1.60 27.95 -2.34
C LEU G 240 2.22 26.75 -1.66
N THR G 241 2.02 25.57 -2.24
CA THR G 241 2.73 24.39 -1.76
C THR G 241 4.20 24.50 -2.14
N VAL G 242 5.09 24.32 -1.14
CA VAL G 242 6.54 24.23 -1.31
C VAL G 242 6.94 22.85 -0.81
N SER G 243 7.12 21.89 -1.72
CA SER G 243 7.37 20.52 -1.27
C SER G 243 8.19 19.73 -2.27
N GLY G 244 9.06 20.41 -3.02
CA GLY G 244 9.89 19.82 -4.06
C GLY G 244 9.16 19.09 -5.18
N GLY G 245 7.88 19.42 -5.42
CA GLY G 245 7.11 18.74 -6.43
C GLY G 245 6.51 17.41 -6.01
N GLY G 246 6.66 17.03 -4.74
CA GLY G 246 6.19 15.72 -4.33
C GLY G 246 5.66 15.73 -2.92
N VAL G 247 5.19 14.57 -2.47
CA VAL G 247 4.78 14.40 -1.08
C VAL G 247 5.94 13.85 -0.26
N GLN G 248 5.67 13.48 0.99
CA GLN G 248 6.69 12.88 1.84
C GLN G 248 6.09 11.85 2.79
N SER H 1 17.50 -33.20 2.41
CA SER H 1 18.40 -33.16 1.25
C SER H 1 19.71 -32.40 1.56
N PRO H 2 20.78 -32.70 0.82
CA PRO H 2 21.98 -31.85 0.85
C PRO H 2 22.19 -30.98 -0.40
N PHE H 3 21.23 -30.92 -1.32
CA PHE H 3 21.30 -30.05 -2.49
C PHE H 3 20.58 -28.72 -2.29
N HIS H 4 20.52 -28.22 -1.06
CA HIS H 4 19.82 -26.98 -0.75
C HIS H 4 20.75 -25.77 -0.82
N LEU H 5 20.18 -24.59 -0.58
CA LEU H 5 20.92 -23.33 -0.47
C LEU H 5 20.30 -22.45 0.60
N ASN H 6 20.07 -23.05 1.78
CA ASN H 6 19.28 -22.42 2.83
C ASN H 6 20.06 -21.32 3.54
N ASP H 7 19.38 -20.20 3.79
CA ASP H 7 20.02 -18.97 4.29
C ASP H 7 21.29 -18.63 3.51
N ALA H 8 21.30 -18.93 2.21
CA ALA H 8 22.43 -18.62 1.35
C ALA H 8 22.07 -17.45 0.45
N VAL H 9 23.01 -16.53 0.31
CA VAL H 9 22.89 -15.39 -0.58
C VAL H 9 23.80 -15.67 -1.78
N ALA H 10 23.28 -15.45 -2.99
CA ALA H 10 23.94 -15.90 -4.21
C ALA H 10 24.07 -14.76 -5.20
N ILE H 11 25.25 -14.15 -5.24
CA ILE H 11 25.59 -13.22 -6.31
C ILE H 11 26.02 -14.04 -7.53
N VAL H 12 25.39 -13.77 -8.66
CA VAL H 12 25.66 -14.43 -9.93
C VAL H 12 25.88 -13.32 -10.94
N THR H 13 26.53 -13.63 -12.06
CA THR H 13 26.82 -12.66 -13.11
C THR H 13 26.25 -13.18 -14.44
N GLY H 14 26.56 -12.47 -15.53
CA GLY H 14 26.10 -12.86 -16.86
C GLY H 14 24.63 -13.20 -16.98
N GLY H 18 21.86 -18.81 -22.49
CA GLY H 18 21.61 -18.08 -21.25
C GLY H 18 22.06 -18.77 -19.98
N ILE H 19 23.31 -19.23 -19.98
CA ILE H 19 23.86 -20.06 -18.90
C ILE H 19 23.71 -19.37 -17.54
N GLY H 20 23.97 -18.07 -17.47
CA GLY H 20 23.80 -17.38 -16.21
C GLY H 20 22.35 -17.16 -15.84
N ARG H 21 21.46 -17.19 -16.84
CA ARG H 21 20.02 -17.15 -16.56
C ARG H 21 19.59 -18.42 -15.84
N ALA H 22 19.83 -19.57 -16.49
CA ALA H 22 19.51 -20.86 -15.87
C ALA H 22 20.20 -21.02 -14.52
N ILE H 23 21.43 -20.52 -14.38
CA ILE H 23 22.11 -20.64 -13.10
C ILE H 23 21.38 -19.85 -12.03
N ALA H 24 21.04 -18.60 -12.33
CA ALA H 24 20.30 -17.79 -11.37
C ALA H 24 18.85 -18.23 -11.32
N GLY H 25 18.26 -18.52 -12.49
CA GLY H 25 16.93 -19.14 -12.52
C GLY H 25 16.83 -20.37 -11.64
N THR H 26 17.76 -21.31 -11.81
CA THR H 26 17.73 -22.54 -11.03
C THR H 26 18.22 -22.31 -9.59
N PHE H 27 19.06 -21.28 -9.34
CA PHE H 27 19.43 -20.96 -7.96
C PHE H 27 18.30 -20.31 -7.18
N ALA H 28 17.27 -19.81 -7.86
CA ALA H 28 16.05 -19.41 -7.17
C ALA H 28 15.42 -20.64 -6.52
N LYS H 29 14.87 -21.51 -7.38
CA LYS H 29 14.27 -22.76 -6.93
C LYS H 29 15.14 -23.48 -5.91
N ALA H 30 16.44 -23.36 -6.04
CA ALA H 30 17.40 -24.07 -5.22
C ALA H 30 17.45 -23.60 -3.85
N GLY H 31 16.60 -22.68 -3.40
CA GLY H 31 16.61 -22.23 -2.03
C GLY H 31 17.58 -21.13 -1.69
N ALA H 32 18.22 -20.49 -2.68
CA ALA H 32 19.14 -19.40 -2.45
C ALA H 32 18.47 -18.05 -2.66
N SER H 33 18.89 -17.07 -1.87
CA SER H 33 18.54 -15.67 -2.11
C SER H 33 19.48 -15.11 -3.17
N VAL H 34 18.95 -14.87 -4.37
CA VAL H 34 19.71 -14.76 -5.62
C VAL H 34 19.91 -13.29 -5.99
N VAL H 35 21.16 -12.87 -6.09
CA VAL H 35 21.50 -11.48 -6.44
C VAL H 35 21.82 -11.47 -7.93
N VAL H 36 20.80 -11.15 -8.73
CA VAL H 36 20.86 -11.24 -10.19
C VAL H 36 21.61 -10.03 -10.74
N THR H 37 22.85 -10.25 -11.16
CA THR H 37 23.73 -9.21 -11.69
C THR H 37 23.94 -9.44 -13.17
N ASP H 38 23.99 -8.35 -13.93
CA ASP H 38 24.29 -8.42 -15.35
C ASP H 38 24.90 -7.09 -15.76
N LEU H 39 25.41 -7.04 -17.00
CA LEU H 39 25.79 -5.75 -17.56
C LEU H 39 24.56 -4.85 -17.69
N LYS H 40 23.45 -5.42 -18.17
CA LYS H 40 22.19 -4.71 -18.21
C LYS H 40 21.55 -4.69 -16.81
N SER H 41 21.09 -3.52 -16.38
CA SER H 41 20.21 -3.52 -15.22
C SER H 41 18.82 -4.06 -15.58
N GLU H 42 18.31 -3.72 -16.77
CA GLU H 42 16.92 -4.02 -17.14
C GLU H 42 16.75 -5.49 -17.49
N GLY H 43 17.78 -6.11 -18.07
CA GLY H 43 17.77 -7.55 -18.26
C GLY H 43 17.81 -8.34 -16.98
N ALA H 44 18.50 -7.83 -15.94
CA ALA H 44 18.79 -8.55 -14.69
C ALA H 44 17.74 -8.36 -13.59
N GLU H 45 16.76 -7.49 -13.81
CA GLU H 45 15.61 -7.31 -12.93
C GLU H 45 14.39 -8.09 -13.40
N ALA H 46 14.27 -8.28 -14.73
CA ALA H 46 13.26 -9.18 -15.30
C ALA H 46 13.36 -10.57 -14.71
N VAL H 47 14.58 -11.10 -14.63
CA VAL H 47 14.76 -12.42 -14.07
C VAL H 47 14.64 -12.38 -12.55
N ALA H 48 15.01 -11.26 -11.92
CA ALA H 48 14.89 -11.14 -10.46
C ALA H 48 13.43 -11.15 -10.05
N ALA H 49 12.56 -10.47 -10.83
CA ALA H 49 11.12 -10.46 -10.58
C ALA H 49 10.47 -11.79 -10.97
N ALA H 50 10.88 -12.41 -12.08
CA ALA H 50 10.40 -13.76 -12.38
C ALA H 50 10.93 -14.81 -11.39
N ILE H 51 11.74 -14.39 -10.40
CA ILE H 51 12.17 -15.26 -9.31
C ILE H 51 11.16 -15.19 -8.17
N ARG H 52 10.92 -13.99 -7.64
CA ARG H 52 9.83 -13.81 -6.68
C ARG H 52 8.51 -14.32 -7.26
N GLN H 53 8.30 -14.11 -8.58
CA GLN H 53 7.07 -14.58 -9.22
C GLN H 53 6.95 -16.10 -9.13
N ALA H 54 7.93 -16.82 -9.64
CA ALA H 54 7.92 -18.26 -9.41
C ALA H 54 8.03 -18.58 -7.93
N GLY H 55 8.32 -17.62 -7.07
CA GLY H 55 8.20 -17.82 -5.64
C GLY H 55 9.49 -17.77 -4.85
N GLY H 56 10.31 -16.74 -5.08
CA GLY H 56 11.64 -16.69 -4.49
C GLY H 56 12.08 -15.34 -3.96
N LYS H 57 13.40 -15.12 -3.87
CA LYS H 57 14.00 -13.99 -3.16
C LYS H 57 15.19 -13.49 -3.98
N ALA H 58 14.91 -12.56 -4.90
CA ALA H 58 15.91 -12.00 -5.80
C ALA H 58 15.92 -10.47 -5.76
N ILE H 59 17.12 -9.89 -5.70
CA ILE H 59 17.36 -8.49 -6.09
C ILE H 59 18.11 -8.50 -7.43
N GLY H 60 17.57 -7.80 -8.42
CA GLY H 60 18.22 -7.69 -9.73
C GLY H 60 18.94 -6.36 -9.87
N LEU H 61 20.21 -6.43 -10.27
CA LEU H 61 21.10 -5.27 -10.26
C LEU H 61 21.67 -5.00 -11.65
N GLU H 62 22.56 -4.01 -11.70
CA GLU H 62 23.42 -3.71 -12.83
C GLU H 62 24.88 -3.88 -12.43
N CYS H 63 25.70 -4.30 -13.38
CA CYS H 63 27.14 -4.41 -13.18
C CYS H 63 27.83 -5.02 -14.39
N ASN H 64 28.59 -4.23 -15.16
CA ASN H 64 29.59 -4.85 -16.02
C ASN H 64 30.85 -5.08 -15.18
N VAL H 65 31.35 -6.32 -15.25
CA VAL H 65 32.45 -6.75 -14.38
C VAL H 65 33.77 -6.08 -14.74
N THR H 66 33.95 -5.64 -16.01
CA THR H 66 35.01 -4.72 -16.41
C THR H 66 35.21 -3.61 -15.38
N ASP H 67 34.25 -2.67 -15.36
CA ASP H 67 34.24 -1.43 -14.58
C ASP H 67 34.39 -1.68 -13.06
N GLU H 68 35.46 -1.10 -12.47
CA GLU H 68 35.82 -1.40 -11.08
C GLU H 68 34.70 -1.06 -10.08
N GLN H 69 33.95 0.02 -10.30
CA GLN H 69 32.98 0.45 -9.29
C GLN H 69 31.71 -0.40 -9.34
N HIS H 70 31.31 -0.82 -10.55
CA HIS H 70 30.14 -1.68 -10.68
C HIS H 70 30.21 -2.85 -9.72
N ARG H 71 31.42 -3.36 -9.51
CA ARG H 71 31.63 -4.53 -8.67
C ARG H 71 31.38 -4.22 -7.19
N GLU H 72 32.12 -3.25 -6.63
CA GLU H 72 31.91 -2.82 -5.25
C GLU H 72 30.50 -2.33 -5.04
N ALA H 73 29.85 -1.88 -6.12
CA ALA H 73 28.44 -1.45 -6.07
C ALA H 73 27.50 -2.60 -5.79
N VAL H 74 27.86 -3.80 -6.19
CA VAL H 74 27.00 -4.95 -6.02
C VAL H 74 27.26 -5.68 -4.70
N ILE H 75 28.47 -5.54 -4.12
CA ILE H 75 28.76 -6.11 -2.80
C ILE H 75 27.93 -5.43 -1.70
N LYS H 76 27.94 -4.09 -1.66
CA LYS H 76 27.07 -3.37 -0.76
C LYS H 76 25.61 -3.79 -0.93
N ALA H 77 25.19 -3.98 -2.18
CA ALA H 77 23.77 -4.19 -2.46
C ALA H 77 23.26 -5.53 -1.89
N ALA H 78 24.10 -6.57 -1.92
CA ALA H 78 23.70 -7.92 -1.47
C ALA H 78 23.79 -8.09 0.04
N LEU H 79 24.76 -7.44 0.68
CA LEU H 79 24.80 -7.41 2.14
C LEU H 79 23.60 -6.66 2.68
N ASP H 80 23.40 -5.41 2.24
CA ASP H 80 22.27 -4.59 2.65
C ASP H 80 20.92 -5.24 2.35
N GLN H 81 20.87 -6.15 1.37
CA GLN H 81 19.61 -6.76 0.98
C GLN H 81 19.31 -8.02 1.80
N PHE H 82 20.23 -8.98 1.82
CA PHE H 82 19.97 -10.29 2.40
C PHE H 82 20.73 -10.55 3.71
N GLY H 83 21.79 -9.78 3.99
CA GLY H 83 22.48 -9.85 5.27
C GLY H 83 23.90 -10.37 5.20
N LYS H 84 24.26 -11.02 4.11
CA LYS H 84 25.57 -11.65 3.99
C LYS H 84 25.81 -12.02 2.53
N ILE H 85 26.97 -12.63 2.27
CA ILE H 85 27.28 -13.27 0.99
C ILE H 85 27.78 -14.68 1.30
N THR H 86 27.31 -15.65 0.51
CA THR H 86 27.86 -17.02 0.57
C THR H 86 28.09 -17.67 -0.80
N VAL H 87 27.55 -17.13 -1.90
CA VAL H 87 27.79 -17.70 -3.22
C VAL H 87 28.03 -16.57 -4.21
N LEU H 88 29.15 -16.66 -4.93
CA LEU H 88 29.45 -15.87 -6.11
C LEU H 88 29.56 -16.81 -7.30
N VAL H 89 28.93 -16.44 -8.41
CA VAL H 89 29.01 -17.20 -9.66
C VAL H 89 29.53 -16.25 -10.73
N ASN H 90 30.76 -16.48 -11.19
CA ASN H 90 31.34 -15.68 -12.26
C ASN H 90 31.07 -16.38 -13.59
N ASN H 91 29.81 -16.30 -14.02
CA ASN H 91 29.49 -16.75 -15.38
C ASN H 91 29.92 -15.75 -16.43
N ALA H 92 29.95 -14.46 -16.06
CA ALA H 92 30.09 -13.36 -17.02
C ALA H 92 31.43 -13.44 -17.76
N GLY H 93 31.36 -13.63 -19.06
CA GLY H 93 32.56 -13.66 -19.87
C GLY H 93 32.21 -13.82 -21.33
N GLY H 94 33.19 -14.32 -22.08
CA GLY H 94 33.03 -14.48 -23.51
C GLY H 94 34.33 -14.87 -24.15
N GLY H 95 34.39 -14.63 -25.45
CA GLY H 95 35.52 -15.01 -26.28
C GLY H 95 35.09 -15.98 -27.36
N GLY H 96 35.98 -16.14 -28.33
CA GLY H 96 35.75 -17.05 -29.43
C GLY H 96 36.98 -17.28 -30.27
N PRO H 97 36.81 -17.96 -31.40
CA PRO H 97 37.91 -18.08 -32.37
C PRO H 97 38.38 -16.71 -32.84
N LYS H 98 39.66 -16.42 -32.61
CA LYS H 98 40.30 -15.26 -33.23
C LYS H 98 41.45 -15.79 -34.08
N PRO H 99 41.80 -15.13 -35.19
CA PRO H 99 42.97 -15.56 -35.95
C PRO H 99 44.25 -14.93 -35.40
N PHE H 100 45.36 -15.60 -35.71
CA PHE H 100 46.67 -15.24 -35.14
C PHE H 100 46.99 -13.77 -35.35
N ASP H 101 46.75 -13.25 -36.55
CA ASP H 101 46.79 -11.83 -36.85
C ASP H 101 45.81 -11.09 -35.97
N MET H 102 46.10 -10.95 -34.67
CA MET H 102 45.06 -10.35 -33.84
C MET H 102 45.64 -9.17 -33.07
N PRO H 103 44.87 -8.09 -32.92
CA PRO H 103 45.38 -6.92 -32.19
C PRO H 103 45.60 -7.20 -30.72
N MET H 104 46.66 -6.61 -30.16
CA MET H 104 46.96 -6.75 -28.74
C MET H 104 45.89 -6.08 -27.88
N SER H 105 45.01 -5.29 -28.52
CA SER H 105 43.77 -4.86 -27.89
C SER H 105 42.85 -6.05 -27.62
N ASP H 106 42.50 -6.80 -28.68
CA ASP H 106 41.67 -7.99 -28.54
C ASP H 106 42.26 -8.97 -27.52
N PHE H 107 43.53 -9.29 -27.67
CA PHE H 107 44.15 -10.30 -26.84
C PHE H 107 44.01 -9.95 -25.38
N GLU H 108 44.29 -8.69 -25.04
CA GLU H 108 44.22 -8.27 -23.64
C GLU H 108 42.78 -8.31 -23.12
N TRP H 109 41.79 -8.07 -23.98
CA TRP H 109 40.41 -7.96 -23.54
C TRP H 109 39.90 -9.26 -22.97
N ALA H 110 40.16 -10.37 -23.67
CA ALA H 110 39.80 -11.69 -23.20
C ALA H 110 40.32 -11.98 -21.79
N PHE H 111 41.18 -11.15 -21.23
CA PHE H 111 41.65 -11.28 -19.85
C PHE H 111 40.99 -10.28 -18.90
N LYS H 112 40.84 -9.04 -19.35
CA LYS H 112 39.83 -8.16 -18.76
C LYS H 112 38.52 -8.92 -18.61
N LEU H 113 37.99 -9.40 -19.76
CA LEU H 113 36.63 -9.97 -19.83
C LEU H 113 36.53 -11.26 -19.01
N ASN H 114 37.28 -12.30 -19.39
CA ASN H 114 37.16 -13.64 -18.81
C ASN H 114 37.90 -13.79 -17.50
N LEU H 115 39.03 -13.11 -17.32
CA LEU H 115 39.91 -13.44 -16.20
C LEU H 115 40.05 -12.33 -15.16
N PHE H 116 40.30 -11.09 -15.59
CA PHE H 116 40.54 -10.00 -14.63
C PHE H 116 39.31 -9.74 -13.76
N SER H 117 38.20 -9.41 -14.39
CA SER H 117 36.97 -9.10 -13.66
C SER H 117 36.75 -9.99 -12.44
N LEU H 118 36.42 -11.26 -12.67
CA LEU H 118 36.15 -12.17 -11.57
C LEU H 118 37.21 -12.10 -10.49
N PHE H 119 38.48 -12.11 -10.84
CA PHE H 119 39.49 -12.16 -9.79
C PHE H 119 39.27 -11.04 -8.77
N ARG H 120 38.94 -9.85 -9.23
CA ARG H 120 38.66 -8.80 -8.25
C ARG H 120 37.39 -9.14 -7.48
N LEU H 121 36.33 -9.48 -8.22
CA LEU H 121 35.07 -9.93 -7.65
C LEU H 121 35.29 -10.90 -6.52
N SER H 122 36.30 -11.73 -6.69
CA SER H 122 36.57 -12.79 -5.73
C SER H 122 37.29 -12.24 -4.50
N GLN H 123 38.23 -11.30 -4.69
CA GLN H 123 38.83 -10.63 -3.54
C GLN H 123 37.79 -9.80 -2.78
N LEU H 124 36.79 -9.25 -3.48
CA LEU H 124 35.67 -8.54 -2.87
C LEU H 124 34.91 -9.40 -1.87
N ALA H 125 34.30 -10.47 -2.38
CA ALA H 125 33.44 -11.31 -1.57
C ALA H 125 34.24 -12.05 -0.52
N ALA H 126 35.58 -11.85 -0.53
CA ALA H 126 36.46 -12.69 0.30
C ALA H 126 36.29 -12.44 1.79
N PRO H 127 36.31 -11.19 2.30
CA PRO H 127 35.97 -11.02 3.72
C PRO H 127 34.54 -11.44 4.02
N HIS H 128 33.59 -11.01 3.20
CA HIS H 128 32.18 -11.16 3.54
C HIS H 128 31.77 -12.62 3.70
N MET H 129 32.09 -13.45 2.70
CA MET H 129 31.75 -14.86 2.78
C MET H 129 32.35 -15.50 4.03
N GLN H 130 33.57 -15.08 4.41
CA GLN H 130 34.27 -15.63 5.56
C GLN H 130 33.49 -15.42 6.84
N LYS H 131 32.96 -14.19 7.01
CA LYS H 131 32.24 -13.82 8.22
C LYS H 131 30.88 -14.52 8.27
N ALA H 132 30.25 -14.69 7.09
CA ALA H 132 29.00 -15.43 7.01
C ALA H 132 29.15 -16.86 7.50
N GLY H 133 30.38 -17.39 7.48
CA GLY H 133 30.63 -18.77 7.83
C GLY H 133 31.01 -19.63 6.64
N GLY H 134 31.03 -19.06 5.44
CA GLY H 134 31.48 -19.79 4.28
C GLY H 134 30.99 -19.15 3.00
N GLY H 135 31.53 -19.64 1.88
CA GLY H 135 31.26 -19.10 0.56
C GLY H 135 31.74 -20.02 -0.55
N ALA H 136 31.29 -19.75 -1.77
CA ALA H 136 31.63 -20.62 -2.90
C ALA H 136 31.62 -19.83 -4.20
N ILE H 137 32.72 -19.93 -4.95
CA ILE H 137 32.88 -19.19 -6.21
C ILE H 137 32.83 -20.18 -7.37
N LEU H 138 32.28 -19.73 -8.50
CA LEU H 138 32.09 -20.62 -9.64
C LEU H 138 32.38 -19.85 -10.92
N ASN H 139 33.39 -20.29 -11.66
CA ASN H 139 33.88 -19.60 -12.85
C ASN H 139 33.56 -20.42 -14.10
N ILE H 140 33.06 -19.77 -15.14
CA ILE H 140 32.57 -20.48 -16.30
C ILE H 140 33.64 -20.38 -17.38
N SER H 141 34.60 -21.30 -17.31
CA SER H 141 35.63 -21.50 -18.32
C SER H 141 35.10 -22.02 -19.66
N SER H 142 35.76 -23.05 -20.20
CA SER H 142 35.43 -23.59 -21.51
C SER H 142 36.28 -24.83 -21.75
N ILE H 143 35.81 -25.70 -22.65
CA ILE H 143 36.65 -26.83 -23.01
C ILE H 143 37.96 -26.33 -23.63
N ALA H 144 37.91 -25.24 -24.40
CA ALA H 144 39.13 -24.62 -24.92
C ALA H 144 40.18 -24.37 -23.84
N GLY H 145 39.80 -24.60 -22.57
CA GLY H 145 40.74 -24.41 -21.46
C GLY H 145 41.74 -25.53 -21.28
N GLU H 146 41.37 -26.76 -21.64
CA GLU H 146 42.30 -27.87 -21.62
C GLU H 146 42.54 -28.39 -23.03
N ASN H 147 41.92 -27.78 -24.02
CA ASN H 147 41.95 -28.28 -25.38
C ASN H 147 43.01 -27.50 -26.17
N THR H 148 43.28 -28.00 -27.36
CA THR H 148 44.36 -27.49 -28.18
C THR H 148 43.84 -27.52 -29.60
N ASN H 149 43.80 -26.36 -30.25
CA ASN H 149 43.30 -26.37 -31.63
C ASN H 149 43.73 -25.07 -32.30
N VAL H 150 43.49 -25.01 -33.61
CA VAL H 150 43.88 -23.85 -34.39
C VAL H 150 42.92 -22.70 -34.09
N ARG H 151 43.44 -21.47 -34.21
CA ARG H 151 42.67 -20.24 -34.04
C ARG H 151 42.15 -20.07 -32.62
N MET H 152 42.76 -20.74 -31.65
CA MET H 152 42.30 -20.65 -30.29
C MET H 152 43.30 -19.92 -29.39
N ALA H 153 44.01 -18.95 -29.96
CA ALA H 153 45.15 -18.35 -29.28
C ALA H 153 44.72 -17.51 -28.07
N SER H 154 43.71 -16.66 -28.23
CA SER H 154 43.29 -15.83 -27.12
C SER H 154 42.25 -16.52 -26.25
N TYR H 155 41.23 -17.11 -26.89
CA TYR H 155 40.16 -17.80 -26.16
C TYR H 155 40.73 -18.88 -25.26
N GLY H 156 41.42 -19.84 -25.88
CA GLY H 156 42.11 -20.89 -25.16
C GLY H 156 42.93 -20.36 -24.00
N SER H 157 43.89 -19.49 -24.30
CA SER H 157 44.86 -19.09 -23.28
C SER H 157 44.19 -18.38 -22.12
N SER H 158 43.17 -17.55 -22.39
CA SER H 158 42.55 -16.79 -21.32
C SER H 158 41.72 -17.70 -20.42
N LYS H 159 40.78 -18.46 -21.01
CA LYS H 159 40.00 -19.39 -20.22
C LYS H 159 40.89 -20.43 -19.55
N ALA H 160 41.94 -20.88 -20.24
CA ALA H 160 42.92 -21.72 -19.58
C ALA H 160 43.48 -21.03 -18.36
N ALA H 161 43.68 -19.70 -18.44
CA ALA H 161 44.20 -18.98 -17.29
C ALA H 161 43.22 -19.03 -16.12
N VAL H 162 41.92 -18.94 -16.41
CA VAL H 162 40.90 -19.03 -15.37
C VAL H 162 41.04 -20.35 -14.61
N ASN H 163 41.02 -21.47 -15.36
CA ASN H 163 41.18 -22.79 -14.78
C ASN H 163 42.31 -22.82 -13.76
N HIS H 164 43.52 -22.45 -14.16
CA HIS H 164 44.61 -22.47 -13.19
C HIS H 164 44.46 -21.38 -12.15
N LEU H 165 43.77 -20.28 -12.49
CA LEU H 165 43.44 -19.25 -11.50
C LEU H 165 42.49 -19.80 -10.44
N THR H 166 41.39 -20.45 -10.87
CA THR H 166 40.52 -21.15 -9.95
C THR H 166 41.29 -22.11 -9.07
N ARG H 167 42.19 -22.86 -9.68
CA ARG H 167 43.01 -23.81 -8.93
C ARG H 167 43.86 -23.13 -7.88
N ASN H 168 44.25 -21.87 -8.10
CA ASN H 168 45.20 -21.25 -7.18
C ASN H 168 44.52 -20.38 -6.13
N ILE H 169 43.65 -19.44 -6.54
CA ILE H 169 42.99 -18.57 -5.56
C ILE H 169 42.18 -19.39 -4.57
N ALA H 170 41.69 -20.55 -5.00
CA ALA H 170 41.12 -21.50 -4.05
C ALA H 170 42.04 -21.72 -2.86
N PHE H 171 43.37 -21.73 -3.07
CA PHE H 171 44.29 -21.87 -1.94
C PHE H 171 44.28 -20.64 -1.04
N ASP H 172 44.01 -19.47 -1.64
CA ASP H 172 44.04 -18.21 -0.91
C ASP H 172 42.82 -18.07 0.00
N VAL H 173 41.63 -18.07 -0.59
CA VAL H 173 40.37 -17.91 0.14
C VAL H 173 40.01 -19.20 0.88
N GLY H 174 41.00 -20.08 1.07
CA GLY H 174 40.73 -21.43 1.47
C GLY H 174 40.49 -21.58 2.95
N PRO H 175 41.50 -21.29 3.78
CA PRO H 175 41.32 -21.43 5.23
C PRO H 175 40.17 -20.58 5.77
N MET H 176 39.64 -19.65 4.95
CA MET H 176 38.48 -18.83 5.27
C MET H 176 37.14 -19.58 5.22
N GLY H 177 37.16 -20.90 5.05
CA GLY H 177 35.94 -21.64 4.84
C GLY H 177 35.21 -21.29 3.55
N ILE H 178 35.92 -20.77 2.56
CA ILE H 178 35.36 -20.44 1.26
C ILE H 178 35.98 -21.38 0.21
N ARG H 179 35.42 -21.38 -1.00
CA ARG H 179 35.87 -22.33 -2.02
C ARG H 179 35.64 -21.80 -3.42
N VAL H 180 36.53 -22.20 -4.34
CA VAL H 180 36.47 -21.83 -5.76
C VAL H 180 36.53 -23.08 -6.63
N ASN H 181 35.64 -23.15 -7.62
CA ASN H 181 35.56 -24.25 -8.56
C ASN H 181 35.13 -23.68 -9.90
N ALA H 182 35.24 -24.50 -10.93
CA ALA H 182 34.96 -23.99 -12.25
C ALA H 182 34.26 -25.07 -13.05
N ILE H 183 33.39 -24.64 -13.95
CA ILE H 183 32.83 -25.51 -14.97
C ILE H 183 33.42 -25.06 -16.29
N ALA H 184 33.96 -26.01 -17.05
CA ALA H 184 34.49 -25.78 -18.38
C ALA H 184 33.47 -26.32 -19.37
N PRO H 185 32.44 -25.54 -19.70
CA PRO H 185 31.40 -26.04 -20.61
C PRO H 185 31.93 -26.44 -21.98
N GLY H 186 31.25 -27.41 -22.59
CA GLY H 186 31.39 -27.78 -23.99
C GLY H 186 30.49 -26.94 -24.87
N ALA H 187 29.81 -27.58 -25.82
CA ALA H 187 28.97 -26.88 -26.79
C ALA H 187 27.54 -26.72 -26.27
N MET H 188 27.11 -25.47 -26.03
CA MET H 188 25.77 -25.15 -25.51
C MET H 188 24.91 -24.56 -26.61
N LYS H 189 23.72 -25.14 -26.84
CA LYS H 189 22.82 -24.46 -27.76
C LYS H 189 22.28 -23.22 -27.08
N THR H 190 23.12 -22.19 -26.96
CA THR H 190 22.71 -20.94 -26.32
C THR H 190 23.11 -19.73 -27.15
N ASP H 191 23.06 -18.56 -26.51
CA ASP H 191 23.55 -17.30 -27.08
C ASP H 191 24.92 -17.01 -26.46
N GLU H 202 26.61 -28.61 -37.13
CA GLU H 202 26.37 -29.43 -35.94
C GLU H 202 26.78 -30.87 -36.26
N ARG H 203 26.39 -31.30 -37.46
CA ARG H 203 26.69 -32.62 -37.97
C ARG H 203 28.12 -33.06 -37.68
N ALA H 204 29.09 -32.17 -37.92
CA ALA H 204 30.47 -32.48 -37.59
C ALA H 204 30.65 -32.58 -36.08
N MET H 205 30.12 -31.61 -35.37
CA MET H 205 30.33 -31.56 -33.95
C MET H 205 29.81 -32.76 -33.22
N LEU H 206 28.79 -33.44 -33.69
CA LEU H 206 28.32 -34.57 -32.90
C LEU H 206 28.87 -35.85 -33.45
N LYS H 207 30.10 -35.80 -33.91
CA LYS H 207 30.71 -36.96 -34.49
C LYS H 207 31.90 -37.33 -33.66
N HIS H 208 32.26 -36.45 -32.75
CA HIS H 208 33.35 -36.74 -31.88
C HIS H 208 32.77 -36.46 -30.54
N THR H 209 31.46 -36.53 -30.50
CA THR H 209 30.79 -36.38 -29.21
C THR H 209 30.17 -37.73 -28.82
N PRO H 210 30.62 -38.35 -27.72
CA PRO H 210 30.17 -39.71 -27.41
C PRO H 210 28.73 -39.79 -26.92
N LEU H 211 28.28 -38.83 -26.12
CA LEU H 211 26.89 -38.81 -25.69
C LEU H 211 25.94 -38.44 -26.83
N GLY H 212 26.42 -37.88 -27.92
CA GLY H 212 25.59 -37.74 -29.10
C GLY H 212 24.54 -36.65 -29.09
N ARG H 213 24.85 -35.50 -28.48
CA ARG H 213 23.94 -34.37 -28.50
C ARG H 213 24.71 -33.18 -27.96
N LEU H 214 24.40 -32.01 -28.51
CA LEU H 214 24.91 -30.78 -27.92
C LEU H 214 24.26 -30.53 -26.57
N GLY H 215 24.87 -29.61 -25.82
CA GLY H 215 24.43 -29.36 -24.47
C GLY H 215 23.25 -28.44 -24.46
N GLU H 216 22.79 -28.13 -23.25
CA GLU H 216 21.78 -27.11 -23.06
C GLU H 216 22.05 -26.42 -21.73
N ALA H 217 21.89 -25.09 -21.71
CA ALA H 217 22.25 -24.27 -20.55
C ALA H 217 21.94 -24.99 -19.24
N GLN H 218 20.86 -25.78 -19.23
CA GLN H 218 20.45 -26.47 -18.02
C GLN H 218 21.49 -27.50 -17.57
N ASP H 219 22.01 -28.31 -18.51
CA ASP H 219 23.12 -29.20 -18.16
C ASP H 219 24.21 -28.46 -17.38
N ILE H 220 24.48 -27.21 -17.76
CA ILE H 220 25.43 -26.39 -17.03
C ILE H 220 24.83 -25.93 -15.72
N ALA H 221 23.59 -25.43 -15.76
CA ALA H 221 22.90 -25.01 -14.56
C ALA H 221 22.88 -26.10 -13.50
N ASN H 222 22.48 -27.30 -13.89
CA ASN H 222 22.40 -28.42 -12.94
C ASN H 222 23.75 -28.70 -12.31
N ALA H 223 24.82 -28.64 -13.13
CA ALA H 223 26.18 -28.88 -12.64
C ALA H 223 26.68 -27.71 -11.81
N ALA H 224 26.37 -26.49 -12.23
CA ALA H 224 26.59 -25.33 -11.38
C ALA H 224 25.97 -25.54 -10.01
N LEU H 225 24.69 -25.97 -10.01
CA LEU H 225 23.93 -26.13 -8.78
C LEU H 225 24.61 -27.12 -7.82
N PHE H 226 24.99 -28.29 -8.32
CA PHE H 226 25.67 -29.25 -7.46
C PHE H 226 26.98 -28.67 -6.92
N LEU H 227 27.56 -27.72 -7.65
CA LEU H 227 28.86 -27.20 -7.23
C LEU H 227 28.72 -26.22 -6.07
N CYS H 228 27.66 -25.42 -6.08
CA CYS H 228 27.46 -24.40 -5.07
C CYS H 228 26.71 -24.94 -3.85
N SER H 229 26.23 -26.16 -3.91
CA SER H 229 25.45 -26.77 -2.84
C SER H 229 26.34 -27.41 -1.79
N PRO H 230 25.83 -27.68 -0.59
CA PRO H 230 26.62 -28.44 0.40
C PRO H 230 26.97 -29.85 -0.02
N ALA H 231 26.44 -30.32 -1.15
CA ALA H 231 26.84 -31.63 -1.68
C ALA H 231 28.24 -31.59 -2.28
N ALA H 232 28.74 -30.40 -2.61
CA ALA H 232 30.10 -30.22 -3.07
C ALA H 232 31.00 -29.69 -1.96
N ALA H 233 30.72 -30.07 -0.70
CA ALA H 233 31.21 -29.29 0.43
C ALA H 233 32.74 -29.25 0.51
N TRP H 234 33.40 -30.32 0.11
CA TRP H 234 34.84 -30.35 0.20
C TRP H 234 35.46 -30.40 -1.20
N ILE H 235 35.03 -29.49 -2.06
CA ILE H 235 35.35 -29.51 -3.48
C ILE H 235 35.77 -28.10 -3.89
N SER H 236 37.07 -27.87 -4.05
CA SER H 236 37.55 -26.59 -4.57
C SER H 236 38.72 -26.85 -5.53
N GLY H 237 39.04 -25.85 -6.34
CA GLY H 237 40.20 -25.94 -7.22
C GLY H 237 40.05 -26.88 -8.40
N GLN H 238 38.86 -26.93 -8.98
CA GLN H 238 38.41 -28.02 -9.83
C GLN H 238 37.91 -27.43 -11.14
N VAL H 239 38.18 -28.12 -12.22
CA VAL H 239 37.61 -27.76 -13.52
C VAL H 239 36.80 -28.97 -13.96
N LEU H 240 35.50 -28.95 -13.65
CA LEU H 240 34.55 -29.94 -14.13
C LEU H 240 34.19 -29.62 -15.57
N THR H 241 34.40 -30.60 -16.46
CA THR H 241 34.18 -30.42 -17.88
C THR H 241 32.86 -31.07 -18.25
N VAL H 242 31.86 -30.25 -18.58
CA VAL H 242 30.60 -30.76 -19.10
C VAL H 242 30.70 -30.65 -20.62
N SER H 243 30.86 -31.79 -21.30
CA SER H 243 31.02 -31.69 -22.75
C SER H 243 30.54 -32.93 -23.48
N GLY H 244 29.63 -33.73 -22.94
CA GLY H 244 29.18 -34.92 -23.65
C GLY H 244 30.22 -36.01 -23.73
N GLY H 245 31.30 -35.89 -22.97
CA GLY H 245 32.44 -36.75 -23.10
C GLY H 245 33.32 -36.46 -24.29
N GLY H 246 33.34 -35.23 -24.80
CA GLY H 246 34.17 -34.94 -25.94
C GLY H 246 34.39 -33.46 -26.18
N VAL H 247 34.97 -33.14 -27.33
CA VAL H 247 35.15 -31.75 -27.75
C VAL H 247 34.25 -31.47 -28.95
N GLN H 248 34.00 -30.19 -29.18
CA GLN H 248 33.10 -29.80 -30.26
C GLN H 248 33.66 -28.63 -31.08
PA NAD I . -9.87 -0.19 -23.13
O1A NAD I . -8.92 0.70 -23.87
O2A NAD I . -9.36 -1.38 -22.37
O5B NAD I . -10.94 -0.74 -24.18
C5B NAD I . -12.30 -0.92 -23.78
C4B NAD I . -13.19 -0.84 -25.02
O4B NAD I . -12.97 0.40 -25.71
C3B NAD I . -12.87 -1.94 -26.00
O3B NAD I . -14.04 -2.71 -26.27
C2B NAD I . -12.41 -1.25 -27.25
O2B NAD I . -12.85 -1.92 -28.41
C1B NAD I . -13.02 0.14 -27.11
N9A NAD I . -12.27 1.13 -27.91
C8A NAD I . -10.95 1.34 -27.91
N7A NAD I . -10.61 2.32 -28.78
C5A NAD I . -11.74 2.76 -29.35
C6A NAD I . -12.11 3.78 -30.35
N6A NAD I . -11.18 4.55 -30.94
N1A NAD I . -13.41 3.91 -30.67
C2A NAD I . -14.35 3.16 -30.10
N3A NAD I . -14.09 2.21 -29.18
C4A NAD I . -12.83 1.97 -28.77
O3 NAD I . -10.78 0.72 -22.17
PN NAD I . -11.19 0.41 -20.64
O1N NAD I . -10.03 -0.23 -19.92
O2N NAD I . -12.54 -0.24 -20.57
O5D NAD I . -11.36 1.93 -20.18
C5D NAD I . -11.68 2.91 -21.16
C4D NAD I . -11.81 4.28 -20.55
O4D NAD I . -11.72 4.20 -19.12
C3D NAD I . -10.70 5.18 -21.02
O3D NAD I . -11.23 6.45 -21.41
C2D NAD I . -9.78 5.36 -19.84
O2D NAD I . -9.28 6.70 -19.79
C1D NAD I . -10.67 5.05 -18.65
N1N NAD I . -9.90 4.37 -17.62
C2N NAD I . -9.83 3.03 -17.56
C3N NAD I . -9.09 2.43 -16.56
C7N NAD I . -9.00 0.93 -16.48
O7N NAD I . -8.19 0.43 -15.73
N7N NAD I . -9.80 0.19 -17.23
C4N NAD I . -8.43 3.19 -15.63
C5N NAD I . -8.52 4.56 -15.71
C6N NAD I . -9.27 5.11 -16.72
PA NAD J . -0.53 -39.69 27.19
O1A NAD J . 0.28 -39.40 25.97
O2A NAD J . -0.17 -40.84 28.09
O5B NAD J . -2.05 -39.91 26.74
C5B NAD J . -2.88 -38.78 26.48
C4B NAD J . -3.59 -38.94 25.16
O4B NAD J . -3.37 -37.76 24.38
C3B NAD J . -3.06 -40.11 24.36
O3B NAD J . -4.09 -41.05 24.12
C2B NAD J . -2.56 -39.51 23.06
O2B NAD J . -2.96 -40.30 21.94
C1B NAD J . -3.21 -38.15 23.02
N9A NAD J . -2.35 -37.20 22.28
C8A NAD J . -1.03 -37.08 22.37
N7A NAD J . -0.57 -36.10 21.55
C5A NAD J . -1.63 -35.58 20.92
C6A NAD J . -1.87 -34.52 19.93
N6A NAD J . -0.86 -33.79 19.42
N1A NAD J . -3.13 -34.28 19.54
C2A NAD J . -4.14 -35.00 20.04
N3A NAD J . -4.01 -35.97 20.95
C4A NAD J . -2.79 -36.31 21.41
O3 NAD J . -0.59 -38.38 28.08
PN NAD J . -0.83 -38.44 29.66
O1N NAD J . 0.46 -38.79 30.32
O2N NAD J . -2.08 -39.20 29.95
O5D NAD J . -1.14 -36.91 29.99
C5D NAD J . -2.24 -36.23 29.42
C4D NAD J . -2.24 -34.86 30.06
O4D NAD J . -2.01 -34.96 31.46
C3D NAD J . -1.10 -34.04 29.50
O3D NAD J . -1.58 -32.72 29.25
C2D NAD J . -0.06 -34.01 30.58
O2D NAD J . 0.65 -32.77 30.59
C1D NAD J . -0.87 -34.19 31.84
N1N NAD J . -0.12 -34.89 32.88
C2N NAD J . -0.13 -36.22 32.92
C3N NAD J . 0.57 -36.90 33.90
C7N NAD J . 0.55 -38.40 33.94
O7N NAD J . 1.25 -38.98 34.73
N7N NAD J . -0.23 -39.05 33.10
C4N NAD J . 1.27 -36.18 34.85
C5N NAD J . 1.27 -34.80 34.78
C6N NAD J . 0.56 -34.19 33.78
PA NAD K . -1.38 38.62 -26.41
O1A NAD K . -2.00 37.91 -27.58
O2A NAD K . -1.92 39.94 -25.93
O5B NAD K . 0.18 38.82 -26.73
C5B NAD K . 1.12 37.86 -26.33
C4B NAD K . 2.22 37.80 -27.37
O4B NAD K . 2.31 36.50 -27.92
C3B NAD K . 1.94 38.74 -28.51
O3B NAD K . 2.96 39.73 -28.60
C2B NAD K . 1.92 37.88 -29.75
O2B NAD K . 2.65 38.51 -30.80
C1B NAD K . 2.62 36.62 -29.30
N9A NAD K . 2.16 35.44 -30.06
C8A NAD K . 0.94 35.22 -30.53
N7A NAD K . 0.88 34.02 -31.17
C5A NAD K . 2.11 33.48 -31.12
C6A NAD K . 2.76 32.25 -31.60
N6A NAD K . 2.07 31.31 -32.29
N1A NAD K . 4.06 32.07 -31.33
C2A NAD K . 4.76 32.98 -30.64
N3A NAD K . 4.24 34.12 -30.18
C4A NAD K . 2.94 34.43 -30.39
O3 NAD K . -1.35 37.60 -25.16
PN NAD K . -1.29 38.09 -23.62
O1N NAD K . -2.70 38.05 -23.09
O2N NAD K . -0.49 39.36 -23.51
O5D NAD K . -0.46 36.93 -22.91
C5D NAD K . -0.36 35.66 -23.53
C4D NAD K . -0.37 34.57 -22.46
O4D NAD K . -0.85 35.07 -21.22
C3D NAD K . -1.31 33.48 -22.87
O3D NAD K . -0.79 32.23 -22.49
C2D NAD K . -2.55 33.78 -22.09
O2D NAD K . -3.30 32.59 -21.90
C1D NAD K . -1.98 34.31 -20.80
N1N NAD K . -2.94 35.13 -20.08
C2N NAD K . -3.13 36.40 -20.40
C3N NAD K . -4.05 37.19 -19.72
C7N NAD K . -4.26 38.62 -20.08
O7N NAD K . -3.41 39.21 -20.70
N7N NAD K . -5.40 39.20 -19.71
C4N NAD K . -4.77 36.63 -18.69
C5N NAD K . -4.56 35.31 -18.37
C6N NAD K . -3.63 34.57 -19.09
PA NAD L . 12.08 -1.75 24.28
O1A NAD L . 10.95 -2.60 23.76
O2A NAD L . 12.38 -0.43 23.65
O5B NAD L . 13.41 -2.61 24.20
C5B NAD L . 14.66 -2.02 24.52
C4B NAD L . 15.61 -2.30 23.38
O4B NAD L . 15.41 -3.61 22.86
C3B NAD L . 15.38 -1.34 22.23
O3B NAD L . 16.56 -0.57 22.02
C2B NAD L . 15.11 -2.23 21.04
O2B NAD L . 15.77 -1.72 19.89
C1B NAD L . 15.66 -3.56 21.46
N9A NAD L . 15.02 -4.69 20.75
C8A NAD L . 13.75 -4.81 20.39
N7A NAD L . 13.53 -5.98 19.76
C5A NAD L . 14.70 -6.63 19.71
C6A NAD L . 15.20 -7.91 19.18
N6A NAD L . 14.38 -8.78 18.55
N1A NAD L . 16.49 -8.20 19.34
C2A NAD L . 17.32 -7.34 19.96
N3A NAD L . 16.95 -6.16 20.46
C4A NAD L . 15.67 -5.76 20.37
O3 NAD L . 11.95 -1.52 25.85
PN NAD L . 11.35 -2.61 26.86
O1N NAD L . 11.16 -1.95 28.19
O2N NAD L . 10.18 -3.26 26.19
O5D NAD L . 12.52 -3.70 27.02
C5D NAD L . 13.08 -3.94 28.31
C4D NAD L . 12.79 -5.34 28.82
O4D NAD L . 12.15 -5.31 30.10
C3D NAD L . 11.84 -6.06 27.92
O3D NAD L . 12.24 -7.41 27.84
C2D NAD L . 10.49 -5.95 28.58
O2D NAD L . 9.69 -7.07 28.27
C1D NAD L . 10.84 -5.89 30.04
N1N NAD L . 9.91 -5.08 30.82
C2N NAD L . 9.82 -3.77 30.62
C3N NAD L . 8.95 -2.99 31.36
C7N NAD L . 8.87 -1.52 31.10
O7N NAD L . 9.69 -0.99 30.36
N7N NAD L . 7.90 -0.81 31.70
C4N NAD L . 8.16 -3.57 32.33
C5N NAD L . 8.27 -4.92 32.53
C6N NAD L . 9.15 -5.66 31.76
PA NAD M . -31.73 22.28 9.53
O1A NAD M . -31.49 23.23 10.66
O2A NAD M . -33.11 22.13 8.94
O5B NAD M . -31.27 20.85 10.06
C5B NAD M . -32.20 19.77 10.05
C4B NAD M . -32.40 19.18 11.45
O4B NAD M . -31.22 19.25 12.25
C3B NAD M . -33.45 19.93 12.23
O3B NAD M . -34.62 19.13 12.28
C2B NAD M . -32.87 20.14 13.60
O2B NAD M . -33.79 19.72 14.60
C1B NAD M . -31.63 19.28 13.62
N9A NAD M . -30.56 19.82 14.50
C8A NAD M . -30.21 21.11 14.65
N7A NAD M . -29.20 21.25 15.54
C5A NAD M . -28.87 20.02 15.97
C6A NAD M . -27.89 19.45 16.91
N6A NAD M . -27.01 20.22 17.60
N1A NAD M . -27.88 18.12 17.08
C2A NAD M . -28.75 17.33 16.41
N3A NAD M . -29.67 17.78 15.55
C4A NAD M . -29.77 19.09 15.29
O3 NAD M . -30.65 22.66 8.39
PN NAD M . -30.30 21.82 7.05
O1N NAD M . -30.17 22.81 5.93
O2N NAD M . -31.22 20.64 6.89
O5D NAD M . -28.83 21.28 7.37
C5D NAD M . -28.56 19.89 7.25
C4D NAD M . -27.16 19.71 6.69
O4D NAD M . -27.14 20.14 5.34
C3D NAD M . -26.18 20.58 7.44
O3D NAD M . -25.02 19.82 7.72
C2D NAD M . -25.87 21.70 6.50
O2D NAD M . -24.53 22.13 6.66
C1D NAD M . -26.06 21.06 5.15
N1N NAD M . -26.39 22.03 4.12
C2N NAD M . -27.67 22.37 3.89
C3N NAD M . -27.97 23.29 2.90
C7N NAD M . -29.37 23.71 2.62
O7N NAD M . -29.59 24.49 1.72
N7N NAD M . -30.36 23.21 3.35
C4N NAD M . -26.95 23.82 2.15
C5N NAD M . -25.65 23.43 2.40
C6N NAD M . -25.40 22.53 3.40
PA NAD N . -2.08 -21.69 -15.60
O1A NAD N . -2.84 -20.44 -15.98
O2A NAD N . -1.54 -21.84 -14.21
O5B NAD N . -0.84 -21.78 -16.61
C5B NAD N . 0.12 -20.75 -16.54
C4B NAD N . 0.07 -19.95 -17.84
O4B NAD N . -1.28 -19.75 -18.31
C3B NAD N . 0.65 -18.59 -17.59
O3B NAD N . 1.74 -18.39 -18.48
C2B NAD N . -0.47 -17.63 -17.88
O2B NAD N . -0.04 -16.43 -18.51
C1B NAD N . -1.36 -18.42 -18.80
N9A NAD N . -2.70 -17.80 -18.74
C8A NAD N . -3.46 -17.67 -17.65
N7A NAD N . -4.62 -17.04 -17.95
C5A NAD N . -4.59 -16.75 -19.26
C6A NAD N . -5.49 -16.08 -20.21
N6A NAD N . -6.67 -15.59 -19.80
N1A NAD N . -5.08 -15.98 -21.49
C2A NAD N . -3.90 -16.46 -21.90
N3A NAD N . -3.03 -17.08 -21.07
C4A NAD N . -3.32 -17.24 -19.78
O3 NAD N . -2.98 -22.96 -15.98
PN NAD N . -2.63 -24.44 -15.46
O1N NAD N . -1.18 -24.72 -15.75
O2N NAD N . -3.15 -24.58 -14.05
O5D NAD N . -3.49 -25.36 -16.41
C5D NAD N . -3.78 -24.95 -17.73
C4D NAD N . -5.02 -25.70 -18.19
O4D NAD N . -5.04 -27.00 -17.60
C3D NAD N . -6.27 -25.00 -17.73
O3D NAD N . -7.24 -25.14 -18.76
C2D NAD N . -6.65 -25.74 -16.48
O2D NAD N . -8.04 -25.64 -16.20
C1D NAD N . -6.23 -27.15 -16.81
N1N NAD N . -5.94 -27.94 -15.62
C2N NAD N . -4.85 -27.72 -14.88
C3N NAD N . -4.59 -28.49 -13.75
C7N NAD N . -3.37 -28.25 -12.90
O7N NAD N . -2.52 -27.48 -13.27
N7N NAD N . -3.25 -28.90 -11.75
C4N NAD N . -5.47 -29.49 -13.40
C5N NAD N . -6.59 -29.70 -14.18
C6N NAD N . -6.79 -28.90 -15.29
PA NAD O . 9.51 24.09 15.11
O1A NAD O . 10.93 24.01 14.66
O2A NAD O . 9.09 23.37 16.36
O5B NAD O . 9.10 25.63 15.31
C5B NAD O . 7.87 25.94 15.95
C4B NAD O . 8.04 27.02 17.00
O4B NAD O . 6.74 27.42 17.44
C3B NAD O . 8.76 26.51 18.22
O3B NAD O . 9.90 27.34 18.46
C2B NAD O . 7.78 26.60 19.36
O2B NAD O . 8.39 27.12 20.54
C1B NAD O . 6.71 27.55 18.86
N9A NAD O . 5.38 27.20 19.39
C8A NAD O . 4.89 25.97 19.56
N7A NAD O . 3.63 26.01 20.07
C5A NAD O . 3.31 27.30 20.24
C6A NAD O . 2.15 28.07 20.72
N6A NAD O . 1.02 27.46 21.16
N1A NAD O . 2.23 29.39 20.72
C2A NAD O . 3.33 30.04 20.30
N3A NAD O . 4.42 29.42 19.84
C4A NAD O . 4.47 28.07 19.79
O3 NAD O . 8.54 23.58 13.94
PN NAD O . 8.50 24.18 12.46
O1N NAD O . 9.12 25.54 12.43
O2N NAD O . 9.00 23.11 11.53
O5D NAD O . 6.93 24.32 12.19
C5D NAD O . 6.37 25.63 12.10
C4D NAD O . 5.22 25.63 11.12
O4D NAD O . 5.56 24.91 9.94
C3D NAD O . 4.03 24.95 11.70
O3D NAD O . 2.87 25.75 11.45
C2D NAD O . 3.92 23.66 10.96
O2D NAD O . 2.58 23.26 10.85
C1D NAD O . 4.52 24.00 9.62
N1N NAD O . 5.04 22.82 8.92
C2N NAD O . 6.24 22.34 9.21
C3N NAD O . 6.73 21.23 8.54
C7N NAD O . 8.08 20.67 8.85
O7N NAD O . 8.91 21.35 9.41
N7N NAD O . 8.35 19.43 8.49
C4N NAD O . 5.96 20.64 7.57
C5N NAD O . 4.72 21.16 7.28
C6N NAD O . 4.28 22.27 7.98
PA NAD P . 25.24 -16.26 -22.55
O1A NAD P . 24.12 -16.17 -23.55
O2A NAD P . 25.07 -15.63 -21.19
O5B NAD P . 26.58 -15.69 -23.22
C5B NAD P . 26.57 -14.60 -24.13
C4B NAD P . 25.71 -13.52 -23.52
O4B NAD P . 26.55 -12.61 -22.82
C3B NAD P . 24.97 -12.72 -24.57
O3B NAD P . 23.57 -12.81 -24.33
C2B NAD P . 25.46 -11.30 -24.43
O2B NAD P . 24.40 -10.36 -24.50
C1B NAD P . 26.12 -11.27 -23.07
N9A NAD P . 27.27 -10.35 -23.04
C8A NAD P . 27.88 -9.82 -24.10
N7A NAD P . 28.89 -9.01 -23.72
C5A NAD P . 28.94 -9.03 -22.37
C6A NAD P . 29.76 -8.40 -21.33
N6A NAD P . 30.77 -7.57 -21.66
N1A NAD P . 29.47 -8.69 -20.05
C2A NAD P . 28.45 -9.50 -19.71
N3A NAD P . 27.66 -10.12 -20.61
C4A NAD P . 27.86 -9.91 -21.93
O3 NAD P . 25.59 -17.82 -22.33
PN NAD P . 26.85 -18.49 -23.06
O1N NAD P . 26.85 -18.12 -24.52
O2N NAD P . 26.87 -19.94 -22.68
O5D NAD P . 28.11 -17.78 -22.37
C5D NAD P . 28.20 -17.64 -20.95
C4D NAD P . 29.56 -18.12 -20.44
O4D NAD P . 29.77 -19.49 -20.79
C3D NAD P . 30.71 -17.36 -21.06
O3D NAD P . 31.63 -17.06 -20.03
C2D NAD P . 31.32 -18.33 -22.05
O2D NAD P . 32.72 -18.12 -22.24
C1D NAD P . 31.06 -19.65 -21.38
N1N NAD P . 31.06 -20.75 -22.34
C2N NAD P . 30.05 -20.86 -23.19
C3N NAD P . 30.03 -21.89 -24.11
C7N NAD P . 28.88 -22.00 -25.04
O7N NAD P . 27.79 -21.61 -24.67
N7N NAD P . 29.04 -22.49 -26.26
C4N NAD P . 31.06 -22.81 -24.15
C5N NAD P . 32.11 -22.66 -23.25
C6N NAD P . 32.08 -21.61 -22.34
#